data_4F58
#
_entry.id   4F58
#
_cell.length_a   73.403
_cell.length_b   126.413
_cell.length_c   120.082
_cell.angle_alpha   90.00
_cell.angle_beta   90.08
_cell.angle_gamma   90.00
#
_symmetry.space_group_name_H-M   'P 1 21 1'
#
loop_
_entity.id
_entity.type
_entity.pdbx_description
1 polymer 'Light chain of Fab of a neutralizing antibody L3'
2 polymer 'Heavy chain of Fab of a neutralizing antibody L3'
3 non-polymer 'SULFATE ION'
4 water water
#
loop_
_entity_poly.entity_id
_entity_poly.type
_entity_poly.pdbx_seq_one_letter_code
_entity_poly.pdbx_strand_id
1 'polypeptide(L)'
;QSALTQPASVSGSPGQSITISCTGTTSDVGTYNFVSWYQQHPGKAPKAIIFDVTNRPSGISNRFSGSKFGNTASLTISGL
QAEDEADYYCAAYTVASTLLFGGGTKVTVLRQPKAAPSVTLFPPSSEELQANKATLVCLISDFYPGAVTVAWKADSSPVK
AGVETTTPSKQSNNKYAASSYLSLTPEQWKSHRSYSCQVTHEGSTVEKTVAPT
;
L,M,N,O
2 'polypeptide(L)'
;EVQLVESGGGVVQPGGSLRLSCVASGFSFSDFGMNWVRQAPGKGLEWVAFVPFDRRINYYAESVRGRFTISRDDSKNTVF
LQMDSLRPEDTAIYYCAKHRSQWNFWPREGGLDHWGQGTLVTVSSASTKGPSVFPLAPSSKSTSGGTAALGCLVKDYFPE
PVTVSWNSGALTSGVHTFPAVLQSSGLYSLSSVVTVPSSSLGTQTYICNVNHKPSNTKVDKKVEPK
;
H,I,J,K
#
# COMPACT_ATOMS: atom_id res chain seq x y z
N GLN A 1 5.84 -16.78 39.51
CA GLN A 1 7.19 -16.77 38.97
C GLN A 1 7.91 -18.05 39.37
N SER A 2 7.35 -18.77 40.33
CA SER A 2 7.91 -20.06 40.68
C SER A 2 7.46 -21.09 39.65
N ALA A 3 8.26 -22.13 39.49
CA ALA A 3 8.02 -23.18 38.50
C ALA A 3 6.59 -23.70 38.59
N LEU A 4 6.07 -24.22 37.48
CA LEU A 4 4.78 -24.91 37.51
C LEU A 4 4.97 -26.12 38.42
N THR A 5 3.91 -26.54 39.11
CA THR A 5 4.03 -27.62 40.09
C THR A 5 3.87 -29.02 39.49
N GLN A 6 4.90 -29.84 39.66
CA GLN A 6 4.90 -31.22 39.17
C GLN A 6 5.21 -32.15 40.32
N PRO A 7 4.69 -33.39 40.28
CA PRO A 7 5.13 -34.37 41.27
C PRO A 7 6.62 -34.61 41.15
N ALA A 8 7.31 -34.70 42.28
CA ALA A 8 8.72 -35.04 42.30
C ALA A 8 9.00 -36.35 41.56
N SER A 9 8.27 -37.39 41.94
CA SER A 9 8.58 -38.75 41.49
C SER A 9 7.30 -39.48 41.11
N VAL A 10 7.37 -40.26 40.04
CA VAL A 10 6.27 -41.08 39.58
C VAL A 10 6.89 -42.37 39.05
N SER A 11 6.27 -43.51 39.30
CA SER A 11 6.86 -44.76 38.84
C SER A 11 5.82 -45.80 38.44
N GLY A 12 6.20 -46.69 37.52
CA GLY A 12 5.32 -47.73 37.04
C GLY A 12 6.07 -48.91 36.48
N SER A 13 5.40 -50.05 36.35
CA SER A 13 5.99 -51.26 35.79
C SER A 13 5.99 -51.20 34.27
N PRO A 14 6.93 -51.89 33.61
CA PRO A 14 6.85 -52.00 32.16
C PRO A 14 5.48 -52.58 31.77
N GLY A 15 4.83 -51.93 30.81
CA GLY A 15 3.51 -52.33 30.37
C GLY A 15 2.44 -51.40 30.91
N GLN A 16 2.70 -50.77 32.06
CA GLN A 16 1.71 -49.94 32.74
C GLN A 16 1.50 -48.55 32.14
N SER A 17 0.57 -47.80 32.75
CA SER A 17 0.35 -46.40 32.43
C SER A 17 0.62 -45.49 33.62
N ILE A 18 1.23 -44.34 33.35
CA ILE A 18 1.37 -43.32 34.36
C ILE A 18 0.96 -41.98 33.77
N THR A 19 0.57 -41.06 34.64
CA THR A 19 0.27 -39.69 34.26
C THR A 19 1.03 -38.74 35.18
N ILE A 20 1.72 -37.77 34.57
CA ILE A 20 2.35 -36.70 35.32
C ILE A 20 1.47 -35.47 35.23
N SER A 21 1.38 -34.72 36.31
CA SER A 21 0.59 -33.49 36.33
C SER A 21 1.47 -32.24 36.29
N CYS A 22 0.90 -31.17 35.76
CA CYS A 22 1.56 -29.87 35.69
C CYS A 22 0.52 -28.81 36.03
N THR A 23 0.70 -28.16 37.17
CA THR A 23 -0.32 -27.26 37.67
C THR A 23 0.16 -25.82 37.72
N GLY A 24 -0.56 -24.96 37.03
CA GLY A 24 -0.25 -23.54 37.00
C GLY A 24 -1.41 -22.73 37.54
N THR A 25 -1.59 -21.53 37.01
CA THR A 25 -2.71 -20.71 37.40
C THR A 25 -3.33 -20.15 36.14
N THR A 26 -4.33 -19.30 36.30
CA THR A 26 -4.97 -18.68 35.16
C THR A 26 -4.00 -17.76 34.41
N SER A 27 -2.85 -17.49 35.03
CA SER A 27 -1.82 -16.65 34.40
C SER A 27 -1.07 -17.36 33.29
N ASP A 28 -1.18 -18.69 33.23
CA ASP A 28 -0.47 -19.46 32.22
C ASP A 28 -1.30 -20.64 31.70
N VAL A 29 -1.19 -21.77 32.38
CA VAL A 29 -1.87 -22.99 31.96
C VAL A 29 -3.39 -22.81 31.83
N GLY A 30 -3.97 -22.04 32.76
CA GLY A 30 -5.42 -21.83 32.77
C GLY A 30 -5.96 -21.02 31.61
N THR A 31 -5.11 -20.20 31.02
CA THR A 31 -5.56 -19.31 29.98
C THR A 31 -5.09 -19.72 28.59
N TYR A 32 -3.92 -20.36 28.51
CA TYR A 32 -3.32 -20.62 27.20
C TYR A 32 -3.13 -22.09 26.88
N ASN A 33 -3.42 -22.48 25.65
CA ASN A 33 -3.24 -23.85 25.23
C ASN A 33 -1.85 -24.12 24.66
N PHE A 34 -0.84 -23.42 25.19
CA PHE A 34 0.52 -23.54 24.69
C PHE A 34 1.41 -24.15 25.75
N VAL A 35 1.11 -25.39 26.05
CA VAL A 35 1.81 -26.14 27.05
C VAL A 35 2.62 -27.17 26.30
N SER A 36 3.90 -27.28 26.61
CA SER A 36 4.70 -28.28 25.93
C SER A 36 5.38 -29.17 26.95
N TRP A 37 5.76 -30.36 26.53
CA TRP A 37 6.44 -31.31 27.41
C TRP A 37 7.76 -31.71 26.79
N TYR A 38 8.73 -32.01 27.64
CA TYR A 38 10.06 -32.35 27.17
C TYR A 38 10.58 -33.54 27.95
N GLN A 39 11.37 -34.37 27.28
CA GLN A 39 11.97 -35.53 27.93
C GLN A 39 13.49 -35.29 28.02
N GLN A 40 14.08 -35.57 29.18
CA GLN A 40 15.52 -35.45 29.32
C GLN A 40 16.15 -36.65 30.03
N HIS A 41 16.95 -37.40 29.28
CA HIS A 41 17.71 -38.50 29.86
C HIS A 41 18.96 -37.93 30.51
N PRO A 42 19.51 -38.62 31.53
CA PRO A 42 20.64 -38.06 32.30
C PRO A 42 21.81 -37.63 31.42
N GLY A 43 22.28 -36.41 31.62
CA GLY A 43 23.39 -35.88 30.84
C GLY A 43 23.11 -35.55 29.39
N LYS A 44 21.83 -35.61 29.00
CA LYS A 44 21.47 -35.36 27.62
C LYS A 44 20.65 -34.08 27.52
N ALA A 45 20.57 -33.52 26.32
CA ALA A 45 19.70 -32.38 26.09
C ALA A 45 18.24 -32.82 26.13
N PRO A 46 17.34 -31.91 26.55
CA PRO A 46 15.91 -32.19 26.51
C PRO A 46 15.44 -32.41 25.09
N LYS A 47 14.41 -33.22 24.94
CA LYS A 47 13.83 -33.52 23.64
C LYS A 47 12.33 -33.30 23.73
N ALA A 48 11.79 -32.59 22.74
CA ALA A 48 10.37 -32.24 22.72
C ALA A 48 9.51 -33.46 22.40
N ILE A 49 8.45 -33.68 23.18
CA ILE A 49 7.54 -34.78 22.93
C ILE A 49 6.10 -34.33 22.68
N ILE A 50 5.69 -33.22 23.29
CA ILE A 50 4.31 -32.75 23.20
C ILE A 50 4.26 -31.24 23.12
N PHE A 51 3.54 -30.71 22.15
CA PHE A 51 3.32 -29.25 22.08
C PHE A 51 1.84 -28.85 21.95
N ASP A 52 1.52 -27.66 22.43
CA ASP A 52 0.15 -27.16 22.42
C ASP A 52 -0.82 -28.15 23.05
N VAL A 53 -0.50 -28.59 24.27
CA VAL A 53 -1.31 -29.53 25.05
C VAL A 53 -1.40 -30.97 24.51
N THR A 54 -1.67 -31.12 23.22
CA THR A 54 -2.02 -32.45 22.73
C THR A 54 -1.17 -32.93 21.58
N ASN A 55 -0.54 -32.02 20.87
CA ASN A 55 0.17 -32.43 19.66
C ASN A 55 1.50 -33.15 19.84
N ARG A 56 1.82 -33.97 18.85
CA ARG A 56 2.98 -34.82 18.92
C ARG A 56 3.81 -34.59 17.66
N PRO A 57 5.09 -34.24 17.84
CA PRO A 57 5.95 -34.17 16.65
C PRO A 57 6.13 -35.55 16.02
N SER A 58 6.45 -35.58 14.74
CA SER A 58 6.84 -36.83 14.07
C SER A 58 7.97 -37.52 14.81
N GLY A 59 7.95 -38.84 14.84
CA GLY A 59 9.02 -39.58 15.48
C GLY A 59 8.72 -39.89 16.93
N ILE A 60 7.75 -39.20 17.50
CA ILE A 60 7.41 -39.44 18.89
C ILE A 60 6.31 -40.49 18.97
N SER A 61 6.63 -41.58 19.66
CA SER A 61 5.69 -42.68 19.89
C SER A 61 4.35 -42.12 20.32
N ASN A 62 3.26 -42.71 19.86
CA ASN A 62 1.97 -42.18 20.29
C ASN A 62 1.44 -42.85 21.55
N ARG A 63 2.31 -43.57 22.25
CA ARG A 63 2.06 -44.00 23.61
C ARG A 63 2.06 -42.74 24.49
N PHE A 64 2.63 -41.67 23.96
CA PHE A 64 2.69 -40.41 24.67
C PHE A 64 1.52 -39.58 24.24
N SER A 65 0.86 -38.92 25.19
CA SER A 65 -0.23 -38.02 24.86
C SER A 65 -0.45 -37.05 26.00
N GLY A 66 -1.11 -35.94 25.70
CA GLY A 66 -1.29 -34.89 26.69
C GLY A 66 -2.69 -34.34 26.71
N SER A 67 -3.08 -33.79 27.86
CA SER A 67 -4.40 -33.21 28.00
C SER A 67 -4.33 -32.02 28.97
N LYS A 68 -5.41 -31.27 29.07
CA LYS A 68 -5.49 -30.16 29.99
C LYS A 68 -6.89 -30.03 30.58
N PHE A 69 -6.96 -29.61 31.83
CA PHE A 69 -8.22 -29.34 32.48
C PHE A 69 -8.02 -28.25 33.52
N GLY A 70 -8.53 -27.06 33.24
CA GLY A 70 -8.38 -25.94 34.15
C GLY A 70 -6.92 -25.57 34.26
N ASN A 71 -6.43 -25.50 35.49
CA ASN A 71 -5.06 -25.10 35.76
C ASN A 71 -4.07 -26.26 35.79
N THR A 72 -4.52 -27.41 35.31
CA THR A 72 -3.67 -28.59 35.33
C THR A 72 -3.52 -29.25 33.97
N ALA A 73 -2.28 -29.38 33.52
CA ALA A 73 -1.97 -30.09 32.28
C ALA A 73 -1.47 -31.47 32.66
N SER A 74 -1.58 -32.43 31.75
CA SER A 74 -1.19 -33.79 32.09
C SER A 74 -0.48 -34.47 30.93
N LEU A 75 0.55 -35.22 31.25
CA LEU A 75 1.22 -36.08 30.27
C LEU A 75 0.89 -37.51 30.65
N THR A 76 0.59 -38.33 29.65
CA THR A 76 0.21 -39.71 29.90
C THR A 76 1.08 -40.63 29.05
N ILE A 77 1.73 -41.59 29.68
CA ILE A 77 2.57 -42.55 28.98
C ILE A 77 1.98 -43.93 29.19
N SER A 78 1.66 -44.62 28.11
CA SER A 78 1.11 -45.97 28.24
C SER A 78 2.05 -46.97 27.61
N GLY A 79 1.88 -48.24 27.97
CA GLY A 79 2.76 -49.28 27.49
C GLY A 79 4.19 -48.95 27.86
N LEU A 80 4.36 -48.55 29.11
CA LEU A 80 5.65 -48.12 29.64
C LEU A 80 6.81 -49.03 29.22
N GLN A 81 7.88 -48.43 28.70
CA GLN A 81 9.06 -49.17 28.29
C GLN A 81 10.26 -48.61 29.04
N ALA A 82 11.29 -49.43 29.23
CA ALA A 82 12.51 -49.04 29.93
C ALA A 82 13.05 -47.69 29.43
N GLU A 83 13.07 -47.51 28.12
CA GLU A 83 13.53 -46.25 27.52
C GLU A 83 12.73 -45.00 27.93
N ASP A 84 11.55 -45.20 28.51
CA ASP A 84 10.75 -44.06 28.95
C ASP A 84 11.31 -43.49 30.25
N GLU A 85 12.20 -44.23 30.91
CA GLU A 85 12.80 -43.70 32.13
C GLU A 85 13.60 -42.45 31.81
N ALA A 86 13.22 -41.36 32.46
CA ALA A 86 13.84 -40.05 32.23
C ALA A 86 13.18 -39.03 33.13
N ASP A 87 13.65 -37.78 33.06
CA ASP A 87 12.95 -36.65 33.68
C ASP A 87 12.01 -36.02 32.65
N TYR A 88 10.85 -35.56 33.11
CA TYR A 88 9.85 -34.95 32.24
C TYR A 88 9.52 -33.54 32.75
N TYR A 89 9.48 -32.60 31.81
CA TYR A 89 9.27 -31.20 32.12
C TYR A 89 8.10 -30.66 31.33
N CYS A 90 7.17 -29.98 31.99
CA CYS A 90 6.18 -29.20 31.25
C CYS A 90 6.63 -27.74 31.19
N ALA A 91 6.03 -26.99 30.27
CA ALA A 91 6.27 -25.55 30.16
C ALA A 91 5.02 -24.87 29.58
N ALA A 92 4.70 -23.69 30.10
CA ALA A 92 3.51 -22.98 29.68
C ALA A 92 3.80 -21.52 29.30
N TYR A 93 3.16 -21.07 28.23
CA TYR A 93 3.21 -19.67 27.85
C TYR A 93 2.39 -18.89 28.85
N THR A 94 2.88 -17.73 29.27
CA THR A 94 2.23 -16.92 30.28
C THR A 94 1.62 -15.65 29.69
N VAL A 95 1.03 -14.82 30.56
CA VAL A 95 0.42 -13.58 30.15
C VAL A 95 1.47 -12.50 30.01
N ALA A 96 2.68 -12.79 30.50
CA ALA A 96 3.78 -11.86 30.38
C ALA A 96 4.57 -12.12 29.10
N SER A 97 4.06 -13.02 28.27
CA SER A 97 4.76 -13.47 27.05
C SER A 97 6.06 -14.20 27.38
N THR A 98 6.09 -14.84 28.52
CA THR A 98 7.25 -15.64 28.89
C THR A 98 6.90 -17.12 28.79
N LEU A 99 7.91 -17.97 28.86
CA LEU A 99 7.69 -19.42 28.90
C LEU A 99 8.05 -19.84 30.31
N LEU A 100 7.16 -20.58 30.98
CA LEU A 100 7.41 -20.98 32.36
C LEU A 100 7.51 -22.48 32.46
N PHE A 101 8.68 -23.00 32.84
CA PHE A 101 8.87 -24.45 32.99
C PHE A 101 8.43 -24.98 34.36
N GLY A 102 7.89 -26.18 34.37
CA GLY A 102 7.58 -26.86 35.62
C GLY A 102 8.85 -27.37 36.29
N GLY A 103 8.70 -27.87 37.52
CA GLY A 103 9.83 -28.30 38.31
C GLY A 103 10.38 -29.65 37.93
N GLY A 104 9.71 -30.32 36.99
CA GLY A 104 10.17 -31.64 36.57
C GLY A 104 9.72 -32.79 37.44
N THR A 105 9.68 -33.98 36.84
CA THR A 105 9.26 -35.19 37.50
C THR A 105 10.22 -36.29 37.08
N LYS A 106 10.73 -37.06 38.04
CA LYS A 106 11.50 -38.24 37.68
C LYS A 106 10.55 -39.42 37.44
N VAL A 107 10.58 -39.96 36.22
CA VAL A 107 9.79 -41.14 35.87
C VAL A 107 10.68 -42.38 35.89
N THR A 108 10.40 -43.27 36.83
CA THR A 108 11.10 -44.54 36.96
C THR A 108 10.29 -45.71 36.37
N VAL A 109 10.91 -46.48 35.48
CA VAL A 109 10.38 -47.73 35.02
C VAL A 109 10.95 -48.81 35.93
N LEU A 110 10.10 -49.42 36.74
CA LEU A 110 10.54 -50.30 37.83
C LEU A 110 11.13 -51.61 37.35
N ARG A 111 12.39 -51.85 37.70
CA ARG A 111 13.10 -53.04 37.27
C ARG A 111 13.75 -53.72 38.42
N GLN A 112 13.54 -53.19 39.63
CA GLN A 112 14.05 -53.78 40.86
C GLN A 112 13.13 -53.41 42.04
N PRO A 113 13.29 -54.08 43.19
CA PRO A 113 12.39 -53.79 44.32
C PRO A 113 12.56 -52.38 44.89
N LYS A 114 11.47 -51.81 45.41
CA LYS A 114 11.54 -50.60 46.21
C LYS A 114 12.46 -50.83 47.39
N ALA A 115 13.34 -49.86 47.64
CA ALA A 115 14.33 -49.96 48.69
C ALA A 115 14.42 -48.63 49.43
N ALA A 116 14.23 -48.69 50.74
CA ALA A 116 14.32 -47.51 51.57
C ALA A 116 15.79 -47.20 51.80
N PRO A 117 16.11 -45.90 51.94
CA PRO A 117 17.52 -45.54 52.09
C PRO A 117 18.08 -45.93 53.46
N SER A 118 19.36 -46.22 53.51
CA SER A 118 20.11 -46.30 54.75
C SER A 118 20.79 -44.97 54.93
N VAL A 119 20.68 -44.42 56.12
CA VAL A 119 21.23 -43.11 56.37
C VAL A 119 22.29 -43.19 57.45
N THR A 120 23.45 -42.60 57.17
CA THR A 120 24.51 -42.48 58.15
C THR A 120 24.80 -40.99 58.30
N LEU A 121 24.73 -40.48 59.53
CA LEU A 121 25.01 -39.06 59.77
C LEU A 121 26.37 -38.84 60.48
N PHE A 122 27.29 -38.17 59.81
CA PHE A 122 28.63 -37.93 60.37
C PHE A 122 28.72 -36.55 61.01
N PRO A 123 29.10 -36.52 62.29
CA PRO A 123 29.44 -35.25 62.96
C PRO A 123 30.72 -34.68 62.35
N PRO A 124 31.04 -33.42 62.61
CA PRO A 124 32.32 -32.90 62.09
C PRO A 124 33.44 -33.71 62.71
N SER A 125 34.50 -34.02 61.98
CA SER A 125 35.64 -34.68 62.59
C SER A 125 36.36 -33.71 63.52
N SER A 126 37.31 -34.20 64.30
CA SER A 126 38.08 -33.31 65.17
C SER A 126 39.05 -32.44 64.38
N GLU A 127 39.63 -33.01 63.34
CA GLU A 127 40.54 -32.27 62.47
C GLU A 127 39.86 -31.06 61.80
N GLU A 128 38.66 -31.25 61.27
CA GLU A 128 37.97 -30.12 60.66
C GLU A 128 37.73 -29.01 61.68
N LEU A 129 37.36 -29.40 62.89
CA LEU A 129 37.15 -28.42 63.96
C LEU A 129 38.41 -27.62 64.25
N GLN A 130 39.56 -28.31 64.26
CA GLN A 130 40.84 -27.63 64.47
C GLN A 130 41.09 -26.59 63.39
N ALA A 131 40.46 -26.79 62.23
CA ALA A 131 40.62 -25.86 61.11
C ALA A 131 39.54 -24.77 61.12
N ASN A 132 38.84 -24.66 62.24
CA ASN A 132 37.81 -23.63 62.43
C ASN A 132 36.57 -23.78 61.51
N LYS A 133 36.24 -25.02 61.14
CA LYS A 133 35.08 -25.29 60.29
C LYS A 133 34.32 -26.54 60.76
N ALA A 134 33.05 -26.64 60.41
CA ALA A 134 32.24 -27.77 60.85
C ALA A 134 31.20 -28.15 59.80
N THR A 135 31.31 -29.38 59.31
CA THR A 135 30.40 -29.88 58.31
C THR A 135 29.77 -31.17 58.73
N LEU A 136 28.44 -31.20 58.80
CA LEU A 136 27.75 -32.47 59.02
C LEU A 136 27.51 -33.10 57.67
N VAL A 137 27.87 -34.37 57.53
CA VAL A 137 27.69 -35.08 56.28
C VAL A 137 26.60 -36.15 56.42
N CYS A 138 25.58 -36.06 55.58
CA CYS A 138 24.52 -37.06 55.60
C CYS A 138 24.62 -37.93 54.36
N LEU A 139 25.04 -39.17 54.56
CA LEU A 139 25.19 -40.14 53.48
C LEU A 139 23.90 -40.95 53.37
N ILE A 140 23.30 -40.93 52.19
CA ILE A 140 22.06 -41.66 51.95
C ILE A 140 22.28 -42.72 50.89
N SER A 141 22.10 -43.99 51.25
CA SER A 141 22.45 -45.06 50.32
C SER A 141 21.46 -46.23 50.19
N ASP A 142 21.60 -46.94 49.07
CA ASP A 142 20.80 -48.13 48.72
C ASP A 142 19.30 -47.90 48.59
N PHE A 143 18.90 -46.84 47.89
CA PHE A 143 17.47 -46.66 47.69
C PHE A 143 17.04 -46.81 46.23
N TYR A 144 15.79 -47.25 46.05
CA TYR A 144 15.16 -47.33 44.74
C TYR A 144 13.66 -47.17 44.94
N PRO A 145 12.99 -46.31 44.14
CA PRO A 145 13.55 -45.53 43.02
C PRO A 145 14.40 -44.37 43.50
N GLY A 146 15.08 -43.69 42.57
CA GLY A 146 16.11 -42.71 42.91
C GLY A 146 15.65 -41.27 43.12
N ALA A 147 14.83 -41.06 44.14
CA ALA A 147 14.35 -39.72 44.44
C ALA A 147 14.15 -39.60 45.93
N VAL A 148 14.79 -38.62 46.55
CA VAL A 148 14.57 -38.38 47.97
C VAL A 148 14.46 -36.88 48.20
N THR A 149 13.98 -36.49 49.38
CA THR A 149 14.14 -35.09 49.81
C THR A 149 14.73 -35.15 51.19
N VAL A 150 15.62 -34.20 51.48
CA VAL A 150 16.32 -34.17 52.75
C VAL A 150 15.97 -32.93 53.54
N ALA A 151 15.75 -33.11 54.85
CA ALA A 151 15.47 -32.01 55.76
C ALA A 151 16.45 -32.04 56.93
N TRP A 152 16.97 -30.87 57.31
CA TRP A 152 17.85 -30.79 58.46
C TRP A 152 17.16 -30.14 59.66
N LYS A 153 17.29 -30.79 60.82
CA LYS A 153 16.82 -30.22 62.10
C LYS A 153 17.99 -29.86 63.02
N ALA A 154 18.00 -28.62 63.52
CA ALA A 154 18.90 -28.24 64.61
C ALA A 154 18.15 -28.35 65.93
N ASP A 155 18.57 -29.30 66.76
CA ASP A 155 17.85 -29.66 67.97
C ASP A 155 16.44 -30.15 67.64
N SER A 156 15.56 -29.22 67.31
CA SER A 156 14.18 -29.55 66.95
C SER A 156 13.60 -28.51 66.00
N SER A 157 14.36 -27.47 65.72
CA SER A 157 13.96 -26.44 64.76
C SER A 157 14.52 -26.75 63.38
N PRO A 158 13.72 -26.50 62.33
CA PRO A 158 14.19 -26.64 60.94
C PRO A 158 15.34 -25.70 60.62
N VAL A 159 16.26 -26.17 59.78
CA VAL A 159 17.37 -25.37 59.30
C VAL A 159 17.57 -25.62 57.81
N LYS A 160 17.73 -24.57 57.02
CA LYS A 160 18.08 -24.76 55.61
C LYS A 160 19.19 -23.86 55.17
N ALA A 161 19.78 -23.15 56.14
CA ALA A 161 20.97 -22.35 55.89
C ALA A 161 22.20 -23.25 55.74
N GLY A 162 22.98 -23.01 54.68
CA GLY A 162 24.20 -23.79 54.43
C GLY A 162 23.97 -25.28 54.20
N VAL A 163 22.88 -25.61 53.53
CA VAL A 163 22.61 -26.98 53.13
C VAL A 163 22.95 -27.17 51.65
N GLU A 164 23.55 -28.30 51.31
CA GLU A 164 23.87 -28.61 49.91
C GLU A 164 23.68 -30.11 49.67
N THR A 165 22.70 -30.46 48.85
CA THR A 165 22.36 -31.85 48.59
C THR A 165 22.68 -32.20 47.14
N THR A 166 23.28 -33.35 46.91
CA THR A 166 23.47 -33.82 45.55
C THR A 166 22.18 -34.54 45.11
N THR A 167 22.03 -34.77 43.82
CA THR A 167 20.89 -35.54 43.34
C THR A 167 21.32 -36.98 43.13
N PRO A 168 20.41 -37.91 43.46
CA PRO A 168 20.70 -39.35 43.48
C PRO A 168 21.36 -39.79 42.20
N SER A 169 22.43 -40.57 42.32
CA SER A 169 22.98 -41.22 41.14
C SER A 169 23.22 -42.67 41.49
N LYS A 170 23.39 -43.51 40.48
CA LYS A 170 23.52 -44.94 40.67
C LYS A 170 24.81 -45.32 41.37
N GLN A 171 24.70 -46.35 42.22
CA GLN A 171 25.84 -46.99 42.85
C GLN A 171 26.27 -48.22 42.04
N SER A 172 27.39 -48.77 42.45
CA SER A 172 27.94 -49.94 41.81
C SER A 172 26.96 -51.13 41.82
N ASN A 173 26.18 -51.24 42.89
CA ASN A 173 25.25 -52.37 43.05
C ASN A 173 23.91 -52.12 42.35
N ASN A 174 23.81 -50.99 41.67
CA ASN A 174 22.68 -50.65 40.82
C ASN A 174 21.52 -49.96 41.53
N LYS A 175 21.65 -49.75 42.84
CA LYS A 175 20.71 -48.89 43.57
C LYS A 175 21.22 -47.43 43.61
N TYR A 176 20.54 -46.57 44.35
CA TYR A 176 20.89 -45.14 44.36
C TYR A 176 21.53 -44.65 45.64
N ALA A 177 22.37 -43.63 45.49
CA ALA A 177 22.99 -42.95 46.62
C ALA A 177 22.82 -41.45 46.47
N ALA A 178 22.84 -40.74 47.59
CA ALA A 178 22.80 -39.29 47.58
C ALA A 178 23.53 -38.78 48.82
N SER A 179 23.87 -37.49 48.83
CA SER A 179 24.55 -36.92 49.99
C SER A 179 24.04 -35.51 50.25
N SER A 180 24.06 -35.12 51.52
CA SER A 180 23.70 -33.77 51.91
C SER A 180 24.68 -33.22 52.94
N TYR A 181 24.99 -31.92 52.83
CA TYR A 181 25.96 -31.27 53.71
C TYR A 181 25.36 -30.14 54.49
N LEU A 182 25.59 -30.12 55.79
CA LEU A 182 25.25 -28.97 56.60
C LEU A 182 26.53 -28.32 57.07
N SER A 183 26.83 -27.14 56.53
CA SER A 183 27.97 -26.37 56.97
C SER A 183 27.55 -25.44 58.10
N LEU A 184 28.36 -25.37 59.15
CA LEU A 184 28.17 -24.40 60.21
C LEU A 184 29.45 -24.18 61.02
N THR A 185 29.40 -23.20 61.92
CA THR A 185 30.56 -22.83 62.73
C THR A 185 30.70 -23.77 63.91
N PRO A 186 31.93 -23.96 64.39
CA PRO A 186 32.19 -24.75 65.59
C PRO A 186 31.38 -24.27 66.80
N GLU A 187 31.07 -22.98 66.85
CA GLU A 187 30.21 -22.44 67.90
C GLU A 187 28.79 -23.00 67.78
N GLN A 188 28.25 -22.97 66.57
CA GLN A 188 26.92 -23.51 66.31
C GLN A 188 26.87 -24.98 66.68
N TRP A 189 27.88 -25.74 66.23
CA TRP A 189 27.92 -27.18 66.46
C TRP A 189 27.95 -27.53 67.94
N LYS A 190 28.70 -26.77 68.73
CA LYS A 190 28.87 -27.05 70.14
C LYS A 190 27.70 -26.53 71.00
N SER A 191 26.96 -25.57 70.47
CA SER A 191 25.89 -24.93 71.23
C SER A 191 24.61 -25.79 71.33
N HIS A 192 24.12 -26.30 70.21
CA HIS A 192 22.89 -27.09 70.19
C HIS A 192 23.03 -28.48 70.81
N ARG A 193 21.94 -28.99 71.36
CA ARG A 193 21.94 -30.34 71.94
C ARG A 193 22.20 -31.40 70.88
N SER A 194 21.60 -31.19 69.71
CA SER A 194 21.72 -32.16 68.62
C SER A 194 21.39 -31.55 67.26
N TYR A 195 21.78 -32.27 66.21
CA TYR A 195 21.34 -31.97 64.85
C TYR A 195 20.81 -33.25 64.23
N SER A 196 19.86 -33.10 63.30
CA SER A 196 19.23 -34.27 62.70
C SER A 196 19.08 -34.18 61.18
N CYS A 197 19.40 -35.28 60.51
CA CYS A 197 19.21 -35.42 59.08
C CYS A 197 17.93 -36.20 58.84
N GLN A 198 16.97 -35.61 58.12
CA GLN A 198 15.70 -36.28 57.82
C GLN A 198 15.57 -36.57 56.33
N VAL A 199 15.46 -37.86 56.00
CA VAL A 199 15.36 -38.30 54.60
C VAL A 199 14.00 -38.88 54.30
N THR A 200 13.30 -38.29 53.32
CA THR A 200 11.99 -38.78 52.92
C THR A 200 12.04 -39.51 51.57
N HIS A 201 11.56 -40.76 51.55
CA HIS A 201 11.59 -41.61 50.37
C HIS A 201 10.26 -42.33 50.20
N GLU A 202 9.60 -42.13 49.06
CA GLU A 202 8.28 -42.73 48.78
C GLU A 202 7.33 -42.62 49.97
N GLY A 203 7.18 -41.41 50.50
CA GLY A 203 6.25 -41.16 51.60
C GLY A 203 6.74 -41.60 52.97
N SER A 204 7.91 -42.24 53.01
CA SER A 204 8.50 -42.71 54.27
C SER A 204 9.69 -41.85 54.71
N THR A 205 9.86 -41.73 56.02
CA THR A 205 10.88 -40.86 56.56
C THR A 205 11.78 -41.56 57.56
N VAL A 206 13.08 -41.52 57.32
CA VAL A 206 14.04 -42.07 58.26
C VAL A 206 14.95 -40.95 58.75
N GLU A 207 15.28 -40.99 60.03
CA GLU A 207 15.96 -39.87 60.68
C GLU A 207 17.20 -40.31 61.45
N LYS A 208 18.29 -39.55 61.32
CA LYS A 208 19.47 -39.78 62.13
C LYS A 208 19.84 -38.52 62.92
N THR A 209 20.35 -38.72 64.13
CA THR A 209 20.75 -37.60 64.98
C THR A 209 22.17 -37.74 65.55
N VAL A 210 22.88 -36.62 65.63
CA VAL A 210 24.21 -36.60 66.23
C VAL A 210 24.31 -35.56 67.33
N ALA A 211 25.10 -35.85 68.34
CA ALA A 211 25.30 -34.90 69.43
C ALA A 211 26.78 -34.73 69.74
N PRO A 212 27.21 -33.49 70.01
CA PRO A 212 28.57 -33.24 70.48
C PRO A 212 28.80 -33.90 71.83
N THR A 213 29.43 -35.07 71.83
CA THR A 213 29.70 -35.77 73.09
C THR A 213 31.18 -36.12 73.23
N GLU B 1 19.38 -32.48 9.07
CA GLU B 1 19.04 -32.53 10.49
C GLU B 1 19.29 -31.18 11.12
N VAL B 2 18.48 -30.83 12.12
CA VAL B 2 18.73 -29.60 12.83
C VAL B 2 19.98 -29.72 13.72
N GLN B 3 20.85 -28.72 13.65
CA GLN B 3 22.01 -28.65 14.55
C GLN B 3 22.03 -27.33 15.33
N LEU B 4 22.22 -27.44 16.64
CA LEU B 4 22.43 -26.27 17.48
C LEU B 4 23.70 -26.46 18.29
N VAL B 5 24.68 -25.58 18.11
CA VAL B 5 25.96 -25.72 18.81
C VAL B 5 26.32 -24.52 19.68
N GLU B 6 26.22 -24.70 20.99
CA GLU B 6 26.48 -23.61 21.92
C GLU B 6 27.97 -23.59 22.22
N SER B 7 28.49 -22.42 22.62
CA SER B 7 29.85 -22.32 23.12
C SER B 7 30.05 -21.00 23.84
N GLY B 8 31.21 -20.86 24.49
CA GLY B 8 31.53 -19.65 25.21
C GLY B 8 31.42 -19.77 26.72
N GLY B 9 30.84 -20.86 27.21
CA GLY B 9 30.71 -21.05 28.64
C GLY B 9 32.06 -21.28 29.30
N GLY B 10 32.20 -20.82 30.54
CA GLY B 10 33.40 -21.03 31.32
C GLY B 10 33.29 -20.37 32.67
N VAL B 11 34.43 -20.23 33.38
CA VAL B 11 34.47 -19.63 34.70
C VAL B 11 34.50 -18.10 34.63
N VAL B 12 33.69 -17.44 35.45
CA VAL B 12 33.66 -15.99 35.50
C VAL B 12 33.28 -15.54 36.91
N GLN B 13 33.93 -14.47 37.38
CA GLN B 13 33.65 -13.92 38.70
C GLN B 13 32.28 -13.25 38.78
N PRO B 14 31.64 -13.33 39.96
CA PRO B 14 30.43 -12.56 40.27
C PRO B 14 30.62 -11.08 39.96
N GLY B 15 29.60 -10.45 39.40
CA GLY B 15 29.69 -9.09 38.90
C GLY B 15 30.29 -8.98 37.51
N GLY B 16 30.87 -10.07 37.00
CA GLY B 16 31.50 -10.07 35.69
C GLY B 16 30.57 -10.32 34.51
N SER B 17 31.17 -10.43 33.33
CA SER B 17 30.38 -10.61 32.13
C SER B 17 30.91 -11.72 31.26
N LEU B 18 30.02 -12.33 30.49
CA LEU B 18 30.41 -13.43 29.63
C LEU B 18 29.36 -13.57 28.55
N ARG B 19 29.80 -13.90 27.34
CA ARG B 19 28.90 -13.93 26.20
C ARG B 19 28.88 -15.29 25.49
N LEU B 20 27.72 -15.95 25.54
CA LEU B 20 27.55 -17.26 24.93
C LEU B 20 27.14 -17.16 23.46
N SER B 21 27.56 -18.12 22.66
CA SER B 21 27.12 -18.19 21.26
C SER B 21 26.35 -19.47 20.99
N CYS B 22 25.44 -19.40 20.02
CA CYS B 22 24.81 -20.59 19.49
C CYS B 22 24.78 -20.53 17.97
N VAL B 23 25.52 -21.42 17.31
CA VAL B 23 25.51 -21.45 15.86
C VAL B 23 24.60 -22.57 15.36
N ALA B 24 23.76 -22.22 14.39
CA ALA B 24 22.65 -23.10 13.98
C ALA B 24 22.67 -23.42 12.48
N SER B 25 22.22 -24.62 12.15
CA SER B 25 22.05 -25.00 10.76
C SER B 25 20.98 -26.08 10.66
N GLY B 26 20.52 -26.35 9.44
CA GLY B 26 19.53 -27.37 9.20
C GLY B 26 18.11 -26.84 9.13
N PHE B 27 17.97 -25.53 9.10
CA PHE B 27 16.64 -24.90 8.97
C PHE B 27 16.86 -23.46 8.58
N SER B 28 15.82 -22.78 8.09
CA SER B 28 15.96 -21.38 7.69
C SER B 28 15.96 -20.46 8.88
N PHE B 29 17.16 -20.18 9.37
CA PHE B 29 17.40 -19.53 10.65
C PHE B 29 16.64 -18.22 10.86
N SER B 30 16.46 -17.48 9.77
CA SER B 30 15.90 -16.14 9.88
C SER B 30 14.36 -16.15 10.02
N ASP B 31 13.75 -17.31 9.86
CA ASP B 31 12.29 -17.40 9.94
C ASP B 31 11.80 -17.85 11.31
N PHE B 32 12.70 -18.15 12.23
CA PHE B 32 12.26 -18.69 13.52
C PHE B 32 12.81 -17.87 14.69
N GLY B 33 12.06 -17.83 15.77
CA GLY B 33 12.55 -17.27 17.01
C GLY B 33 13.49 -18.28 17.65
N MET B 34 14.33 -17.81 18.58
CA MET B 34 15.25 -18.67 19.33
C MET B 34 15.13 -18.44 20.82
N ASN B 35 15.52 -19.43 21.60
CA ASN B 35 15.43 -19.32 23.04
C ASN B 35 16.75 -19.70 23.69
N TRP B 36 16.98 -19.18 24.90
CA TRP B 36 17.98 -19.74 25.79
C TRP B 36 17.29 -20.29 27.03
N VAL B 37 17.64 -21.51 27.40
CA VAL B 37 17.13 -22.15 28.60
C VAL B 37 18.33 -22.63 29.41
N ARG B 38 18.24 -22.55 30.74
CA ARG B 38 19.35 -22.95 31.56
C ARG B 38 18.98 -24.00 32.61
N GLN B 39 20.00 -24.69 33.11
CA GLN B 39 19.81 -25.77 34.06
C GLN B 39 21.04 -25.85 34.98
N ALA B 40 20.87 -25.47 36.24
CA ALA B 40 21.93 -25.72 37.22
C ALA B 40 22.03 -27.24 37.38
N PRO B 41 23.27 -27.76 37.45
CA PRO B 41 23.53 -29.22 37.43
C PRO B 41 22.69 -30.02 38.43
N GLY B 42 22.02 -31.04 37.92
CA GLY B 42 21.10 -31.85 38.72
C GLY B 42 19.93 -31.04 39.27
N LYS B 43 19.49 -30.02 38.54
CA LYS B 43 18.30 -29.27 38.95
C LYS B 43 17.40 -29.13 37.74
N GLY B 44 16.32 -28.38 37.88
CA GLY B 44 15.32 -28.25 36.82
C GLY B 44 15.62 -27.26 35.70
N LEU B 45 14.85 -27.34 34.62
CA LEU B 45 15.00 -26.43 33.50
C LEU B 45 14.42 -25.06 33.85
N GLU B 46 15.07 -23.99 33.38
CA GLU B 46 14.55 -22.64 33.58
C GLU B 46 14.71 -21.81 32.32
N TRP B 47 13.58 -21.38 31.79
CA TRP B 47 13.59 -20.59 30.56
C TRP B 47 14.24 -19.24 30.82
N VAL B 48 15.15 -18.83 29.92
CA VAL B 48 15.92 -17.60 30.12
C VAL B 48 15.43 -16.45 29.25
N ALA B 49 15.39 -16.65 27.93
CA ALA B 49 15.03 -15.56 27.00
C ALA B 49 14.64 -16.04 25.62
N PHE B 50 13.94 -15.19 24.89
CA PHE B 50 13.53 -15.44 23.52
C PHE B 50 13.81 -14.22 22.62
N VAL B 51 14.31 -14.46 21.41
CA VAL B 51 14.45 -13.42 20.39
C VAL B 51 13.64 -13.82 19.16
N PRO B 52 12.75 -12.93 18.70
CA PRO B 52 11.86 -13.28 17.59
C PRO B 52 12.59 -13.35 16.26
N PHE B 53 11.90 -13.86 15.24
CA PHE B 53 12.52 -14.12 13.94
C PHE B 53 12.95 -12.85 13.21
N ASP B 54 12.30 -11.75 13.56
CA ASP B 54 12.53 -10.49 12.90
C ASP B 54 12.38 -9.46 13.99
N ARG B 55 13.16 -8.39 13.91
CA ARG B 55 13.25 -7.45 15.01
C ARG B 55 11.89 -7.00 15.53
N ARG B 56 11.72 -7.09 16.84
CA ARG B 56 10.54 -6.56 17.48
C ARG B 56 10.87 -6.39 18.95
N ILE B 57 10.48 -7.37 19.75
CA ILE B 57 10.67 -7.30 21.20
C ILE B 57 11.20 -8.62 21.71
N ASN B 58 12.27 -8.57 22.50
CA ASN B 58 12.83 -9.75 23.14
C ASN B 58 12.17 -9.98 24.50
N TYR B 59 11.89 -11.23 24.85
CA TYR B 59 11.30 -11.52 26.16
C TYR B 59 12.24 -12.27 27.10
N TYR B 60 12.21 -11.87 28.37
CA TYR B 60 13.16 -12.38 29.37
C TYR B 60 12.46 -12.89 30.63
N ALA B 61 13.05 -13.93 31.24
CA ALA B 61 12.58 -14.37 32.54
C ALA B 61 12.88 -13.30 33.57
N GLU B 62 12.02 -13.17 34.57
CA GLU B 62 12.18 -12.14 35.58
C GLU B 62 13.53 -12.19 36.30
N SER B 63 14.11 -13.38 36.37
CA SER B 63 15.36 -13.58 37.10
C SER B 63 16.62 -13.12 36.37
N VAL B 64 16.48 -12.71 35.10
CA VAL B 64 17.64 -12.30 34.30
C VAL B 64 17.41 -10.92 33.66
N ARG B 65 16.19 -10.41 33.79
CA ARG B 65 15.80 -9.14 33.20
C ARG B 65 16.69 -8.01 33.68
N GLY B 66 17.34 -7.32 32.74
CA GLY B 66 18.19 -6.19 33.08
C GLY B 66 19.66 -6.53 33.18
N ARG B 67 19.95 -7.83 33.25
CA ARG B 67 21.32 -8.28 33.38
C ARG B 67 21.72 -9.02 32.12
N PHE B 68 20.76 -9.72 31.52
CA PHE B 68 21.00 -10.54 30.34
C PHE B 68 20.45 -9.88 29.09
N THR B 69 21.08 -10.18 27.96
CA THR B 69 20.66 -9.62 26.69
C THR B 69 20.81 -10.63 25.57
N ILE B 70 19.68 -10.99 24.96
CA ILE B 70 19.67 -11.91 23.82
C ILE B 70 19.72 -11.12 22.52
N SER B 71 20.30 -11.72 21.50
CA SER B 71 20.34 -11.10 20.18
C SER B 71 20.79 -12.15 19.18
N ARG B 72 20.82 -11.75 17.92
CA ARG B 72 21.16 -12.68 16.85
C ARG B 72 21.81 -11.98 15.67
N ASP B 73 22.59 -12.75 14.93
CA ASP B 73 23.21 -12.28 13.69
C ASP B 73 22.87 -13.29 12.62
N ASP B 74 21.90 -12.94 11.78
CA ASP B 74 21.39 -13.87 10.78
C ASP B 74 22.44 -14.24 9.75
N SER B 75 23.41 -13.35 9.56
CA SER B 75 24.44 -13.56 8.54
C SER B 75 25.37 -14.71 8.89
N LYS B 76 25.34 -15.15 10.14
CA LYS B 76 26.19 -16.23 10.59
C LYS B 76 25.39 -17.33 11.31
N ASN B 77 24.07 -17.28 11.17
CA ASN B 77 23.17 -18.20 11.88
C ASN B 77 23.56 -18.34 13.36
N THR B 78 23.66 -17.21 14.04
CA THR B 78 24.10 -17.24 15.43
C THR B 78 23.14 -16.47 16.32
N VAL B 79 22.83 -17.04 17.48
CA VAL B 79 22.11 -16.37 18.55
C VAL B 79 23.13 -16.06 19.65
N PHE B 80 22.99 -14.94 20.34
CA PHE B 80 23.92 -14.62 21.42
C PHE B 80 23.21 -14.45 22.74
N LEU B 81 23.93 -14.72 23.81
CA LEU B 81 23.43 -14.37 25.12
C LEU B 81 24.54 -13.60 25.82
N GLN B 82 24.31 -12.31 25.98
CA GLN B 82 25.26 -11.46 26.68
C GLN B 82 24.83 -11.43 28.13
N MET B 83 25.68 -11.95 29.01
CA MET B 83 25.39 -12.01 30.43
C MET B 83 26.27 -11.02 31.19
N ASP B 84 25.64 -10.01 31.80
CA ASP B 84 26.35 -9.09 32.68
C ASP B 84 25.84 -9.22 34.11
N SER B 85 26.60 -8.69 35.07
CA SER B 85 26.22 -8.70 36.47
C SER B 85 25.93 -10.12 36.92
N LEU B 86 26.80 -11.03 36.54
CA LEU B 86 26.65 -12.43 36.88
C LEU B 86 26.63 -12.64 38.39
N ARG B 87 25.72 -13.52 38.82
CA ARG B 87 25.55 -13.86 40.22
C ARG B 87 25.89 -15.35 40.33
N PRO B 88 26.22 -15.83 41.55
CA PRO B 88 26.56 -17.26 41.70
C PRO B 88 25.42 -18.20 41.29
N GLU B 89 24.19 -17.77 41.57
CA GLU B 89 23.02 -18.56 41.20
C GLU B 89 22.75 -18.57 39.67
N ASP B 90 23.63 -17.96 38.89
CA ASP B 90 23.55 -18.06 37.44
C ASP B 90 24.33 -19.28 36.92
N THR B 91 25.08 -19.94 37.80
CA THR B 91 25.78 -21.16 37.42
C THR B 91 24.78 -22.16 36.85
N ALA B 92 25.02 -22.61 35.64
CA ALA B 92 24.10 -23.50 34.95
C ALA B 92 24.64 -23.94 33.60
N ILE B 93 24.02 -24.95 33.02
CA ILE B 93 24.26 -25.28 31.64
C ILE B 93 23.27 -24.48 30.83
N TYR B 94 23.76 -23.76 29.83
CA TYR B 94 22.90 -22.95 28.98
C TYR B 94 22.69 -23.65 27.64
N TYR B 95 21.42 -23.97 27.37
CA TYR B 95 21.02 -24.57 26.11
C TYR B 95 20.39 -23.54 25.21
N CYS B 96 20.69 -23.66 23.92
CA CYS B 96 20.07 -22.86 22.89
C CYS B 96 18.95 -23.73 22.30
N ALA B 97 17.80 -23.13 22.01
CA ALA B 97 16.65 -23.90 21.55
C ALA B 97 15.85 -23.19 20.49
N LYS B 98 15.67 -23.87 19.35
CA LYS B 98 14.91 -23.31 18.23
C LYS B 98 13.44 -23.28 18.58
N HIS B 99 12.74 -22.22 18.22
CA HIS B 99 11.28 -22.24 18.35
C HIS B 99 10.60 -22.98 17.20
N ARG B 100 9.61 -23.80 17.52
CA ARG B 100 8.92 -24.62 16.51
C ARG B 100 8.18 -23.80 15.45
N SER B 101 7.36 -22.84 15.87
CA SER B 101 6.49 -22.13 14.92
C SER B 101 7.23 -21.07 14.13
N GLN B 102 6.99 -21.08 12.81
CA GLN B 102 7.58 -20.15 11.89
C GLN B 102 6.97 -18.77 12.06
N TRP B 103 7.78 -17.74 11.80
CA TRP B 103 7.34 -16.35 11.79
C TRP B 103 6.60 -15.88 13.04
N ASN B 104 6.91 -16.46 14.19
CA ASN B 104 6.29 -16.04 15.45
C ASN B 104 7.08 -14.98 16.23
N PHE B 105 6.34 -14.02 16.82
CA PHE B 105 6.90 -12.89 17.57
C PHE B 105 6.87 -13.11 19.08
N TRP B 106 6.32 -14.24 19.51
CA TRP B 106 6.32 -14.58 20.92
C TRP B 106 6.69 -16.06 21.06
N PRO B 107 7.29 -16.42 22.18
CA PRO B 107 7.65 -17.83 22.40
C PRO B 107 6.40 -18.65 22.71
N ARG B 108 5.50 -18.73 21.75
CA ARG B 108 4.15 -19.21 21.99
C ARG B 108 3.83 -20.58 21.37
N GLU B 109 3.09 -20.59 20.26
CA GLU B 109 2.73 -21.84 19.57
C GLU B 109 3.93 -22.78 19.37
N GLY B 110 3.76 -24.06 19.68
CA GLY B 110 4.74 -25.07 19.28
C GLY B 110 5.83 -25.48 20.24
N GLY B 111 6.08 -24.68 21.29
CA GLY B 111 7.18 -24.98 22.20
C GLY B 111 8.56 -24.85 21.58
N LEU B 112 9.51 -25.62 22.10
CA LEU B 112 10.89 -25.57 21.61
C LEU B 112 11.22 -26.90 20.97
N ASP B 113 11.32 -26.93 19.63
CA ASP B 113 11.44 -28.19 18.89
C ASP B 113 12.82 -28.86 18.83
N HIS B 114 13.89 -28.11 19.01
CA HIS B 114 15.23 -28.69 19.01
C HIS B 114 16.14 -27.94 19.98
N TRP B 115 17.04 -28.65 20.65
CA TRP B 115 17.94 -28.05 21.64
C TRP B 115 19.37 -28.52 21.41
N GLY B 116 20.34 -27.65 21.67
CA GLY B 116 21.74 -28.03 21.61
C GLY B 116 22.16 -28.84 22.82
N GLN B 117 23.42 -29.25 22.86
CA GLN B 117 23.94 -30.05 23.97
C GLN B 117 24.29 -29.17 25.16
N GLY B 118 24.48 -27.88 24.91
CA GLY B 118 24.60 -26.91 25.99
C GLY B 118 26.02 -26.51 26.35
N THR B 119 26.17 -25.38 27.03
CA THR B 119 27.48 -24.93 27.46
C THR B 119 27.46 -24.54 28.94
N LEU B 120 28.49 -24.94 29.67
CA LEU B 120 28.51 -24.77 31.12
C LEU B 120 29.12 -23.45 31.56
N VAL B 121 28.39 -22.71 32.40
CA VAL B 121 28.89 -21.44 32.92
C VAL B 121 29.01 -21.53 34.44
N THR B 122 30.22 -21.35 34.95
CA THR B 122 30.43 -21.45 36.39
C THR B 122 30.70 -20.06 36.95
N VAL B 123 29.82 -19.61 37.84
CA VAL B 123 30.01 -18.30 38.45
C VAL B 123 30.66 -18.38 39.83
N SER B 124 31.98 -18.29 39.84
CA SER B 124 32.73 -18.28 41.10
C SER B 124 33.82 -17.20 41.09
N SER B 125 34.15 -16.69 42.27
CA SER B 125 35.22 -15.72 42.41
C SER B 125 36.50 -16.36 42.93
N ALA B 126 36.87 -17.51 42.39
CA ALA B 126 37.94 -18.30 43.00
C ALA B 126 38.97 -18.76 41.99
N SER B 127 40.15 -19.13 42.47
CA SER B 127 41.24 -19.63 41.62
C SER B 127 41.65 -21.03 42.04
N THR B 128 42.57 -21.62 41.29
CA THR B 128 43.13 -22.93 41.64
C THR B 128 43.40 -23.01 43.16
N LYS B 129 42.77 -23.96 43.83
CA LYS B 129 42.81 -24.07 45.28
C LYS B 129 42.64 -25.52 45.69
N GLY B 130 43.60 -26.07 46.41
CA GLY B 130 43.65 -27.51 46.71
C GLY B 130 42.71 -27.95 47.80
N PRO B 131 42.19 -29.17 47.71
CA PRO B 131 41.21 -29.63 48.71
C PRO B 131 41.87 -29.85 50.05
N SER B 132 41.12 -29.65 51.13
CA SER B 132 41.54 -30.14 52.43
C SER B 132 40.73 -31.44 52.66
N VAL B 133 41.41 -32.48 53.09
CA VAL B 133 40.79 -33.80 53.23
C VAL B 133 40.62 -34.18 54.69
N PHE B 134 39.38 -34.46 55.09
CA PHE B 134 39.08 -34.81 56.46
C PHE B 134 38.43 -36.20 56.54
N PRO B 135 38.70 -36.92 57.62
CA PRO B 135 38.15 -38.27 57.69
C PRO B 135 36.69 -38.27 58.16
N LEU B 136 35.91 -39.20 57.60
CA LEU B 136 34.58 -39.47 58.10
C LEU B 136 34.66 -40.85 58.75
N ALA B 137 34.87 -40.87 60.06
CA ALA B 137 35.13 -42.11 60.79
C ALA B 137 33.88 -42.95 60.99
N PRO B 138 34.03 -44.27 60.81
CA PRO B 138 32.92 -45.23 60.93
C PRO B 138 32.39 -45.33 62.36
N GLY B 146 26.17 -56.77 59.47
CA GLY B 146 27.15 -56.04 60.26
C GLY B 146 28.03 -55.20 59.35
N THR B 147 27.48 -54.09 58.88
CA THR B 147 28.16 -53.28 57.88
C THR B 147 28.48 -51.91 58.44
N ALA B 148 29.53 -51.26 57.91
CA ALA B 148 29.87 -49.92 58.37
C ALA B 148 30.19 -48.98 57.21
N ALA B 149 29.79 -47.73 57.37
CA ALA B 149 30.07 -46.68 56.40
C ALA B 149 31.19 -45.78 56.93
N LEU B 150 32.24 -45.62 56.12
CA LEU B 150 33.33 -44.69 56.43
C LEU B 150 33.72 -43.93 55.17
N GLY B 151 34.42 -42.81 55.32
CA GLY B 151 34.78 -42.03 54.15
C GLY B 151 35.76 -40.89 54.31
N CYS B 152 35.82 -40.08 53.26
CA CYS B 152 36.63 -38.88 53.18
C CYS B 152 35.80 -37.68 52.68
N LEU B 153 35.95 -36.55 53.36
CA LEU B 153 35.32 -35.32 52.95
C LEU B 153 36.41 -34.49 52.27
N VAL B 154 36.16 -34.10 51.04
CA VAL B 154 37.14 -33.40 50.21
C VAL B 154 36.66 -31.97 50.03
N LYS B 155 37.21 -31.07 50.80
CA LYS B 155 36.60 -29.76 51.04
C LYS B 155 37.29 -28.59 50.36
N ASP B 156 36.49 -27.68 49.84
CA ASP B 156 36.93 -26.34 49.45
C ASP B 156 38.05 -26.29 48.40
N TYR B 157 37.86 -27.00 47.29
CA TYR B 157 38.78 -26.95 46.16
C TYR B 157 38.12 -26.25 44.98
N PHE B 158 38.94 -25.89 43.99
CA PHE B 158 38.48 -25.25 42.76
C PHE B 158 39.62 -25.30 41.78
N PRO B 159 39.32 -25.57 40.50
CA PRO B 159 38.02 -25.93 39.97
C PRO B 159 37.90 -27.46 39.95
N GLU B 160 36.86 -28.00 39.32
CA GLU B 160 36.75 -29.45 39.18
C GLU B 160 37.82 -29.98 38.24
N PRO B 161 38.14 -31.28 38.32
CA PRO B 161 37.57 -32.29 39.23
C PRO B 161 38.59 -32.83 40.20
N VAL B 162 38.15 -33.45 41.30
CA VAL B 162 39.05 -34.37 42.00
C VAL B 162 38.68 -35.80 41.65
N THR B 163 39.63 -36.70 41.85
CA THR B 163 39.34 -38.12 41.74
C THR B 163 39.76 -38.79 43.03
N VAL B 164 39.00 -39.82 43.42
CA VAL B 164 39.23 -40.52 44.67
C VAL B 164 39.32 -42.04 44.48
N SER B 165 40.44 -42.62 44.90
CA SER B 165 40.57 -44.08 44.99
C SER B 165 40.69 -44.53 46.46
N TRP B 166 40.52 -45.82 46.70
CA TRP B 166 40.75 -46.33 48.05
C TRP B 166 41.86 -47.38 48.02
N ASN B 167 42.76 -47.28 48.99
CA ASN B 167 43.89 -48.19 49.09
C ASN B 167 44.61 -48.35 47.76
N SER B 168 44.93 -47.23 47.12
CA SER B 168 45.65 -47.20 45.83
C SER B 168 45.00 -48.03 44.74
N GLY B 169 43.70 -48.31 44.86
CA GLY B 169 42.96 -49.03 43.85
C GLY B 169 42.54 -50.45 44.21
N ALA B 170 43.12 -51.01 45.26
CA ALA B 170 42.81 -52.38 45.67
C ALA B 170 41.37 -52.51 46.18
N LEU B 171 40.84 -51.42 46.75
CA LEU B 171 39.50 -51.41 47.28
C LEU B 171 38.55 -50.80 46.26
N THR B 172 37.57 -51.55 45.82
CA THR B 172 36.65 -51.06 44.81
C THR B 172 35.20 -51.39 45.19
N SER B 173 35.00 -52.54 45.83
CA SER B 173 33.67 -52.95 46.26
C SER B 173 33.07 -51.96 47.25
N GLY B 174 31.79 -51.67 47.06
CA GLY B 174 31.06 -50.83 47.99
C GLY B 174 31.57 -49.41 48.09
N VAL B 175 32.32 -48.98 47.08
CA VAL B 175 32.83 -47.63 47.03
C VAL B 175 31.85 -46.74 46.28
N HIS B 176 31.69 -45.50 46.72
CA HIS B 176 30.91 -44.54 45.97
C HIS B 176 31.44 -43.13 46.12
N THR B 177 31.93 -42.54 45.03
CA THR B 177 32.35 -41.15 45.07
C THR B 177 31.22 -40.24 44.58
N PHE B 178 30.69 -39.42 45.47
CA PHE B 178 29.59 -38.55 45.10
C PHE B 178 29.96 -37.48 44.09
N PRO B 179 28.95 -36.84 43.49
CA PRO B 179 29.28 -35.67 42.69
C PRO B 179 29.58 -34.46 43.57
N ALA B 180 30.48 -33.59 43.11
CA ALA B 180 30.79 -32.36 43.82
C ALA B 180 29.58 -31.43 43.94
N VAL B 181 29.55 -30.69 45.04
CA VAL B 181 28.64 -29.58 45.21
C VAL B 181 29.41 -28.26 45.15
N LEU B 182 28.93 -27.30 44.37
CA LEU B 182 29.46 -25.94 44.39
C LEU B 182 28.86 -25.17 45.56
N GLN B 183 29.70 -24.63 46.43
CA GLN B 183 29.19 -23.97 47.64
C GLN B 183 29.00 -22.46 47.48
N SER B 184 28.27 -21.88 48.41
CA SER B 184 28.01 -20.43 48.42
C SER B 184 29.30 -19.62 48.43
N SER B 185 30.40 -20.30 48.74
CA SER B 185 31.74 -19.71 48.73
C SER B 185 32.44 -19.74 47.36
N GLY B 186 31.79 -20.35 46.36
CA GLY B 186 32.42 -20.51 45.05
C GLY B 186 33.43 -21.63 44.97
N LEU B 187 33.40 -22.54 45.94
CA LEU B 187 34.32 -23.66 45.98
C LEU B 187 33.58 -25.00 45.99
N TYR B 188 34.25 -26.04 45.51
CA TYR B 188 33.66 -27.37 45.44
C TYR B 188 33.96 -28.21 46.69
N SER B 189 33.06 -29.11 47.01
CA SER B 189 33.32 -30.14 48.02
C SER B 189 32.67 -31.44 47.57
N LEU B 190 33.36 -32.56 47.74
CA LEU B 190 32.74 -33.85 47.53
C LEU B 190 33.05 -34.82 48.68
N SER B 191 32.35 -35.94 48.69
CA SER B 191 32.60 -37.05 49.62
C SER B 191 32.83 -38.33 48.85
N SER B 192 33.73 -39.16 49.35
CA SER B 192 33.84 -40.52 48.87
C SER B 192 33.63 -41.49 50.04
N VAL B 193 32.87 -42.55 49.79
CA VAL B 193 32.39 -43.42 50.86
C VAL B 193 32.70 -44.91 50.55
N VAL B 194 33.03 -45.69 51.59
CA VAL B 194 33.07 -47.15 51.47
C VAL B 194 32.25 -47.84 52.54
N THR B 195 31.48 -48.83 52.11
CA THR B 195 30.73 -49.66 53.05
C THR B 195 31.53 -50.93 53.22
N VAL B 196 31.83 -51.27 54.47
CA VAL B 196 32.69 -52.41 54.78
C VAL B 196 32.13 -53.22 55.95
N PRO B 197 32.60 -54.48 56.08
CA PRO B 197 32.30 -55.30 57.27
C PRO B 197 32.82 -54.70 58.58
N SER B 198 31.91 -54.42 59.51
CA SER B 198 32.24 -53.98 60.86
C SER B 198 33.39 -54.74 61.47
N SER B 199 33.48 -56.03 61.15
CA SER B 199 34.44 -56.92 61.78
C SER B 199 35.85 -56.69 61.27
N SER B 200 35.98 -55.82 60.27
CA SER B 200 37.28 -55.57 59.69
C SER B 200 37.86 -54.24 60.19
N LEU B 201 37.09 -53.49 60.95
CA LEU B 201 37.49 -52.13 61.37
C LEU B 201 38.80 -52.03 62.16
N GLY B 202 39.16 -53.07 62.91
CA GLY B 202 40.38 -53.02 63.69
C GLY B 202 41.60 -53.40 62.88
N THR B 203 41.41 -54.35 61.98
CA THR B 203 42.50 -55.01 61.27
C THR B 203 42.87 -54.38 59.92
N GLN B 204 41.86 -54.04 59.14
CA GLN B 204 42.09 -53.60 57.78
C GLN B 204 42.32 -52.09 57.75
N THR B 205 43.28 -51.68 56.94
CA THR B 205 43.64 -50.28 56.79
C THR B 205 42.89 -49.68 55.61
N TYR B 206 42.18 -48.58 55.86
CA TYR B 206 41.48 -47.84 54.80
C TYR B 206 42.09 -46.46 54.57
N ILE B 207 42.63 -46.27 53.36
CA ILE B 207 43.27 -45.00 53.01
C ILE B 207 42.58 -44.45 51.79
N CYS B 208 42.09 -43.22 51.85
CA CYS B 208 41.61 -42.60 50.64
C CYS B 208 42.72 -41.80 49.96
N ASN B 209 42.81 -41.95 48.65
CA ASN B 209 43.75 -41.21 47.83
C ASN B 209 42.99 -40.15 47.03
N VAL B 210 43.25 -38.89 47.35
CA VAL B 210 42.57 -37.79 46.68
C VAL B 210 43.50 -37.03 45.74
N ASN B 211 43.17 -37.07 44.45
CA ASN B 211 43.97 -36.44 43.43
C ASN B 211 43.28 -35.19 42.93
N HIS B 212 43.94 -34.04 43.03
CA HIS B 212 43.40 -32.83 42.44
C HIS B 212 44.37 -32.28 41.40
N LYS B 213 44.23 -32.76 40.17
CA LYS B 213 45.09 -32.36 39.06
C LYS B 213 45.29 -30.84 38.84
N PRO B 214 44.23 -30.02 38.91
CA PRO B 214 44.44 -28.60 38.59
C PRO B 214 45.50 -27.89 39.46
N SER B 215 45.79 -28.46 40.64
CA SER B 215 46.83 -27.91 41.53
C SER B 215 48.00 -28.82 41.87
N ASN B 216 48.15 -29.92 41.15
CA ASN B 216 49.24 -30.87 41.41
C ASN B 216 49.27 -31.25 42.89
N THR B 217 48.10 -31.59 43.42
CA THR B 217 47.93 -31.96 44.81
C THR B 217 47.42 -33.40 44.91
N LYS B 218 48.14 -34.23 45.64
CA LYS B 218 47.63 -35.55 46.03
C LYS B 218 47.61 -35.59 47.55
N VAL B 219 46.51 -36.08 48.10
CA VAL B 219 46.42 -36.27 49.53
C VAL B 219 46.00 -37.70 49.85
N ASP B 220 46.74 -38.33 50.77
CA ASP B 220 46.39 -39.66 51.28
C ASP B 220 45.99 -39.53 52.75
N LYS B 221 44.87 -40.12 53.08
CA LYS B 221 44.29 -39.95 54.40
C LYS B 221 43.83 -41.31 54.93
N LYS B 222 44.52 -41.82 55.93
CA LYS B 222 44.10 -43.04 56.59
C LYS B 222 42.89 -42.70 57.48
N VAL B 223 41.78 -43.40 57.31
CA VAL B 223 40.63 -43.12 58.16
C VAL B 223 40.36 -44.26 59.12
N GLU B 224 40.16 -43.91 60.40
CA GLU B 224 40.10 -44.88 61.49
C GLU B 224 38.89 -44.70 62.37
N PRO B 225 38.44 -45.79 63.02
CA PRO B 225 37.32 -45.75 63.95
C PRO B 225 37.55 -44.77 65.08
N LYS B 226 36.47 -44.22 65.63
CA LYS B 226 36.52 -43.35 66.81
C LYS B 226 37.07 -41.98 66.48
N GLN C 1 22.87 5.75 12.64
CA GLN C 1 22.16 6.97 13.04
C GLN C 1 22.84 7.74 14.19
N SER C 2 23.99 8.34 13.92
CA SER C 2 24.52 9.38 14.81
C SER C 2 23.82 10.69 14.50
N ALA C 3 23.62 11.53 15.51
CA ALA C 3 23.05 12.86 15.28
C ALA C 3 23.91 13.65 14.28
N LEU C 4 23.28 14.58 13.56
CA LEU C 4 24.04 15.48 12.68
C LEU C 4 24.90 16.39 13.54
N THR C 5 26.11 16.69 13.10
CA THR C 5 27.06 17.45 13.91
C THR C 5 26.85 18.97 13.86
N GLN C 6 26.54 19.55 15.00
CA GLN C 6 26.34 21.00 15.13
C GLN C 6 27.25 21.54 16.20
N PRO C 7 27.72 22.79 16.03
CA PRO C 7 28.47 23.41 17.12
C PRO C 7 27.63 23.49 18.40
N ALA C 8 28.23 23.19 19.54
CA ALA C 8 27.50 23.21 20.79
C ALA C 8 26.94 24.60 21.08
N SER C 9 27.73 25.63 20.80
CA SER C 9 27.28 26.97 21.13
C SER C 9 27.88 28.09 20.28
N VAL C 10 27.06 29.07 19.98
CA VAL C 10 27.39 30.14 19.06
C VAL C 10 26.80 31.42 19.65
N SER C 11 27.57 32.50 19.66
CA SER C 11 27.07 33.75 20.24
C SER C 11 27.43 34.97 19.43
N GLY C 12 26.60 36.00 19.51
CA GLY C 12 26.79 37.23 18.78
C GLY C 12 26.15 38.39 19.51
N SER C 13 26.58 39.61 19.19
CA SER C 13 26.02 40.79 19.84
C SER C 13 24.74 41.15 19.13
N PRO C 14 23.85 41.91 19.79
CA PRO C 14 22.66 42.39 19.08
C PRO C 14 23.06 43.20 17.86
N GLY C 15 22.52 42.84 16.70
CA GLY C 15 22.79 43.57 15.48
C GLY C 15 23.69 42.80 14.54
N GLN C 16 24.46 41.87 15.11
CA GLN C 16 25.46 41.10 14.36
C GLN C 16 24.85 39.97 13.55
N SER C 17 25.72 39.21 12.88
CA SER C 17 25.31 38.01 12.16
C SER C 17 26.03 36.79 12.68
N ILE C 18 25.31 35.70 12.87
CA ILE C 18 25.93 34.44 13.24
C ILE C 18 25.51 33.37 12.25
N THR C 19 26.30 32.30 12.17
CA THR C 19 25.99 31.19 11.32
C THR C 19 26.18 29.90 12.07
N ILE C 20 25.21 28.99 11.96
CA ILE C 20 25.27 27.69 12.61
C ILE C 20 25.46 26.63 11.55
N SER C 21 26.37 25.70 11.80
CA SER C 21 26.61 24.61 10.85
C SER C 21 25.90 23.33 11.26
N CYS C 22 25.75 22.44 10.28
CA CYS C 22 25.09 21.18 10.48
C CYS C 22 25.68 20.19 9.49
N THR C 23 26.53 19.30 9.97
CA THR C 23 27.29 18.46 9.06
C THR C 23 26.83 17.02 9.07
N GLY C 24 26.50 16.51 7.89
CA GLY C 24 26.11 15.12 7.76
C GLY C 24 27.05 14.35 6.84
N THR C 25 26.48 13.38 6.14
CA THR C 25 27.22 12.53 5.23
C THR C 25 26.47 12.50 3.92
N THR C 26 26.92 11.70 2.97
CA THR C 26 26.20 11.56 1.72
C THR C 26 24.91 10.73 1.94
N SER C 27 24.81 10.11 3.11
CA SER C 27 23.62 9.32 3.44
C SER C 27 22.41 10.18 3.77
N ASP C 28 22.64 11.48 4.00
CA ASP C 28 21.55 12.41 4.26
C ASP C 28 21.75 13.79 3.62
N VAL C 29 22.49 14.66 4.30
CA VAL C 29 22.65 16.06 3.87
C VAL C 29 23.27 16.20 2.46
N GLY C 30 24.23 15.34 2.14
CA GLY C 30 24.90 15.41 0.85
C GLY C 30 24.01 14.99 -0.31
N THR C 31 23.09 14.08 -0.03
CA THR C 31 22.23 13.55 -1.06
C THR C 31 20.91 14.32 -1.21
N TYR C 32 20.29 14.70 -0.11
CA TYR C 32 18.93 15.24 -0.19
C TYR C 32 18.87 16.69 0.22
N ASN C 33 18.04 17.46 -0.48
CA ASN C 33 17.79 18.86 -0.15
C ASN C 33 16.60 19.03 0.79
N PHE C 34 16.39 18.06 1.66
CA PHE C 34 15.30 18.12 2.61
C PHE C 34 15.87 18.31 3.99
N VAL C 35 16.47 19.46 4.18
CA VAL C 35 17.09 19.86 5.43
C VAL C 35 16.20 20.92 6.05
N SER C 36 15.86 20.79 7.31
CA SER C 36 15.03 21.80 7.93
C SER C 36 15.62 22.22 9.25
N TRP C 37 15.25 23.40 9.70
CA TRP C 37 15.79 23.98 10.92
C TRP C 37 14.68 24.37 11.84
N TYR C 38 14.89 24.16 13.13
CA TYR C 38 13.86 24.41 14.12
C TYR C 38 14.39 25.25 15.27
N GLN C 39 13.50 26.04 15.85
CA GLN C 39 13.86 26.92 16.94
C GLN C 39 13.08 26.49 18.17
N GLN C 40 13.76 26.31 19.29
CA GLN C 40 13.10 25.97 20.56
C GLN C 40 13.50 26.89 21.71
N HIS C 41 12.57 27.67 22.24
CA HIS C 41 12.84 28.45 23.44
C HIS C 41 12.72 27.53 24.66
N PRO C 42 13.45 27.84 25.74
CA PRO C 42 13.40 26.96 26.93
C PRO C 42 11.98 26.71 27.41
N GLY C 43 11.61 25.43 27.54
CA GLY C 43 10.28 25.04 27.96
C GLY C 43 9.20 25.05 26.89
N LYS C 44 9.53 25.52 25.69
CA LYS C 44 8.53 25.57 24.62
C LYS C 44 8.75 24.47 23.57
N ALA C 45 7.75 24.30 22.71
CA ALA C 45 7.84 23.38 21.59
C ALA C 45 8.68 23.96 20.48
N PRO C 46 9.40 23.09 19.74
CA PRO C 46 10.13 23.53 18.56
C PRO C 46 9.16 24.21 17.63
N LYS C 47 9.60 25.27 16.97
CA LYS C 47 8.87 25.93 15.89
C LYS C 47 9.69 25.88 14.60
N ALA C 48 9.04 25.57 13.48
CA ALA C 48 9.72 25.47 12.19
C ALA C 48 10.16 26.84 11.65
N ILE C 49 11.44 27.01 11.32
CA ILE C 49 11.89 28.25 10.70
C ILE C 49 12.40 28.13 9.24
N ILE C 50 12.95 26.98 8.88
CA ILE C 50 13.45 26.77 7.52
C ILE C 50 13.15 25.36 7.07
N PHE C 51 12.67 25.20 5.84
CA PHE C 51 12.51 23.88 5.26
C PHE C 51 13.09 23.76 3.85
N ASP C 52 13.38 22.53 3.45
CA ASP C 52 14.04 22.22 2.18
C ASP C 52 15.21 23.18 1.91
N VAL C 53 16.12 23.24 2.87
CA VAL C 53 17.38 24.00 2.78
C VAL C 53 17.26 25.54 2.86
N THR C 54 16.31 26.11 2.12
CA THR C 54 16.26 27.57 1.96
C THR C 54 14.91 28.22 2.19
N ASN C 55 13.83 27.45 2.21
CA ASN C 55 12.50 28.07 2.28
C ASN C 55 12.04 28.48 3.68
N ARG C 56 11.32 29.58 3.74
CA ARG C 56 10.80 30.11 4.99
C ARG C 56 9.29 30.00 5.00
N PRO C 57 8.74 29.37 6.07
CA PRO C 57 7.30 29.42 6.25
C PRO C 57 6.88 30.88 6.48
N SER C 58 5.63 31.23 6.20
CA SER C 58 5.18 32.60 6.44
C SER C 58 5.28 32.90 7.93
N GLY C 59 5.46 34.17 8.25
CA GLY C 59 5.54 34.59 9.63
C GLY C 59 6.96 34.64 10.10
N ILE C 60 7.81 33.82 9.49
CA ILE C 60 9.21 33.76 9.89
C ILE C 60 10.00 34.90 9.25
N SER C 61 10.65 35.68 10.11
CA SER C 61 11.49 36.79 9.69
C SER C 61 12.48 36.37 8.59
N ASN C 62 12.71 37.25 7.63
CA ASN C 62 13.65 36.92 6.57
C ASN C 62 15.09 37.21 6.95
N ARG C 63 15.29 37.66 8.20
CA ARG C 63 16.62 37.73 8.79
C ARG C 63 17.20 36.31 8.91
N PHE C 64 16.30 35.33 8.91
CA PHE C 64 16.71 33.92 8.94
C PHE C 64 16.85 33.41 7.52
N SER C 65 17.85 32.57 7.28
CA SER C 65 18.06 32.02 5.95
C SER C 65 18.97 30.82 6.02
N GLY C 66 18.89 29.96 5.02
CA GLY C 66 19.61 28.71 5.07
C GLY C 66 20.24 28.33 3.77
N SER C 67 21.32 27.57 3.85
CA SER C 67 22.05 27.18 2.66
C SER C 67 22.67 25.81 2.84
N LYS C 68 23.16 25.23 1.75
CA LYS C 68 23.78 23.91 1.79
C LYS C 68 24.94 23.86 0.83
N PHE C 69 25.94 23.08 1.19
CA PHE C 69 27.12 22.91 0.37
C PHE C 69 27.83 21.65 0.80
N GLY C 70 27.90 20.66 -0.08
CA GLY C 70 28.49 19.38 0.29
C GLY C 70 27.66 18.74 1.36
N ASN C 71 28.33 18.18 2.37
CA ASN C 71 27.68 17.50 3.48
C ASN C 71 27.39 18.40 4.68
N THR C 72 27.30 19.71 4.43
CA THR C 72 27.15 20.69 5.49
C THR C 72 26.09 21.73 5.17
N ALA C 73 25.05 21.78 5.99
CA ALA C 73 24.00 22.79 5.82
C ALA C 73 24.27 23.90 6.81
N SER C 74 23.75 25.09 6.54
CA SER C 74 24.00 26.21 7.43
C SER C 74 22.77 27.07 7.64
N LEU C 75 22.65 27.63 8.84
CA LEU C 75 21.62 28.58 9.16
C LEU C 75 22.27 29.91 9.49
N THR C 76 21.77 30.98 8.90
CA THR C 76 22.35 32.29 9.11
C THR C 76 21.30 33.22 9.71
N ILE C 77 21.65 33.93 10.77
CA ILE C 77 20.77 34.93 11.36
C ILE C 77 21.44 36.30 11.32
N SER C 78 20.76 37.29 10.75
CA SER C 78 21.34 38.62 10.65
C SER C 78 20.53 39.56 11.51
N GLY C 79 21.14 40.69 11.86
CA GLY C 79 20.53 41.66 12.77
C GLY C 79 19.98 41.01 14.04
N LEU C 80 20.83 40.23 14.72
CA LEU C 80 20.45 39.54 15.93
C LEU C 80 19.61 40.38 16.86
N GLN C 81 18.50 39.81 17.31
CA GLN C 81 17.66 40.44 18.29
C GLN C 81 17.61 39.54 19.52
N ALA C 82 17.30 40.13 20.67
CA ALA C 82 17.19 39.41 21.93
C ALA C 82 16.34 38.15 21.80
N GLU C 83 15.20 38.27 21.13
CA GLU C 83 14.27 37.16 20.92
C GLU C 83 14.88 35.99 20.14
N ASP C 84 16.00 36.20 19.46
CA ASP C 84 16.65 35.14 18.69
C ASP C 84 17.36 34.13 19.59
N GLU C 85 17.56 34.49 20.85
CA GLU C 85 18.24 33.58 21.78
C GLU C 85 17.37 32.35 21.96
N ALA C 86 17.95 31.18 21.74
CA ALA C 86 17.24 29.91 21.71
C ALA C 86 18.16 28.78 21.30
N ASP C 87 17.66 27.54 21.33
CA ASP C 87 18.35 26.40 20.74
C ASP C 87 17.89 26.18 19.30
N TYR C 88 18.82 25.80 18.44
CA TYR C 88 18.50 25.55 17.03
C TYR C 88 18.91 24.15 16.65
N TYR C 89 18.01 23.45 15.97
CA TYR C 89 18.27 22.09 15.53
C TYR C 89 18.04 22.05 14.06
N CYS C 90 18.94 21.37 13.36
CA CYS C 90 18.69 21.02 11.97
C CYS C 90 18.19 19.57 11.92
N ALA C 91 17.56 19.21 10.81
CA ALA C 91 17.11 17.84 10.57
C ALA C 91 17.20 17.55 9.08
N ALA C 92 17.66 16.35 8.75
CA ALA C 92 17.84 15.99 7.36
C ALA C 92 17.15 14.67 7.07
N TYR C 93 16.60 14.55 5.87
CA TYR C 93 16.03 13.30 5.38
C TYR C 93 17.17 12.36 5.02
N THR C 94 16.98 11.07 5.24
CA THR C 94 18.04 10.08 5.02
C THR C 94 17.71 9.10 3.90
N VAL C 95 18.65 8.21 3.59
CA VAL C 95 18.44 7.17 2.58
C VAL C 95 17.56 6.06 3.11
N ALA C 96 17.36 6.05 4.42
CA ALA C 96 16.50 5.08 5.06
C ALA C 96 15.05 5.58 5.12
N SER C 97 14.81 6.74 4.54
CA SER C 97 13.52 7.42 4.62
C SER C 97 13.18 7.76 6.06
N THR C 98 14.22 8.07 6.82
CA THR C 98 14.05 8.52 8.18
C THR C 98 14.39 10.00 8.23
N LEU C 99 14.12 10.61 9.38
CA LEU C 99 14.46 12.00 9.58
C LEU C 99 15.49 12.00 10.68
N LEU C 100 16.56 12.77 10.51
CA LEU C 100 17.66 12.72 11.46
C LEU C 100 18.00 14.10 11.97
N PHE C 101 17.85 14.31 13.28
CA PHE C 101 18.16 15.62 13.85
C PHE C 101 19.64 15.78 14.24
N GLY C 102 20.13 17.00 14.13
CA GLY C 102 21.43 17.35 14.72
C GLY C 102 21.38 17.52 16.23
N GLY C 103 22.55 17.63 16.86
CA GLY C 103 22.66 17.70 18.29
C GLY C 103 22.17 19.00 18.87
N GLY C 104 21.95 20.00 18.01
CA GLY C 104 21.49 21.29 18.48
C GLY C 104 22.59 22.26 18.86
N THR C 105 22.29 23.54 18.75
CA THR C 105 23.22 24.61 19.06
C THR C 105 22.52 25.60 19.98
N LYS C 106 23.19 26.00 21.06
CA LYS C 106 22.65 27.10 21.83
C LYS C 106 23.12 28.41 21.22
N VAL C 107 22.16 29.27 20.86
CA VAL C 107 22.48 30.59 20.34
C VAL C 107 22.26 31.62 21.44
N THR C 108 23.34 32.33 21.79
CA THR C 108 23.28 33.34 22.82
C THR C 108 23.40 34.72 22.18
N VAL C 109 22.48 35.61 22.53
CA VAL C 109 22.59 37.02 22.16
C VAL C 109 23.24 37.74 23.35
N LEU C 110 24.46 38.24 23.15
CA LEU C 110 25.27 38.72 24.27
C LEU C 110 24.75 40.02 24.88
N ARG C 111 24.34 39.93 26.14
CA ARG C 111 23.85 41.10 26.85
C ARG C 111 24.58 41.29 28.16
N GLN C 112 25.57 40.44 28.42
CA GLN C 112 26.43 40.60 29.58
C GLN C 112 27.87 40.13 29.27
N PRO C 113 28.83 40.48 30.14
CA PRO C 113 30.20 40.06 29.85
C PRO C 113 30.40 38.54 29.83
N LYS C 114 31.40 38.09 29.08
CA LYS C 114 31.81 36.69 29.12
C LYS C 114 32.42 36.38 30.47
N ALA C 115 32.03 35.26 31.04
CA ALA C 115 32.48 34.89 32.37
C ALA C 115 32.81 33.40 32.46
N ALA C 116 34.01 33.10 32.92
CA ALA C 116 34.47 31.73 33.12
C ALA C 116 33.86 31.15 34.39
N PRO C 117 33.68 29.82 34.42
CA PRO C 117 33.04 29.16 35.55
C PRO C 117 33.97 29.00 36.75
N SER C 118 33.43 29.23 37.95
CA SER C 118 34.08 28.80 39.18
C SER C 118 33.61 27.38 39.39
N VAL C 119 34.55 26.48 39.65
CA VAL C 119 34.22 25.09 39.86
C VAL C 119 34.58 24.71 41.28
N THR C 120 33.64 24.09 42.00
CA THR C 120 33.90 23.62 43.35
C THR C 120 33.64 22.13 43.39
N LEU C 121 34.63 21.37 43.84
CA LEU C 121 34.50 19.92 43.86
C LEU C 121 34.35 19.40 45.29
N PHE C 122 33.21 18.77 45.58
CA PHE C 122 32.96 18.17 46.90
C PHE C 122 33.23 16.67 46.87
N PRO C 123 34.05 16.19 47.81
CA PRO C 123 34.27 14.75 47.99
C PRO C 123 33.05 14.12 48.67
N PRO C 124 32.94 12.79 48.66
CA PRO C 124 31.81 12.16 49.34
C PRO C 124 31.83 12.56 50.81
N SER C 125 30.69 12.98 51.35
CA SER C 125 30.63 13.31 52.76
C SER C 125 30.88 12.05 53.61
N SER C 126 31.18 12.22 54.90
CA SER C 126 31.46 11.06 55.74
C SER C 126 30.21 10.21 56.00
N GLU C 127 29.07 10.88 56.14
CA GLU C 127 27.79 10.20 56.37
C GLU C 127 27.37 9.34 55.20
N GLU C 128 27.46 9.89 53.99
CA GLU C 128 27.15 9.09 52.79
C GLU C 128 28.00 7.84 52.72
N LEU C 129 29.26 7.95 53.15
CA LEU C 129 30.14 6.80 53.15
C LEU C 129 29.68 5.74 54.13
N GLN C 130 29.10 6.16 55.25
CA GLN C 130 28.56 5.24 56.24
C GLN C 130 27.36 4.48 55.70
N ALA C 131 26.77 4.99 54.62
CA ALA C 131 25.61 4.35 53.99
C ALA C 131 26.03 3.54 52.77
N ASN C 132 27.32 3.20 52.69
CA ASN C 132 27.85 2.39 51.61
C ASN C 132 27.57 3.00 50.21
N LYS C 133 27.84 4.29 50.08
CA LYS C 133 27.67 5.02 48.81
C LYS C 133 28.71 6.13 48.75
N ALA C 134 28.94 6.66 47.56
CA ALA C 134 29.94 7.68 47.36
C ALA C 134 29.56 8.48 46.13
N THR C 135 29.40 9.79 46.29
CA THR C 135 29.07 10.68 45.19
C THR C 135 29.98 11.88 45.18
N LEU C 136 30.55 12.18 44.02
CA LEU C 136 31.33 13.40 43.88
C LEU C 136 30.44 14.49 43.30
N VAL C 137 30.46 15.67 43.89
CA VAL C 137 29.61 16.73 43.39
C VAL C 137 30.43 17.88 42.85
N CYS C 138 30.29 18.12 41.55
CA CYS C 138 30.98 19.21 40.90
C CYS C 138 29.97 20.35 40.66
N LEU C 139 30.13 21.41 41.44
CA LEU C 139 29.28 22.57 41.31
C LEU C 139 29.96 23.59 40.38
N ILE C 140 29.29 23.92 39.29
CA ILE C 140 29.82 24.86 38.31
C ILE C 140 29.01 26.15 38.30
N SER C 141 29.61 27.28 38.70
CA SER C 141 28.82 28.50 38.85
C SER C 141 29.38 29.77 38.21
N ASP C 142 28.48 30.73 38.02
CA ASP C 142 28.79 32.08 37.51
C ASP C 142 29.37 32.18 36.10
N PHE C 143 28.87 31.39 35.15
CA PHE C 143 29.41 31.47 33.80
C PHE C 143 28.41 32.05 32.77
N TYR C 144 28.95 32.75 31.77
CA TYR C 144 28.18 33.27 30.63
C TYR C 144 29.09 33.23 29.41
N PRO C 145 28.59 32.77 28.25
CA PRO C 145 27.24 32.24 27.97
C PRO C 145 26.99 30.91 28.68
N GLY C 146 25.78 30.36 28.56
CA GLY C 146 25.37 29.15 29.28
C GLY C 146 25.65 27.79 28.65
N ALA C 147 26.91 27.51 28.34
CA ALA C 147 27.25 26.23 27.74
C ALA C 147 28.58 25.72 28.27
N VAL C 148 28.59 24.48 28.74
CA VAL C 148 29.82 23.86 29.21
C VAL C 148 29.77 22.40 28.88
N THR C 149 30.94 21.78 28.80
CA THR C 149 31.02 20.32 28.78
C THR C 149 31.87 19.92 29.98
N VAL C 150 31.50 18.81 30.64
CA VAL C 150 32.18 18.35 31.85
C VAL C 150 32.80 16.99 31.64
N ALA C 151 34.06 16.84 32.06
CA ALA C 151 34.74 15.55 31.94
C ALA C 151 35.28 15.11 33.31
N TRP C 152 35.10 13.84 33.64
CA TRP C 152 35.60 13.32 34.90
C TRP C 152 36.82 12.43 34.70
N LYS C 153 37.72 12.41 35.68
CA LYS C 153 38.95 11.63 35.58
C LYS C 153 39.31 10.93 36.89
N ALA C 154 39.54 9.62 36.79
CA ALA C 154 40.10 8.85 37.91
C ALA C 154 41.62 8.86 37.80
N ASP C 155 42.29 9.42 38.81
CA ASP C 155 43.73 9.64 38.77
C ASP C 155 44.09 10.43 37.52
N SER C 156 44.32 9.73 36.42
CA SER C 156 44.57 10.37 35.14
C SER C 156 43.68 9.80 34.04
N SER C 157 43.17 8.59 34.24
CA SER C 157 42.27 7.98 33.27
C SER C 157 40.89 8.66 33.23
N PRO C 158 40.33 8.81 32.02
CA PRO C 158 38.94 9.25 31.84
C PRO C 158 37.95 8.25 32.43
N VAL C 159 36.81 8.74 32.89
CA VAL C 159 35.76 7.87 33.43
C VAL C 159 34.42 8.38 32.94
N LYS C 160 33.62 7.49 32.36
CA LYS C 160 32.37 7.92 31.74
C LYS C 160 31.17 7.32 32.46
N ALA C 161 31.41 6.24 33.20
CA ALA C 161 30.34 5.54 33.89
C ALA C 161 29.96 6.22 35.22
N GLY C 162 28.67 6.41 35.43
CA GLY C 162 28.15 6.97 36.67
C GLY C 162 28.16 8.48 36.70
N VAL C 163 28.18 9.09 35.52
CA VAL C 163 28.19 10.54 35.43
C VAL C 163 26.81 11.05 35.09
N GLU C 164 26.32 12.03 35.84
CA GLU C 164 25.10 12.75 35.50
C GLU C 164 25.38 14.24 35.58
N THR C 165 24.99 14.96 34.54
CA THR C 165 25.27 16.39 34.47
C THR C 165 24.01 17.15 34.11
N THR C 166 23.58 18.10 34.94
CA THR C 166 22.42 18.92 34.59
C THR C 166 22.83 19.85 33.45
N THR C 167 21.85 20.46 32.78
CA THR C 167 22.17 21.44 31.75
C THR C 167 21.94 22.82 32.35
N PRO C 168 22.77 23.79 31.95
CA PRO C 168 22.85 25.11 32.59
C PRO C 168 21.51 25.81 32.73
N SER C 169 21.30 26.48 33.86
CA SER C 169 20.14 27.34 34.05
C SER C 169 20.58 28.58 34.81
N LYS C 170 19.76 29.63 34.75
CA LYS C 170 20.10 30.92 35.35
C LYS C 170 20.06 30.91 36.88
N GLN C 171 21.09 31.53 37.44
CA GLN C 171 21.12 31.87 38.84
C GLN C 171 20.37 33.19 39.00
N SER C 172 20.18 33.62 40.23
CA SER C 172 19.38 34.82 40.48
C SER C 172 20.18 36.08 40.21
N ASN C 173 21.49 35.93 40.01
CA ASN C 173 22.33 37.06 39.60
C ASN C 173 22.48 37.15 38.08
N ASN C 174 21.73 36.32 37.38
CA ASN C 174 21.64 36.30 35.90
C ASN C 174 22.69 35.55 35.11
N LYS C 175 23.70 35.02 35.78
CA LYS C 175 24.67 34.14 35.13
C LYS C 175 24.17 32.70 35.23
N TYR C 176 24.97 31.75 34.74
CA TYR C 176 24.53 30.35 34.69
C TYR C 176 25.18 29.50 35.76
N ALA C 177 24.48 28.43 36.15
CA ALA C 177 25.05 27.42 37.03
C ALA C 177 24.80 26.07 36.38
N ALA C 178 25.56 25.08 36.82
CA ALA C 178 25.39 23.72 36.33
C ALA C 178 25.97 22.76 37.37
N SER C 179 25.54 21.50 37.32
CA SER C 179 26.04 20.51 38.25
C SER C 179 26.33 19.19 37.58
N SER C 180 27.36 18.50 38.05
CA SER C 180 27.75 17.20 37.54
C SER C 180 28.01 16.25 38.71
N TYR C 181 27.56 15.01 38.59
CA TYR C 181 27.67 14.02 39.67
C TYR C 181 28.47 12.81 39.25
N LEU C 182 29.30 12.29 40.15
CA LEU C 182 30.00 11.05 39.89
C LEU C 182 29.77 10.04 41.01
N SER C 183 29.07 8.95 40.69
CA SER C 183 28.75 7.90 41.64
C SER C 183 29.82 6.80 41.66
N LEU C 184 30.26 6.45 42.86
CA LEU C 184 31.26 5.41 43.03
C LEU C 184 30.86 4.51 44.20
N THR C 185 31.52 3.37 44.30
CA THR C 185 31.49 2.60 45.52
C THR C 185 32.50 3.26 46.44
N PRO C 186 32.34 3.10 47.77
CA PRO C 186 33.37 3.62 48.67
C PRO C 186 34.72 2.94 48.41
N GLU C 187 34.69 1.74 47.83
CA GLU C 187 35.91 1.03 47.46
C GLU C 187 36.62 1.73 46.30
N GLN C 188 35.88 2.01 45.24
CA GLN C 188 36.40 2.80 44.12
C GLN C 188 37.03 4.11 44.59
N TRP C 189 36.30 4.84 45.45
CA TRP C 189 36.79 6.10 46.02
C TRP C 189 38.10 5.98 46.80
N LYS C 190 38.26 4.89 47.55
CA LYS C 190 39.48 4.70 48.33
C LYS C 190 40.65 4.22 47.48
N SER C 191 40.35 3.45 46.43
CA SER C 191 41.38 2.92 45.52
C SER C 191 42.28 4.05 45.03
N HIS C 192 41.69 4.90 44.19
CA HIS C 192 42.42 5.93 43.47
C HIS C 192 43.03 7.04 44.32
N ARG C 193 44.15 7.57 43.86
CA ARG C 193 44.86 8.64 44.56
C ARG C 193 44.08 9.96 44.47
N SER C 194 43.31 10.13 43.39
CA SER C 194 42.55 11.36 43.19
C SER C 194 41.47 11.20 42.13
N TYR C 195 40.46 12.06 42.20
CA TYR C 195 39.52 12.24 41.11
C TYR C 195 39.52 13.70 40.72
N SER C 196 39.12 14.00 39.49
CA SER C 196 39.15 15.37 38.99
C SER C 196 37.93 15.71 38.14
N CYS C 197 37.34 16.86 38.43
CA CYS C 197 36.25 17.43 37.65
C CYS C 197 36.83 18.47 36.68
N GLN C 198 36.67 18.24 35.37
CA GLN C 198 37.11 19.20 34.35
C GLN C 198 35.96 19.84 33.59
N VAL C 199 35.87 21.17 33.70
CA VAL C 199 34.81 21.94 33.07
C VAL C 199 35.40 22.76 31.92
N THR C 200 34.78 22.68 30.76
CA THR C 200 35.25 23.40 29.57
C THR C 200 34.24 24.45 29.12
N HIS C 201 34.71 25.69 28.98
CA HIS C 201 33.83 26.80 28.69
C HIS C 201 34.44 27.76 27.69
N GLU C 202 33.73 27.97 26.57
CA GLU C 202 34.23 28.75 25.45
C GLU C 202 35.68 28.41 25.14
N GLY C 203 35.96 27.12 25.03
CA GLY C 203 37.30 26.66 24.68
C GLY C 203 38.34 26.76 25.77
N SER C 204 37.93 27.18 26.97
CA SER C 204 38.86 27.19 28.11
C SER C 204 38.47 26.18 29.20
N THR C 205 39.48 25.50 29.72
CA THR C 205 39.26 24.43 30.68
C THR C 205 39.72 24.82 32.08
N VAL C 206 38.92 24.49 33.07
CA VAL C 206 39.28 24.70 34.45
C VAL C 206 38.93 23.43 35.21
N GLU C 207 39.78 23.05 36.16
CA GLU C 207 39.72 21.73 36.78
C GLU C 207 39.95 21.72 38.29
N LYS C 208 39.08 21.04 39.03
CA LYS C 208 39.31 20.82 40.45
C LYS C 208 39.58 19.35 40.74
N THR C 209 40.36 19.09 41.78
CA THR C 209 40.74 17.73 42.16
C THR C 209 40.41 17.45 43.62
N VAL C 210 40.00 16.23 43.94
CA VAL C 210 39.78 15.85 45.34
C VAL C 210 40.47 14.55 45.66
N ALA C 211 41.05 14.48 46.85
CA ALA C 211 41.68 13.25 47.29
C ALA C 211 41.06 12.77 48.60
N PRO C 212 41.04 11.44 48.80
CA PRO C 212 40.83 10.94 50.15
C PRO C 212 41.99 11.42 51.04
N THR C 213 41.73 12.47 51.81
CA THR C 213 42.77 13.13 52.60
C THR C 213 42.79 12.59 54.03
N GLU D 1 -6.15 27.81 12.89
CA GLU D 1 -5.09 27.63 13.87
C GLU D 1 -4.83 26.14 14.03
N VAL D 2 -3.67 25.68 13.59
CA VAL D 2 -3.32 24.29 13.83
C VAL D 2 -3.15 24.03 15.33
N GLN D 3 -3.83 22.99 15.82
CA GLN D 3 -3.67 22.54 17.20
C GLN D 3 -3.22 21.08 17.24
N LEU D 4 -2.23 20.79 18.08
CA LEU D 4 -1.80 19.42 18.30
C LEU D 4 -1.73 19.16 19.79
N VAL D 5 -2.47 18.16 20.27
CA VAL D 5 -2.55 17.96 21.72
C VAL D 5 -2.15 16.55 22.17
N GLU D 6 -0.98 16.44 22.78
CA GLU D 6 -0.50 15.14 23.23
C GLU D 6 -0.99 14.78 24.63
N SER D 7 -1.23 13.50 24.87
CA SER D 7 -1.50 13.02 26.23
C SER D 7 -1.17 11.56 26.37
N GLY D 8 -1.31 11.04 27.60
CA GLY D 8 -1.01 9.66 27.88
C GLY D 8 0.30 9.43 28.63
N GLY D 9 1.18 10.44 28.64
CA GLY D 9 2.42 10.33 29.36
C GLY D 9 2.25 10.14 30.87
N GLY D 10 3.20 9.43 31.48
CA GLY D 10 3.24 9.24 32.93
C GLY D 10 4.39 8.29 33.22
N VAL D 11 4.44 7.78 34.45
CA VAL D 11 5.48 6.84 34.89
C VAL D 11 5.20 5.42 34.44
N VAL D 12 6.21 4.71 33.93
CA VAL D 12 6.08 3.33 33.51
C VAL D 12 7.32 2.53 33.87
N GLN D 13 7.13 1.27 34.27
CA GLN D 13 8.24 0.39 34.58
C GLN D 13 8.95 -0.01 33.30
N PRO D 14 10.27 -0.15 33.34
CA PRO D 14 11.09 -0.76 32.28
C PRO D 14 10.52 -2.12 31.88
N GLY D 15 10.46 -2.40 30.58
CA GLY D 15 9.81 -3.61 30.08
C GLY D 15 8.31 -3.40 29.93
N GLY D 16 7.79 -2.31 30.49
CA GLY D 16 6.38 -2.03 30.43
C GLY D 16 5.93 -1.39 29.12
N SER D 17 4.67 -0.96 29.12
CA SER D 17 4.02 -0.46 27.93
C SER D 17 3.22 0.78 28.24
N LEU D 18 3.21 1.73 27.31
CA LEU D 18 2.42 2.93 27.47
C LEU D 18 1.98 3.38 26.10
N ARG D 19 0.80 3.95 26.02
CA ARG D 19 0.27 4.41 24.75
C ARG D 19 -0.05 5.90 24.75
N LEU D 20 0.62 6.65 23.88
CA LEU D 20 0.43 8.09 23.79
C LEU D 20 -0.58 8.45 22.71
N SER D 21 -1.30 9.53 22.93
CA SER D 21 -2.22 10.07 21.92
C SER D 21 -1.83 11.48 21.53
N CYS D 22 -2.07 11.82 20.27
CA CYS D 22 -2.09 13.20 19.83
C CYS D 22 -3.43 13.48 19.12
N VAL D 23 -4.16 14.50 19.57
CA VAL D 23 -5.38 14.90 18.87
C VAL D 23 -5.21 16.23 18.14
N ALA D 24 -5.58 16.22 16.85
CA ALA D 24 -5.29 17.31 15.94
C ALA D 24 -6.55 18.00 15.41
N SER D 25 -6.43 19.30 15.15
CA SER D 25 -7.44 20.10 14.50
C SER D 25 -6.76 21.32 13.86
N GLY D 26 -7.49 22.00 12.98
CA GLY D 26 -6.95 23.17 12.30
C GLY D 26 -6.41 22.89 10.91
N PHE D 27 -6.43 21.64 10.49
CA PHE D 27 -5.98 21.26 9.16
C PHE D 27 -6.71 20.00 8.77
N SER D 28 -6.62 19.60 7.51
CA SER D 28 -7.32 18.42 7.03
C SER D 28 -6.51 17.16 7.33
N PHE D 29 -6.82 16.55 8.47
CA PHE D 29 -5.97 15.52 9.08
C PHE D 29 -5.64 14.37 8.15
N SER D 30 -6.65 13.86 7.45
CA SER D 30 -6.52 12.71 6.57
C SER D 30 -5.50 12.89 5.45
N ASP D 31 -5.14 14.14 5.12
CA ASP D 31 -4.27 14.38 3.99
C ASP D 31 -2.77 14.41 4.32
N PHE D 32 -2.42 14.44 5.61
CA PHE D 32 -1.01 14.61 6.00
C PHE D 32 -0.42 13.45 6.80
N GLY D 33 0.88 13.23 6.64
CA GLY D 33 1.57 12.31 7.51
C GLY D 33 1.78 12.98 8.86
N MET D 34 2.01 12.18 9.91
CA MET D 34 2.31 12.71 11.25
C MET D 34 3.55 12.06 11.84
N ASN D 35 4.22 12.77 12.72
CA ASN D 35 5.46 12.28 13.29
C ASN D 35 5.39 12.29 14.81
N TRP D 36 6.25 11.50 15.44
CA TRP D 36 6.58 11.69 16.84
C TRP D 36 8.06 11.99 16.97
N VAL D 37 8.38 12.94 17.84
CA VAL D 37 9.75 13.36 18.06
C VAL D 37 9.95 13.45 19.56
N ARG D 38 11.05 12.93 20.07
CA ARG D 38 11.23 12.97 21.53
C ARG D 38 12.44 13.80 22.00
N GLN D 39 12.48 14.06 23.30
CA GLN D 39 13.51 14.90 23.88
C GLN D 39 13.66 14.60 25.38
N ALA D 40 14.72 13.87 25.73
CA ALA D 40 15.08 13.74 27.13
C ALA D 40 15.35 15.15 27.68
N PRO D 41 14.85 15.45 28.90
CA PRO D 41 14.83 16.82 29.41
C PRO D 41 16.23 17.46 29.44
N GLY D 42 16.34 18.62 28.81
CA GLY D 42 17.61 19.31 28.73
C GLY D 42 18.55 18.73 27.69
N LYS D 43 18.08 17.78 26.89
CA LYS D 43 18.90 17.23 25.80
C LYS D 43 18.31 17.62 24.45
N GLY D 44 18.78 16.99 23.37
CA GLY D 44 18.38 17.35 22.02
C GLY D 44 17.17 16.57 21.50
N LEU D 45 16.60 17.05 20.40
CA LEU D 45 15.49 16.40 19.73
C LEU D 45 15.93 15.10 19.06
N GLU D 46 15.08 14.08 19.13
CA GLU D 46 15.34 12.85 18.40
C GLU D 46 14.05 12.44 17.70
N TRP D 47 14.12 12.23 16.40
CA TRP D 47 12.99 11.78 15.61
C TRP D 47 12.71 10.31 15.89
N VAL D 48 11.45 9.99 16.13
CA VAL D 48 11.01 8.65 16.52
C VAL D 48 10.36 7.88 15.37
N ALA D 49 9.35 8.48 14.73
CA ALA D 49 8.47 7.72 13.83
C ALA D 49 7.62 8.59 12.94
N PHE D 50 7.25 8.03 11.80
CA PHE D 50 6.39 8.69 10.83
C PHE D 50 5.23 7.76 10.41
N VAL D 51 4.02 8.31 10.31
CA VAL D 51 2.90 7.58 9.73
C VAL D 51 2.34 8.35 8.53
N PRO D 52 2.32 7.72 7.35
CA PRO D 52 1.87 8.43 6.15
C PRO D 52 0.36 8.70 6.13
N PHE D 53 -0.09 9.51 5.15
CA PHE D 53 -1.51 9.90 5.04
C PHE D 53 -2.43 8.73 4.71
N ASP D 54 -1.93 7.77 3.93
CA ASP D 54 -2.70 6.62 3.51
C ASP D 54 -1.91 5.39 3.90
N ARG D 55 -2.60 4.46 4.57
CA ARG D 55 -2.03 3.19 5.01
C ARG D 55 -1.05 2.67 3.99
N ARG D 56 0.14 2.31 4.47
CA ARG D 56 1.22 1.96 3.58
C ARG D 56 2.34 1.47 4.49
N ILE D 57 3.35 2.31 4.67
CA ILE D 57 4.56 1.93 5.37
C ILE D 57 4.93 3.02 6.37
N ASN D 58 5.04 2.64 7.64
CA ASN D 58 5.50 3.57 8.67
C ASN D 58 7.02 3.49 8.77
N TYR D 59 7.65 4.57 9.19
CA TYR D 59 9.12 4.59 9.31
C TYR D 59 9.57 4.93 10.72
N TYR D 60 10.62 4.26 11.16
CA TYR D 60 11.07 4.40 12.53
C TYR D 60 12.56 4.64 12.63
N ALA D 61 12.96 5.37 13.65
CA ALA D 61 14.38 5.51 13.96
C ALA D 61 14.89 4.21 14.54
N GLU D 62 16.12 3.83 14.17
CA GLU D 62 16.72 2.59 14.61
C GLU D 62 16.57 2.32 16.10
N SER D 63 16.51 3.40 16.89
CA SER D 63 16.53 3.28 18.34
C SER D 63 15.22 2.79 18.93
N VAL D 64 14.14 2.84 18.15
CA VAL D 64 12.84 2.40 18.63
C VAL D 64 12.18 1.33 17.75
N ARG D 65 12.83 1.02 16.62
CA ARG D 65 12.28 0.06 15.67
C ARG D 65 12.00 -1.29 16.33
N GLY D 66 10.80 -1.82 16.12
CA GLY D 66 10.42 -3.09 16.68
C GLY D 66 9.70 -2.96 18.01
N ARG D 67 10.01 -1.90 18.75
CA ARG D 67 9.48 -1.73 20.09
C ARG D 67 8.32 -0.75 20.09
N PHE D 68 8.36 0.20 19.16
CA PHE D 68 7.35 1.24 19.07
C PHE D 68 6.49 1.04 17.83
N THR D 69 5.24 1.46 17.94
CA THR D 69 4.34 1.36 16.82
C THR D 69 3.50 2.63 16.70
N ILE D 70 3.63 3.29 15.56
CA ILE D 70 2.86 4.49 15.29
C ILE D 70 1.63 4.08 14.49
N SER D 71 0.49 4.71 14.77
CA SER D 71 -0.72 4.48 14.00
C SER D 71 -1.63 5.70 14.10
N ARG D 72 -2.63 5.77 13.25
CA ARG D 72 -3.60 6.83 13.34
C ARG D 72 -5.05 6.33 13.30
N ASP D 73 -5.95 7.15 13.81
CA ASP D 73 -7.37 6.95 13.65
C ASP D 73 -7.97 8.22 13.05
N ASP D 74 -8.23 8.21 11.74
CA ASP D 74 -8.66 9.43 11.07
C ASP D 74 -10.03 9.92 11.54
N SER D 75 -10.89 9.00 11.93
CA SER D 75 -12.24 9.34 12.32
C SER D 75 -12.27 10.22 13.57
N LYS D 76 -11.16 10.27 14.28
CA LYS D 76 -11.06 11.08 15.51
C LYS D 76 -9.82 11.97 15.49
N ASN D 77 -9.32 12.25 14.28
CA ASN D 77 -8.06 13.00 14.07
C ASN D 77 -6.98 12.65 15.08
N THR D 78 -6.69 11.37 15.26
CA THR D 78 -5.77 11.00 16.32
C THR D 78 -4.59 10.17 15.82
N VAL D 79 -3.39 10.55 16.26
CA VAL D 79 -2.17 9.77 16.04
C VAL D 79 -1.83 9.05 17.33
N PHE D 80 -1.36 7.81 17.24
CA PHE D 80 -0.98 7.08 18.43
C PHE D 80 0.46 6.68 18.36
N LEU D 81 1.07 6.52 19.52
CA LEU D 81 2.38 5.91 19.61
C LEU D 81 2.25 4.83 20.67
N GLN D 82 2.37 3.58 20.26
CA GLN D 82 2.26 2.48 21.19
C GLN D 82 3.66 2.09 21.54
N MET D 83 4.01 2.27 22.81
CA MET D 83 5.38 2.04 23.27
C MET D 83 5.43 0.78 24.11
N ASP D 84 6.12 -0.24 23.62
CA ASP D 84 6.28 -1.47 24.39
C ASP D 84 7.75 -1.68 24.64
N SER D 85 8.07 -2.57 25.59
CA SER D 85 9.45 -2.91 25.89
C SER D 85 10.25 -1.65 26.20
N LEU D 86 9.70 -0.80 27.06
CA LEU D 86 10.33 0.47 27.41
C LEU D 86 11.64 0.26 28.17
N ARG D 87 12.59 1.13 27.88
CA ARG D 87 13.89 1.12 28.53
C ARG D 87 14.03 2.46 29.25
N PRO D 88 14.92 2.53 30.25
CA PRO D 88 15.11 3.82 30.95
C PRO D 88 15.48 4.97 29.99
N GLU D 89 16.29 4.70 28.99
CA GLU D 89 16.67 5.74 28.04
C GLU D 89 15.53 6.18 27.10
N ASP D 90 14.32 5.68 27.31
CA ASP D 90 13.15 6.16 26.56
C ASP D 90 12.49 7.32 27.31
N THR D 91 12.98 7.62 28.50
CA THR D 91 12.52 8.77 29.24
C THR D 91 12.76 10.05 28.43
N ALA D 92 11.68 10.80 28.22
CA ALA D 92 11.71 11.98 27.36
C ALA D 92 10.34 12.63 27.30
N ILE D 93 10.32 13.83 26.74
CA ILE D 93 9.10 14.49 26.35
C ILE D 93 8.78 14.06 24.93
N TYR D 94 7.55 13.62 24.72
CA TYR D 94 7.13 13.20 23.40
C TYR D 94 6.25 14.22 22.69
N TYR D 95 6.75 14.72 21.55
CA TYR D 95 6.03 15.69 20.72
C TYR D 95 5.40 15.03 19.50
N CYS D 96 4.17 15.45 19.22
CA CYS D 96 3.50 15.09 18.00
C CYS D 96 3.77 16.22 17.00
N ALA D 97 4.00 15.89 15.73
CA ALA D 97 4.34 16.93 14.76
C ALA D 97 3.83 16.64 13.37
N LYS D 98 3.03 17.56 12.85
CA LYS D 98 2.43 17.47 11.52
C LYS D 98 3.48 17.55 10.44
N HIS D 99 3.36 16.75 9.40
CA HIS D 99 4.24 16.92 8.24
C HIS D 99 3.69 18.00 7.30
N ARG D 100 4.55 18.92 6.89
CA ARG D 100 4.17 20.02 6.01
C ARG D 100 3.56 19.58 4.67
N SER D 101 4.16 18.60 4.01
CA SER D 101 3.73 18.26 2.64
C SER D 101 2.57 17.27 2.54
N GLN D 102 1.50 17.73 1.90
CA GLN D 102 0.29 16.96 1.64
C GLN D 102 0.54 15.69 0.83
N TRP D 103 -0.10 14.61 1.24
CA TRP D 103 -0.13 13.35 0.48
C TRP D 103 1.22 12.64 0.31
N ASN D 104 2.16 12.95 1.19
CA ASN D 104 3.50 12.39 1.10
C ASN D 104 3.57 11.04 1.79
N PHE D 105 4.27 10.09 1.16
CA PHE D 105 4.47 8.76 1.73
C PHE D 105 5.73 8.64 2.59
N TRP D 106 6.48 9.72 2.69
CA TRP D 106 7.71 9.70 3.47
C TRP D 106 7.85 11.02 4.20
N PRO D 107 8.60 11.02 5.31
CA PRO D 107 8.82 12.26 6.04
C PRO D 107 9.91 13.07 5.34
N ARG D 108 9.55 13.60 4.19
CA ARG D 108 10.55 14.17 3.30
C ARG D 108 10.40 15.68 3.07
N GLU D 109 9.81 16.08 1.94
CA GLU D 109 9.57 17.49 1.62
C GLU D 109 8.95 18.28 2.77
N GLY D 110 9.51 19.44 3.11
CA GLY D 110 8.83 20.40 3.96
C GLY D 110 9.06 20.36 5.46
N GLY D 111 9.66 19.28 5.96
CA GLY D 111 9.93 19.14 7.37
C GLY D 111 8.68 19.04 8.25
N LEU D 112 8.82 19.42 9.51
CA LEU D 112 7.71 19.35 10.46
C LEU D 112 7.15 20.73 10.75
N ASP D 113 6.04 21.08 10.12
CA ASP D 113 5.49 22.43 10.16
C ASP D 113 4.81 22.85 11.47
N HIS D 114 4.29 21.89 12.22
CA HIS D 114 3.60 22.24 13.46
C HIS D 114 3.84 21.17 14.51
N TRP D 115 4.13 21.59 15.74
CA TRP D 115 4.43 20.67 16.85
C TRP D 115 3.50 20.95 18.01
N GLY D 116 3.13 19.92 18.76
CA GLY D 116 2.42 20.11 20.02
C GLY D 116 3.34 20.48 21.18
N GLN D 117 2.76 20.70 22.34
CA GLN D 117 3.52 21.05 23.54
C GLN D 117 4.20 19.84 24.18
N GLY D 118 3.71 18.65 23.84
CA GLY D 118 4.37 17.43 24.28
C GLY D 118 3.89 16.81 25.59
N THR D 119 4.22 15.55 25.78
CA THR D 119 3.82 14.80 26.97
C THR D 119 5.01 14.03 27.56
N LEU D 120 5.12 14.03 28.88
CA LEU D 120 6.30 13.44 29.55
C LEU D 120 6.12 11.96 29.89
N VAL D 121 7.10 11.16 29.48
CA VAL D 121 7.08 9.73 29.79
C VAL D 121 8.33 9.44 30.62
N THR D 122 8.12 8.99 31.86
CA THR D 122 9.23 8.66 32.75
C THR D 122 9.32 7.16 32.91
N VAL D 123 10.44 6.57 32.51
CA VAL D 123 10.65 5.14 32.63
C VAL D 123 11.54 4.77 33.82
N SER D 124 10.89 4.34 34.90
CA SER D 124 11.55 3.99 36.15
C SER D 124 10.79 2.84 36.79
N SER D 125 11.54 1.93 37.42
CA SER D 125 10.93 0.80 38.12
C SER D 125 10.62 1.14 39.58
N ALA D 126 10.60 2.42 39.91
CA ALA D 126 10.54 2.82 41.30
C ALA D 126 9.16 3.30 41.71
N SER D 127 8.92 3.32 43.02
CA SER D 127 7.71 3.89 43.59
C SER D 127 8.11 4.89 44.65
N THR D 128 7.12 5.58 45.22
CA THR D 128 7.35 6.64 46.21
C THR D 128 8.47 6.32 47.20
N LYS D 129 9.46 7.18 47.24
CA LYS D 129 10.66 6.93 48.02
C LYS D 129 11.25 8.24 48.54
N GLY D 130 11.37 8.37 49.85
CA GLY D 130 11.92 9.57 50.45
C GLY D 130 13.41 9.73 50.24
N PRO D 131 13.88 10.99 50.18
CA PRO D 131 15.28 11.30 49.90
C PRO D 131 16.17 11.12 51.11
N SER D 132 17.46 10.92 50.89
CA SER D 132 18.48 11.03 51.95
C SER D 132 19.25 12.31 51.70
N VAL D 133 19.50 13.08 52.76
CA VAL D 133 20.16 14.37 52.64
C VAL D 133 21.53 14.32 53.28
N PHE D 134 22.56 14.68 52.53
CA PHE D 134 23.91 14.68 53.06
C PHE D 134 24.49 16.07 52.92
N PRO D 135 25.29 16.50 53.89
CA PRO D 135 25.87 17.84 53.77
C PRO D 135 26.97 17.86 52.72
N LEU D 136 27.10 18.99 52.04
CA LEU D 136 28.29 19.27 51.28
C LEU D 136 28.98 20.41 52.05
N ALA D 137 29.92 20.05 52.91
CA ALA D 137 30.56 21.01 53.80
C ALA D 137 31.50 21.95 53.04
N PRO D 138 31.51 23.22 53.43
CA PRO D 138 32.43 24.18 52.82
C PRO D 138 33.86 23.96 53.32
N SER D 139 34.86 24.29 52.49
CA SER D 139 36.25 24.30 52.95
C SER D 139 36.48 25.53 53.83
N SER D 140 37.17 25.34 54.96
CA SER D 140 37.46 26.44 55.88
C SER D 140 38.44 27.46 55.30
N GLY D 146 36.51 36.74 49.35
CA GLY D 146 36.65 35.59 50.21
C GLY D 146 35.30 34.93 50.36
N THR D 147 34.99 34.01 49.46
CA THR D 147 33.67 33.42 49.41
C THR D 147 33.71 31.89 49.57
N ALA D 148 32.59 31.29 49.97
CA ALA D 148 32.54 29.84 50.17
C ALA D 148 31.22 29.22 49.71
N ALA D 149 31.33 28.11 49.01
CA ALA D 149 30.16 27.35 48.58
C ALA D 149 29.88 26.18 49.54
N LEU D 150 28.70 26.20 50.15
CA LEU D 150 28.25 25.08 50.98
C LEU D 150 26.88 24.61 50.47
N GLY D 151 26.46 23.40 50.86
CA GLY D 151 25.20 22.89 50.36
C GLY D 151 24.67 21.56 50.88
N CYS D 152 23.67 21.04 50.17
CA CYS D 152 22.96 19.81 50.49
C CYS D 152 22.76 18.92 49.26
N LEU D 153 23.04 17.62 49.43
CA LEU D 153 22.85 16.61 48.41
C LEU D 153 21.60 15.84 48.80
N VAL D 154 20.64 15.80 47.88
CA VAL D 154 19.36 15.17 48.17
C VAL D 154 19.24 13.98 47.24
N LYS D 155 19.55 12.78 47.75
CA LYS D 155 19.71 11.59 46.92
C LYS D 155 18.58 10.56 46.93
N ASP D 156 18.39 9.94 45.76
CA ASP D 156 17.64 8.72 45.63
C ASP D 156 16.18 8.82 46.08
N TYR D 157 15.50 9.84 45.60
CA TYR D 157 14.08 10.00 45.83
C TYR D 157 13.29 9.76 44.53
N PHE D 158 11.98 9.57 44.69
CA PHE D 158 11.08 9.38 43.59
C PHE D 158 9.69 9.47 44.18
N PRO D 159 8.76 10.15 43.50
CA PRO D 159 8.97 10.88 42.25
C PRO D 159 9.20 12.36 42.55
N GLU D 160 9.41 13.16 41.52
CA GLU D 160 9.48 14.60 41.67
C GLU D 160 8.13 15.17 42.17
N PRO D 161 8.17 16.37 42.78
CA PRO D 161 9.33 17.24 42.97
C PRO D 161 9.86 17.25 44.41
N VAL D 162 11.14 17.54 44.57
CA VAL D 162 11.71 17.93 45.85
C VAL D 162 11.82 19.46 45.85
N THR D 163 11.60 20.10 47.01
CA THR D 163 11.91 21.54 47.15
C THR D 163 12.82 21.85 48.36
N VAL D 164 13.71 22.82 48.19
CA VAL D 164 14.68 23.13 49.23
C VAL D 164 14.70 24.60 49.60
N SER D 165 14.57 24.90 50.89
CA SER D 165 14.80 26.25 51.39
C SER D 165 16.03 26.23 52.30
N TRP D 166 16.49 27.41 52.69
CA TRP D 166 17.59 27.53 53.63
C TRP D 166 17.19 28.39 54.81
N ASN D 167 17.53 27.91 56.01
CA ASN D 167 17.16 28.59 57.23
C ASN D 167 15.69 29.02 57.22
N SER D 168 14.83 28.06 56.86
CA SER D 168 13.38 28.30 56.78
C SER D 168 13.00 29.48 55.90
N GLY D 169 13.75 29.67 54.80
CA GLY D 169 13.47 30.76 53.88
C GLY D 169 14.16 32.07 54.20
N ALA D 170 14.76 32.19 55.38
CA ALA D 170 15.45 33.42 55.76
C ALA D 170 16.68 33.68 54.89
N LEU D 171 17.33 32.62 54.44
CA LEU D 171 18.47 32.73 53.55
C LEU D 171 18.01 32.64 52.09
N THR D 172 18.31 33.66 51.31
CA THR D 172 17.82 33.72 49.94
C THR D 172 18.92 34.15 48.97
N SER D 173 19.79 35.03 49.45
CA SER D 173 20.93 35.48 48.67
C SER D 173 21.89 34.34 48.36
N GLY D 174 22.30 34.25 47.09
CA GLY D 174 23.32 33.31 46.68
C GLY D 174 22.90 31.86 46.71
N VAL D 175 21.59 31.63 46.80
CA VAL D 175 21.02 30.29 46.84
C VAL D 175 20.71 29.77 45.45
N HIS D 176 21.13 28.56 45.15
CA HIS D 176 20.77 27.96 43.89
C HIS D 176 20.40 26.49 44.05
N THR D 177 19.15 26.14 43.75
CA THR D 177 18.74 24.75 43.76
C THR D 177 18.68 24.20 42.34
N PHE D 178 19.47 23.19 42.07
CA PHE D 178 19.60 22.66 40.73
C PHE D 178 18.41 21.82 40.27
N PRO D 179 18.35 21.56 38.96
CA PRO D 179 17.31 20.60 38.56
C PRO D 179 17.80 19.20 38.90
N ALA D 180 16.87 18.29 39.15
CA ALA D 180 17.18 16.89 39.39
C ALA D 180 17.74 16.21 38.15
N VAL D 181 18.66 15.27 38.37
CA VAL D 181 18.99 14.24 37.39
C VAL D 181 18.28 12.92 37.75
N LEU D 182 17.92 12.15 36.74
CA LEU D 182 17.38 10.80 36.90
C LEU D 182 18.50 9.78 36.70
N GLN D 183 18.79 9.01 37.73
CA GLN D 183 19.92 8.09 37.65
C GLN D 183 19.57 6.74 37.03
N SER D 184 20.60 5.98 36.67
CA SER D 184 20.44 4.66 36.07
C SER D 184 19.59 3.74 36.93
N SER D 185 19.59 3.98 38.24
CA SER D 185 18.75 3.28 39.20
C SER D 185 17.26 3.65 39.14
N GLY D 186 16.89 4.63 38.32
CA GLY D 186 15.52 5.10 38.28
C GLY D 186 15.13 6.06 39.39
N LEU D 187 16.11 6.52 40.18
CA LEU D 187 15.82 7.48 41.24
C LEU D 187 16.43 8.87 40.99
N TYR D 188 15.76 9.90 41.48
CA TYR D 188 16.23 11.27 41.31
C TYR D 188 17.29 11.67 42.33
N SER D 189 18.03 12.71 42.00
CA SER D 189 18.93 13.37 42.94
C SER D 189 19.03 14.84 42.57
N LEU D 190 19.01 15.73 43.57
CA LEU D 190 19.36 17.12 43.30
C LEU D 190 20.36 17.68 44.32
N SER D 191 20.87 18.88 44.06
CA SER D 191 21.65 19.59 45.04
C SER D 191 21.09 20.98 45.22
N SER D 192 21.26 21.53 46.43
CA SER D 192 20.97 22.92 46.65
C SER D 192 22.21 23.54 47.27
N VAL D 193 22.65 24.67 46.72
CA VAL D 193 23.93 25.24 47.10
C VAL D 193 23.76 26.70 47.51
N VAL D 194 24.61 27.18 48.41
CA VAL D 194 24.59 28.58 48.77
C VAL D 194 26.00 29.12 48.92
N THR D 195 26.26 30.26 48.28
CA THR D 195 27.56 30.91 48.35
C THR D 195 27.48 31.94 49.45
N VAL D 196 28.47 31.91 50.35
CA VAL D 196 28.44 32.74 51.54
C VAL D 196 29.84 33.30 51.82
N PRO D 197 29.90 34.38 52.62
CA PRO D 197 31.20 34.91 53.06
C PRO D 197 31.94 33.91 53.96
N SER D 198 33.21 33.67 53.64
CA SER D 198 34.05 32.78 54.43
C SER D 198 34.03 33.21 55.90
N SER D 199 33.98 34.52 56.11
CA SER D 199 34.03 35.11 57.44
C SER D 199 32.78 34.86 58.30
N SER D 200 31.83 34.10 57.78
CA SER D 200 30.61 33.79 58.54
C SER D 200 30.51 32.31 58.93
N LEU D 201 31.39 31.47 58.38
CA LEU D 201 31.31 30.03 58.56
C LEU D 201 31.35 29.60 60.03
N GLY D 202 32.01 30.40 60.86
CA GLY D 202 32.15 30.08 62.26
C GLY D 202 30.90 30.44 63.05
N THR D 203 30.30 31.58 62.77
CA THR D 203 29.18 32.03 63.58
C THR D 203 27.78 31.77 63.01
N GLN D 204 27.64 31.74 61.69
CA GLN D 204 26.32 31.60 61.07
C GLN D 204 25.89 30.14 61.00
N THR D 205 24.64 29.87 61.35
CA THR D 205 24.09 28.54 61.24
C THR D 205 23.40 28.35 59.88
N TYR D 206 23.78 27.29 59.16
CA TYR D 206 23.20 26.99 57.86
C TYR D 206 22.48 25.65 57.83
N ILE D 207 21.16 25.73 57.66
CA ILE D 207 20.29 24.55 57.66
C ILE D 207 19.50 24.49 56.39
N CYS D 208 19.63 23.40 55.63
CA CYS D 208 18.74 23.24 54.49
C CYS D 208 17.47 22.51 54.92
N ASN D 209 16.34 23.03 54.47
CA ASN D 209 15.06 22.38 54.68
C ASN D 209 14.56 21.75 53.38
N VAL D 210 14.62 20.41 53.33
CA VAL D 210 14.25 19.63 52.16
C VAL D 210 12.86 19.02 52.30
N ASN D 211 11.95 19.39 51.38
CA ASN D 211 10.57 18.89 51.41
C ASN D 211 10.28 17.97 50.23
N HIS D 212 9.86 16.75 50.54
CA HIS D 212 9.43 15.83 49.50
C HIS D 212 7.99 15.45 49.76
N LYS D 213 7.06 16.25 49.24
CA LYS D 213 5.63 16.03 49.43
C LYS D 213 5.07 14.65 49.00
N PRO D 214 5.52 14.10 47.87
CA PRO D 214 5.06 12.74 47.52
C PRO D 214 5.29 11.65 48.59
N SER D 215 6.31 11.80 49.44
CA SER D 215 6.68 10.86 50.52
C SER D 215 6.17 11.32 51.88
N ASN D 216 5.57 12.51 51.92
CA ASN D 216 5.28 13.15 53.19
C ASN D 216 6.54 13.21 54.09
N THR D 217 7.68 13.63 53.52
CA THR D 217 8.94 13.66 54.23
C THR D 217 9.54 15.06 54.29
N LYS D 218 9.97 15.47 55.47
CA LYS D 218 10.77 16.69 55.60
C LYS D 218 12.04 16.36 56.34
N VAL D 219 13.16 16.78 55.76
CA VAL D 219 14.47 16.60 56.39
C VAL D 219 15.15 17.95 56.58
N ASP D 220 15.61 18.22 57.80
CA ASP D 220 16.46 19.37 58.11
C ASP D 220 17.88 18.88 58.30
N LYS D 221 18.83 19.53 57.64
CA LYS D 221 20.22 19.14 57.74
C LYS D 221 21.07 20.37 58.01
N LYS D 222 21.68 20.44 59.18
CA LYS D 222 22.61 21.54 59.44
C LYS D 222 23.91 21.16 58.79
N VAL D 223 24.47 22.05 57.99
CA VAL D 223 25.75 21.72 57.39
C VAL D 223 26.85 22.62 57.91
N GLU D 224 27.94 21.99 58.35
CA GLU D 224 29.03 22.69 59.02
C GLU D 224 30.38 22.50 58.34
N PRO D 225 31.29 23.45 58.51
CA PRO D 225 32.69 23.36 58.04
C PRO D 225 33.38 22.05 58.39
N LYS D 226 34.24 21.61 57.47
CA LYS D 226 35.09 20.41 57.53
C LYS D 226 34.81 19.45 56.37
N GLN E 1 3.28 12.44 -23.34
CA GLN E 1 2.89 11.23 -24.04
C GLN E 1 3.00 11.30 -25.58
N SER E 2 3.79 12.22 -26.10
CA SER E 2 4.30 12.05 -27.46
C SER E 2 5.47 11.08 -27.35
N ALA E 3 5.68 10.25 -28.36
CA ALA E 3 6.80 9.31 -28.33
C ALA E 3 8.09 10.10 -28.23
N LEU E 4 9.11 9.51 -27.61
CA LEU E 4 10.44 10.10 -27.60
C LEU E 4 10.96 10.17 -29.05
N THR E 5 11.62 11.26 -29.40
CA THR E 5 12.00 11.50 -30.79
C THR E 5 13.30 10.81 -31.19
N GLN E 6 13.21 9.90 -32.15
CA GLN E 6 14.36 9.20 -32.71
C GLN E 6 14.40 9.43 -34.21
N PRO E 7 15.59 9.36 -34.81
CA PRO E 7 15.59 9.40 -36.27
C PRO E 7 14.95 8.15 -36.83
N ALA E 8 14.22 8.28 -37.92
CA ALA E 8 13.55 7.14 -38.54
C ALA E 8 14.55 6.11 -39.06
N SER E 9 15.71 6.58 -39.49
CA SER E 9 16.57 5.72 -40.27
C SER E 9 18.05 6.13 -40.16
N VAL E 10 18.92 5.15 -39.95
CA VAL E 10 20.35 5.38 -39.80
C VAL E 10 21.08 4.20 -40.42
N SER E 11 22.08 4.46 -41.27
CA SER E 11 22.79 3.37 -41.91
C SER E 11 24.31 3.53 -41.84
N GLY E 12 25.01 2.41 -42.00
CA GLY E 12 26.45 2.38 -41.90
C GLY E 12 27.00 1.15 -42.60
N SER E 13 28.28 1.18 -42.94
CA SER E 13 28.89 0.03 -43.59
C SER E 13 29.38 -0.92 -42.54
N PRO E 14 29.57 -2.20 -42.89
CA PRO E 14 30.19 -3.12 -41.93
C PRO E 14 31.54 -2.58 -41.49
N GLY E 15 31.74 -2.42 -40.18
CA GLY E 15 33.00 -1.95 -39.64
C GLY E 15 32.90 -0.55 -39.08
N GLN E 16 31.93 0.21 -39.57
CA GLN E 16 31.74 1.59 -39.15
C GLN E 16 31.14 1.72 -37.77
N SER E 17 30.99 2.96 -37.31
CA SER E 17 30.25 3.25 -36.10
C SER E 17 29.07 4.14 -36.44
N ILE E 18 27.90 3.80 -35.94
CA ILE E 18 26.76 4.68 -36.06
C ILE E 18 26.29 5.08 -34.69
N THR E 19 25.51 6.15 -34.62
CA THR E 19 24.95 6.61 -33.37
C THR E 19 23.47 6.96 -33.57
N ILE E 20 22.62 6.50 -32.67
CA ILE E 20 21.20 6.84 -32.70
C ILE E 20 20.86 7.78 -31.57
N SER E 21 20.14 8.84 -31.87
CA SER E 21 19.67 9.75 -30.83
C SER E 21 18.25 9.45 -30.38
N CYS E 22 17.95 9.91 -29.18
CA CYS E 22 16.64 9.76 -28.57
C CYS E 22 16.39 11.00 -27.70
N THR E 23 15.51 11.87 -28.15
CA THR E 23 15.34 13.17 -27.52
C THR E 23 14.03 13.29 -26.77
N GLY E 24 14.10 13.62 -25.49
CA GLY E 24 12.91 13.81 -24.67
C GLY E 24 12.78 15.24 -24.17
N THR E 25 12.30 15.38 -22.94
CA THR E 25 12.13 16.68 -22.32
C THR E 25 12.55 16.51 -20.88
N THR E 26 12.46 17.57 -20.07
CA THR E 26 12.87 17.45 -18.68
C THR E 26 11.85 16.63 -17.88
N SER E 27 10.71 16.33 -18.49
CA SER E 27 9.71 15.47 -17.87
C SER E 27 10.10 13.99 -17.90
N ASP E 28 11.20 13.67 -18.59
CA ASP E 28 11.66 12.30 -18.67
C ASP E 28 13.19 12.14 -18.79
N VAL E 29 13.71 12.17 -20.01
CA VAL E 29 15.15 11.96 -20.25
C VAL E 29 15.99 13.02 -19.54
N GLY E 30 15.45 14.22 -19.42
CA GLY E 30 16.17 15.34 -18.82
C GLY E 30 16.44 15.25 -17.32
N THR E 31 15.57 14.58 -16.58
CA THR E 31 15.78 14.54 -15.14
C THR E 31 15.95 13.14 -14.54
N TYR E 32 15.89 12.10 -15.37
CA TYR E 32 16.11 10.74 -14.87
C TYR E 32 17.09 9.98 -15.72
N ASN E 33 17.95 9.18 -15.09
CA ASN E 33 18.90 8.34 -15.82
C ASN E 33 18.42 6.90 -15.98
N PHE E 34 17.10 6.74 -16.16
CA PHE E 34 16.50 5.44 -16.32
C PHE E 34 16.04 5.35 -17.75
N VAL E 35 17.01 5.35 -18.63
CA VAL E 35 16.80 5.30 -20.06
C VAL E 35 17.28 3.95 -20.50
N SER E 36 16.49 3.25 -21.29
CA SER E 36 16.93 1.93 -21.71
C SER E 36 16.78 1.80 -23.21
N TRP E 37 17.52 0.87 -23.80
CA TRP E 37 17.47 0.64 -25.25
C TRP E 37 17.17 -0.81 -25.55
N TYR E 38 16.39 -1.02 -26.61
CA TYR E 38 15.99 -2.36 -26.99
C TYR E 38 16.20 -2.60 -28.47
N GLN E 39 16.53 -3.84 -28.81
CA GLN E 39 16.76 -4.25 -30.17
C GLN E 39 15.64 -5.19 -30.61
N GLN E 40 15.08 -4.96 -31.79
CA GLN E 40 14.06 -5.87 -32.32
C GLN E 40 14.36 -6.31 -33.76
N HIS E 41 14.59 -7.60 -33.97
CA HIS E 41 14.62 -8.12 -35.33
C HIS E 41 13.19 -8.36 -35.84
N PRO E 42 12.96 -8.23 -37.15
CA PRO E 42 11.61 -8.35 -37.72
C PRO E 42 10.89 -9.62 -37.27
N GLY E 43 9.68 -9.47 -36.73
CA GLY E 43 8.91 -10.60 -36.26
C GLY E 43 9.41 -11.24 -34.97
N LYS E 44 10.41 -10.64 -34.34
CA LYS E 44 10.89 -11.16 -33.07
C LYS E 44 10.58 -10.20 -31.92
N ALA E 45 10.73 -10.68 -30.68
CA ALA E 45 10.48 -9.84 -29.50
C ALA E 45 11.65 -8.90 -29.28
N PRO E 46 11.38 -7.69 -28.74
CA PRO E 46 12.44 -6.78 -28.34
C PRO E 46 13.36 -7.48 -27.38
N LYS E 47 14.64 -7.12 -27.39
CA LYS E 47 15.66 -7.64 -26.49
C LYS E 47 16.42 -6.51 -25.82
N ALA E 48 16.57 -6.57 -24.50
CA ALA E 48 17.30 -5.51 -23.79
C ALA E 48 18.78 -5.44 -24.18
N ILE E 49 19.26 -4.27 -24.60
CA ILE E 49 20.68 -4.09 -24.84
C ILE E 49 21.36 -3.09 -23.88
N ILE E 50 20.65 -2.06 -23.46
CA ILE E 50 21.22 -1.07 -22.58
C ILE E 50 20.19 -0.62 -21.57
N PHE E 51 20.58 -0.56 -20.30
CA PHE E 51 19.70 0.00 -19.28
C PHE E 51 20.40 1.08 -18.45
N ASP E 52 19.59 1.89 -17.77
CA ASP E 52 20.06 3.04 -16.99
C ASP E 52 21.19 3.79 -17.71
N VAL E 53 20.88 4.23 -18.92
CA VAL E 53 21.80 5.03 -19.75
C VAL E 53 23.04 4.33 -20.28
N THR E 54 23.74 3.57 -19.44
CA THR E 54 25.08 3.09 -19.79
C THR E 54 25.35 1.60 -19.57
N ASN E 55 24.55 0.94 -18.75
CA ASN E 55 24.84 -0.44 -18.40
C ASN E 55 24.38 -1.46 -19.44
N ARG E 56 25.22 -2.44 -19.70
CA ARG E 56 24.89 -3.55 -20.58
C ARG E 56 24.61 -4.77 -19.74
N PRO E 57 23.49 -5.44 -20.02
CA PRO E 57 23.28 -6.77 -19.44
C PRO E 57 24.34 -7.75 -19.94
N SER E 58 24.50 -8.86 -19.25
CA SER E 58 25.41 -9.89 -19.70
C SER E 58 24.97 -10.42 -21.05
N GLY E 59 25.94 -10.83 -21.87
CA GLY E 59 25.65 -11.40 -23.16
C GLY E 59 25.72 -10.37 -24.26
N ILE E 60 25.49 -9.11 -23.90
CA ILE E 60 25.45 -8.03 -24.88
C ILE E 60 26.86 -7.53 -25.19
N SER E 61 27.19 -7.55 -26.48
CA SER E 61 28.49 -7.10 -26.95
C SER E 61 28.81 -5.68 -26.46
N ASN E 62 30.07 -5.45 -26.10
CA ASN E 62 30.46 -4.11 -25.65
C ASN E 62 30.66 -3.14 -26.81
N ARG E 63 30.41 -3.62 -28.03
CA ARG E 63 30.31 -2.74 -29.19
C ARG E 63 29.13 -1.79 -29.03
N PHE E 64 28.13 -2.22 -28.27
CA PHE E 64 26.97 -1.38 -27.97
C PHE E 64 27.28 -0.55 -26.73
N SER E 65 26.98 0.74 -26.78
CA SER E 65 27.21 1.61 -25.64
C SER E 65 26.23 2.76 -25.67
N GLY E 66 25.99 3.34 -24.50
CA GLY E 66 24.95 4.35 -24.37
C GLY E 66 25.41 5.54 -23.56
N SER E 67 24.81 6.69 -23.83
CA SER E 67 25.17 7.88 -23.09
C SER E 67 24.04 8.90 -23.14
N LYS E 68 24.16 9.95 -22.33
CA LYS E 68 23.10 10.93 -22.21
C LYS E 68 23.66 12.32 -21.97
N PHE E 69 23.00 13.33 -22.55
CA PHE E 69 23.38 14.71 -22.37
C PHE E 69 22.16 15.60 -22.56
N GLY E 70 21.79 16.37 -21.53
CA GLY E 70 20.61 17.19 -21.64
C GLY E 70 19.38 16.31 -21.82
N ASN E 71 18.57 16.63 -22.82
CA ASN E 71 17.34 15.88 -23.09
C ASN E 71 17.51 14.84 -24.18
N THR E 72 18.74 14.45 -24.46
CA THR E 72 19.01 13.50 -25.53
C THR E 72 19.88 12.36 -25.03
N ALA E 73 19.44 11.13 -25.27
CA ALA E 73 20.25 9.95 -24.98
C ALA E 73 20.74 9.39 -26.32
N SER E 74 21.81 8.61 -26.29
CA SER E 74 22.39 8.11 -27.52
C SER E 74 22.85 6.68 -27.41
N LEU E 75 22.67 5.95 -28.50
CA LEU E 75 23.14 4.58 -28.60
C LEU E 75 24.19 4.52 -29.67
N THR E 76 25.36 4.01 -29.33
CA THR E 76 26.45 3.90 -30.28
C THR E 76 26.82 2.45 -30.52
N ILE E 77 26.90 2.06 -31.80
CA ILE E 77 27.32 0.72 -32.19
C ILE E 77 28.62 0.84 -32.95
N SER E 78 29.67 0.16 -32.49
CA SER E 78 30.95 0.23 -33.20
C SER E 78 31.22 -1.09 -33.90
N GLY E 79 32.03 -1.04 -34.96
CA GLY E 79 32.31 -2.21 -35.77
C GLY E 79 31.06 -2.97 -36.21
N LEU E 80 30.16 -2.25 -36.86
CA LEU E 80 28.90 -2.82 -37.33
C LEU E 80 29.07 -4.19 -37.94
N GLN E 81 28.24 -5.12 -37.50
CA GLN E 81 28.18 -6.42 -38.12
C GLN E 81 26.79 -6.55 -38.75
N ALA E 82 26.66 -7.45 -39.73
CA ALA E 82 25.40 -7.70 -40.41
C ALA E 82 24.29 -8.00 -39.40
N GLU E 83 24.64 -8.77 -38.37
CA GLU E 83 23.76 -9.15 -37.29
C GLU E 83 23.13 -7.94 -36.57
N ASP E 84 23.74 -6.76 -36.69
CA ASP E 84 23.27 -5.57 -35.95
C ASP E 84 22.06 -4.92 -36.63
N GLU E 85 21.82 -5.26 -37.88
CA GLU E 85 20.68 -4.68 -38.60
C GLU E 85 19.37 -5.05 -37.92
N ALA E 86 18.59 -4.05 -37.55
CA ALA E 86 17.40 -4.22 -36.70
C ALA E 86 16.73 -2.88 -36.44
N ASP E 87 15.61 -2.90 -35.69
CA ASP E 87 15.01 -1.68 -35.13
C ASP E 87 15.50 -1.44 -33.71
N TYR E 88 15.68 -0.18 -33.35
CA TYR E 88 16.14 0.15 -32.01
C TYR E 88 15.19 1.15 -31.38
N TYR E 89 14.82 0.87 -30.14
CA TYR E 89 13.91 1.73 -29.41
C TYR E 89 14.57 2.14 -28.12
N CYS E 90 14.40 3.42 -27.78
CA CYS E 90 14.75 3.88 -26.43
C CYS E 90 13.48 4.00 -25.60
N ALA E 91 13.63 4.02 -24.27
CA ALA E 91 12.52 4.28 -23.38
C ALA E 91 13.03 4.99 -22.13
N ALA E 92 12.27 5.96 -21.66
CA ALA E 92 12.67 6.72 -20.49
C ALA E 92 11.58 6.69 -19.44
N TYR E 93 11.99 6.60 -18.18
CA TYR E 93 11.11 6.80 -17.03
C TYR E 93 10.66 8.26 -17.05
N THR E 94 9.42 8.52 -16.64
CA THR E 94 8.89 9.88 -16.63
C THR E 94 8.51 10.34 -15.22
N VAL E 95 8.15 11.61 -15.08
CA VAL E 95 7.74 12.16 -13.77
C VAL E 95 6.37 11.65 -13.33
N ALA E 96 5.64 11.03 -14.24
CA ALA E 96 4.35 10.42 -13.94
C ALA E 96 4.49 8.96 -13.52
N SER E 97 5.73 8.50 -13.33
CA SER E 97 6.02 7.09 -13.04
C SER E 97 5.60 6.14 -14.15
N THR E 98 5.54 6.66 -15.37
CA THR E 98 5.27 5.82 -16.52
C THR E 98 6.58 5.53 -17.25
N LEU E 99 6.53 4.62 -18.22
CA LEU E 99 7.67 4.35 -19.07
C LEU E 99 7.28 4.86 -20.45
N LEU E 100 8.16 5.60 -21.10
CA LEU E 100 7.85 6.18 -22.41
C LEU E 100 8.82 5.75 -23.49
N PHE E 101 8.33 5.08 -24.53
CA PHE E 101 9.17 4.63 -25.64
C PHE E 101 9.37 5.67 -26.74
N GLY E 102 10.54 5.62 -27.38
CA GLY E 102 10.77 6.36 -28.62
C GLY E 102 10.05 5.77 -29.82
N GLY E 103 10.04 6.51 -30.93
CA GLY E 103 9.37 6.05 -32.13
C GLY E 103 10.15 4.99 -32.87
N GLY E 104 11.38 4.71 -32.42
CA GLY E 104 12.17 3.65 -33.03
C GLY E 104 12.99 4.08 -34.24
N THR E 105 14.15 3.43 -34.41
CA THR E 105 15.04 3.71 -35.52
C THR E 105 15.34 2.45 -36.33
N LYS E 106 15.26 2.55 -37.65
CA LYS E 106 15.67 1.46 -38.51
C LYS E 106 17.18 1.58 -38.73
N VAL E 107 17.94 0.61 -38.25
CA VAL E 107 19.37 0.56 -38.52
C VAL E 107 19.68 -0.41 -39.66
N THR E 108 20.27 0.12 -40.73
CA THR E 108 20.61 -0.70 -41.87
C THR E 108 22.11 -0.86 -41.93
N VAL E 109 22.55 -2.09 -42.09
CA VAL E 109 23.94 -2.37 -42.36
C VAL E 109 24.09 -2.48 -43.88
N LEU E 110 24.77 -1.52 -44.50
CA LEU E 110 24.79 -1.41 -45.95
C LEU E 110 25.48 -2.59 -46.64
N ARG E 111 24.69 -3.45 -47.28
CA ARG E 111 25.28 -4.54 -48.04
C ARG E 111 24.92 -4.47 -49.54
N GLN E 112 24.24 -3.40 -49.93
CA GLN E 112 23.96 -3.16 -51.35
C GLN E 112 23.93 -1.64 -51.67
N PRO E 113 23.87 -1.28 -52.96
CA PRO E 113 23.88 0.17 -53.26
C PRO E 113 22.62 0.88 -52.79
N LYS E 114 22.70 2.20 -52.56
CA LYS E 114 21.50 2.96 -52.25
C LYS E 114 20.67 3.09 -53.50
N ALA E 115 19.35 2.92 -53.36
CA ALA E 115 18.45 2.99 -54.49
C ALA E 115 17.20 3.80 -54.15
N ALA E 116 16.86 4.73 -55.04
CA ALA E 116 15.68 5.56 -54.89
C ALA E 116 14.47 4.78 -55.35
N PRO E 117 13.30 5.05 -54.72
CA PRO E 117 12.07 4.37 -55.06
C PRO E 117 11.55 4.75 -56.45
N SER E 118 11.01 3.77 -57.17
CA SER E 118 10.12 4.04 -58.28
C SER E 118 8.73 4.11 -57.67
N VAL E 119 7.90 4.99 -58.19
CA VAL E 119 6.54 5.14 -57.70
C VAL E 119 5.55 5.06 -58.85
N THR E 120 4.58 4.16 -58.75
CA THR E 120 3.50 4.11 -59.71
C THR E 120 2.20 4.46 -59.01
N LEU E 121 1.46 5.40 -59.58
CA LEU E 121 0.21 5.83 -58.96
C LEU E 121 -0.98 5.41 -59.81
N PHE E 122 -1.76 4.45 -59.31
CA PHE E 122 -3.00 4.01 -59.96
C PHE E 122 -4.20 4.78 -59.44
N PRO E 123 -4.98 5.36 -60.36
CA PRO E 123 -6.26 5.97 -60.04
C PRO E 123 -7.28 4.87 -59.75
N PRO E 124 -8.47 5.22 -59.21
CA PRO E 124 -9.47 4.17 -59.00
C PRO E 124 -9.84 3.55 -60.32
N SER E 125 -9.96 2.23 -60.37
CA SER E 125 -10.47 1.56 -61.56
C SER E 125 -11.92 1.96 -61.82
N SER E 126 -12.41 1.74 -63.03
CA SER E 126 -13.79 2.10 -63.32
C SER E 126 -14.80 1.20 -62.59
N GLU E 127 -14.45 -0.08 -62.44
CA GLU E 127 -15.29 -1.03 -61.72
C GLU E 127 -15.50 -0.63 -60.27
N GLU E 128 -14.43 -0.24 -59.58
CA GLU E 128 -14.57 0.18 -58.18
C GLU E 128 -15.44 1.41 -58.07
N LEU E 129 -15.43 2.24 -59.10
CA LEU E 129 -16.24 3.46 -59.06
C LEU E 129 -17.71 3.14 -59.25
N GLN E 130 -17.98 2.02 -59.94
CA GLN E 130 -19.33 1.51 -60.10
C GLN E 130 -19.88 0.95 -58.78
N ALA E 131 -18.97 0.63 -57.87
CA ALA E 131 -19.36 0.09 -56.55
C ALA E 131 -19.39 1.20 -55.51
N ASN E 132 -19.38 2.44 -55.97
CA ASN E 132 -19.49 3.59 -55.09
C ASN E 132 -18.32 3.70 -54.10
N LYS E 133 -17.12 3.35 -54.58
CA LYS E 133 -15.90 3.48 -53.80
C LYS E 133 -14.76 4.03 -54.65
N ALA E 134 -13.66 4.41 -54.01
CA ALA E 134 -12.53 5.00 -54.72
C ALA E 134 -11.23 4.93 -53.90
N THR E 135 -10.30 4.12 -54.37
CA THR E 135 -9.00 3.96 -53.72
C THR E 135 -7.90 4.36 -54.66
N LEU E 136 -7.01 5.23 -54.19
CA LEU E 136 -5.79 5.52 -54.93
C LEU E 136 -4.69 4.61 -54.41
N VAL E 137 -3.90 4.04 -55.30
CA VAL E 137 -2.89 3.08 -54.89
C VAL E 137 -1.51 3.51 -55.35
N CYS E 138 -0.67 3.77 -54.37
CA CYS E 138 0.69 4.21 -54.63
C CYS E 138 1.64 3.02 -54.36
N LEU E 139 2.23 2.51 -55.43
CA LEU E 139 3.18 1.41 -55.34
C LEU E 139 4.60 1.98 -55.31
N ILE E 140 5.33 1.67 -54.25
CA ILE E 140 6.70 2.14 -54.06
C ILE E 140 7.63 0.96 -54.13
N SER E 141 8.47 0.90 -55.16
CA SER E 141 9.29 -0.30 -55.36
C SER E 141 10.78 -0.04 -55.56
N ASP E 142 11.56 -1.10 -55.43
CA ASP E 142 13.01 -1.10 -55.70
C ASP E 142 13.85 -0.08 -54.93
N PHE E 143 13.63 0.09 -53.63
CA PHE E 143 14.45 1.03 -52.88
C PHE E 143 15.32 0.41 -51.77
N TYR E 144 16.37 1.13 -51.38
CA TYR E 144 17.30 0.70 -50.32
C TYR E 144 18.09 1.90 -49.81
N PRO E 145 18.18 2.07 -48.49
CA PRO E 145 17.65 1.21 -47.42
C PRO E 145 16.12 1.23 -47.37
N GLY E 146 15.52 0.40 -46.51
CA GLY E 146 14.09 0.18 -46.48
C GLY E 146 13.28 1.07 -45.55
N ALA E 147 13.38 2.38 -45.74
CA ALA E 147 12.62 3.33 -44.96
C ALA E 147 12.11 4.45 -45.86
N VAL E 148 10.84 4.81 -45.71
CA VAL E 148 10.27 5.91 -46.47
C VAL E 148 9.17 6.56 -45.66
N THR E 149 8.78 7.77 -46.05
CA THR E 149 7.56 8.36 -45.54
C THR E 149 6.73 8.78 -46.76
N VAL E 150 5.43 8.59 -46.68
CA VAL E 150 4.52 8.92 -47.79
C VAL E 150 3.57 10.05 -47.40
N ALA E 151 3.42 11.03 -48.30
CA ALA E 151 2.45 12.10 -48.10
C ALA E 151 1.48 12.21 -49.27
N TRP E 152 0.19 12.35 -48.99
CA TRP E 152 -0.82 12.54 -50.03
C TRP E 152 -1.27 14.00 -50.14
N LYS E 153 -1.57 14.44 -51.36
CA LYS E 153 -2.02 15.81 -51.60
C LYS E 153 -3.25 15.89 -52.50
N ALA E 154 -4.35 16.43 -51.97
CA ALA E 154 -5.50 16.78 -52.78
C ALA E 154 -5.22 18.10 -53.51
N ASP E 155 -5.22 18.05 -54.84
CA ASP E 155 -4.76 19.18 -55.65
C ASP E 155 -3.35 19.58 -55.24
N SER E 156 -3.26 20.66 -54.48
CA SER E 156 -1.97 21.13 -53.99
C SER E 156 -2.00 21.14 -52.47
N SER E 157 -3.18 20.90 -51.92
CA SER E 157 -3.40 20.89 -50.48
C SER E 157 -3.15 19.48 -49.91
N PRO E 158 -2.60 19.38 -48.68
CA PRO E 158 -2.32 18.11 -48.00
C PRO E 158 -3.58 17.35 -47.54
N VAL E 159 -3.45 16.03 -47.37
CA VAL E 159 -4.56 15.18 -46.94
C VAL E 159 -4.09 14.06 -46.03
N LYS E 160 -4.68 13.97 -44.85
CA LYS E 160 -4.24 12.99 -43.85
C LYS E 160 -5.22 11.85 -43.69
N ALA E 161 -6.47 12.11 -44.06
CA ALA E 161 -7.58 11.18 -43.78
C ALA E 161 -7.75 10.09 -44.84
N GLY E 162 -8.01 8.87 -44.39
CA GLY E 162 -8.22 7.76 -45.29
C GLY E 162 -6.94 7.14 -45.81
N VAL E 163 -5.80 7.61 -45.31
CA VAL E 163 -4.51 7.10 -45.73
C VAL E 163 -4.13 5.90 -44.89
N GLU E 164 -3.76 4.81 -45.54
CA GLU E 164 -3.10 3.68 -44.89
C GLU E 164 -1.80 3.41 -45.64
N THR E 165 -0.75 3.00 -44.93
CA THR E 165 0.53 2.77 -45.56
C THR E 165 1.19 1.54 -44.91
N THR E 166 1.67 0.61 -45.72
CA THR E 166 2.34 -0.57 -45.17
C THR E 166 3.75 -0.15 -44.85
N THR E 167 4.47 -0.97 -44.09
CA THR E 167 5.87 -0.66 -43.83
C THR E 167 6.68 -1.57 -44.72
N PRO E 168 7.82 -1.07 -45.19
CA PRO E 168 8.64 -1.73 -46.22
C PRO E 168 9.01 -3.17 -45.90
N SER E 169 8.98 -4.00 -46.93
CA SER E 169 9.52 -5.35 -46.84
C SER E 169 10.18 -5.71 -48.16
N LYS E 170 10.90 -6.84 -48.15
CA LYS E 170 11.77 -7.19 -49.26
C LYS E 170 11.08 -7.86 -50.44
N GLN E 171 11.49 -7.41 -51.61
CA GLN E 171 11.11 -8.01 -52.87
C GLN E 171 12.03 -9.19 -53.13
N SER E 172 11.72 -9.99 -54.14
CA SER E 172 12.49 -11.18 -54.44
C SER E 172 13.86 -10.84 -55.01
N ASN E 173 14.07 -9.57 -55.36
CA ASN E 173 15.37 -9.09 -55.83
C ASN E 173 16.22 -8.43 -54.74
N ASN E 174 15.72 -8.50 -53.51
CA ASN E 174 16.39 -7.98 -52.30
C ASN E 174 16.33 -6.47 -52.01
N LYS E 175 15.71 -5.70 -52.89
CA LYS E 175 15.40 -4.33 -52.55
C LYS E 175 14.04 -4.30 -51.85
N TYR E 176 13.61 -3.11 -51.42
CA TYR E 176 12.38 -3.00 -50.64
C TYR E 176 11.20 -2.53 -51.46
N ALA E 177 10.00 -2.88 -51.01
CA ALA E 177 8.77 -2.35 -51.61
C ALA E 177 7.83 -1.89 -50.51
N ALA E 178 6.97 -0.94 -50.82
CA ALA E 178 5.96 -0.51 -49.88
C ALA E 178 4.71 -0.04 -50.62
N SER E 179 3.63 0.14 -49.88
CA SER E 179 2.37 0.56 -50.48
C SER E 179 1.62 1.52 -49.58
N SER E 180 0.89 2.43 -50.20
CA SER E 180 0.07 3.40 -49.50
C SER E 180 -1.30 3.51 -50.21
N TYR E 181 -2.38 3.69 -49.44
CA TYR E 181 -3.72 3.75 -50.00
C TYR E 181 -4.42 5.05 -49.64
N LEU E 182 -5.08 5.65 -50.61
CA LEU E 182 -5.94 6.79 -50.31
C LEU E 182 -7.39 6.47 -50.64
N SER E 183 -8.21 6.35 -49.60
CA SER E 183 -9.65 6.12 -49.77
C SER E 183 -10.43 7.43 -49.92
N LEU E 184 -11.11 7.59 -51.04
CA LEU E 184 -11.97 8.75 -51.27
C LEU E 184 -13.36 8.25 -51.67
N THR E 185 -14.36 9.10 -51.53
CA THR E 185 -15.66 8.84 -52.12
C THR E 185 -15.53 9.17 -53.61
N PRO E 186 -16.41 8.60 -54.45
CA PRO E 186 -16.36 8.96 -55.87
C PRO E 186 -16.61 10.45 -56.12
N GLU E 187 -17.25 11.14 -55.17
CA GLU E 187 -17.50 12.58 -55.26
C GLU E 187 -16.23 13.40 -55.07
N GLN E 188 -15.54 13.18 -53.95
CA GLN E 188 -14.30 13.90 -53.71
C GLN E 188 -13.23 13.63 -54.80
N TRP E 189 -13.20 12.41 -55.34
CA TRP E 189 -12.30 12.09 -56.45
C TRP E 189 -12.59 12.90 -57.73
N LYS E 190 -13.86 12.98 -58.11
CA LYS E 190 -14.25 13.72 -59.31
C LYS E 190 -14.12 15.24 -59.15
N SER E 191 -14.34 15.72 -57.93
CA SER E 191 -14.36 17.17 -57.67
C SER E 191 -12.97 17.81 -57.75
N HIS E 192 -11.96 17.13 -57.23
CA HIS E 192 -10.59 17.65 -57.26
C HIS E 192 -9.94 17.46 -58.64
N ARG E 193 -8.98 18.33 -58.96
CA ARG E 193 -8.31 18.35 -60.27
C ARG E 193 -7.18 17.32 -60.41
N SER E 194 -6.49 17.02 -59.32
CA SER E 194 -5.48 15.98 -59.29
C SER E 194 -5.25 15.52 -57.85
N TYR E 195 -4.72 14.31 -57.71
CA TYR E 195 -4.22 13.85 -56.42
C TYR E 195 -2.77 13.44 -56.63
N SER E 196 -1.97 13.57 -55.58
CA SER E 196 -0.53 13.33 -55.69
C SER E 196 0.04 12.47 -54.57
N CYS E 197 0.85 11.50 -54.97
CA CYS E 197 1.56 10.63 -54.03
C CYS E 197 2.99 11.13 -53.88
N GLN E 198 3.39 11.44 -52.65
CA GLN E 198 4.75 11.89 -52.37
C GLN E 198 5.51 10.96 -51.45
N VAL E 199 6.57 10.38 -51.99
CA VAL E 199 7.42 9.45 -51.26
C VAL E 199 8.77 10.09 -51.00
N THR E 200 9.17 10.10 -49.73
CA THR E 200 10.47 10.65 -49.36
C THR E 200 11.39 9.54 -48.86
N HIS E 201 12.60 9.53 -49.41
CA HIS E 201 13.56 8.47 -49.14
C HIS E 201 14.96 9.04 -49.06
N GLU E 202 15.59 8.90 -47.89
CA GLU E 202 16.92 9.42 -47.63
C GLU E 202 17.02 10.91 -48.00
N GLY E 203 16.01 11.67 -47.58
CA GLY E 203 15.98 13.09 -47.82
C GLY E 203 15.71 13.54 -49.24
N SER E 204 15.31 12.61 -50.12
CA SER E 204 14.92 12.97 -51.47
C SER E 204 13.49 12.54 -51.84
N THR E 205 12.76 13.43 -52.49
CA THR E 205 11.34 13.23 -52.76
C THR E 205 11.01 12.90 -54.21
N VAL E 206 10.22 11.85 -54.40
CA VAL E 206 9.66 11.54 -55.69
C VAL E 206 8.15 11.72 -55.58
N GLU E 207 7.53 12.21 -56.67
CA GLU E 207 6.09 12.48 -56.67
C GLU E 207 5.40 12.03 -57.94
N LYS E 208 4.32 11.26 -57.77
CA LYS E 208 3.46 10.91 -58.89
C LYS E 208 2.10 11.56 -58.73
N THR E 209 1.47 11.91 -59.84
CA THR E 209 0.17 12.59 -59.81
C THR E 209 -0.84 11.89 -60.72
N VAL E 210 -2.12 11.90 -60.33
CA VAL E 210 -3.17 11.36 -61.19
C VAL E 210 -4.36 12.31 -61.29
N ALA E 211 -4.86 12.49 -62.50
CA ALA E 211 -6.07 13.28 -62.71
C ALA E 211 -7.20 12.33 -63.04
N PRO E 212 -8.45 12.73 -62.72
CA PRO E 212 -9.61 11.95 -63.20
C PRO E 212 -9.63 11.80 -64.72
N THR E 213 -10.40 12.62 -65.42
CA THR E 213 -10.46 12.55 -66.88
C THR E 213 -10.87 11.16 -67.40
N GLU F 1 16.63 -20.04 -17.09
CA GLU F 1 16.20 -19.49 -18.38
C GLU F 1 14.82 -18.87 -18.24
N VAL F 2 14.77 -17.55 -18.29
CA VAL F 2 13.51 -16.83 -18.17
C VAL F 2 12.58 -17.15 -19.34
N GLN F 3 11.33 -17.45 -19.02
CA GLN F 3 10.32 -17.74 -20.05
C GLN F 3 9.09 -16.91 -19.75
N LEU F 4 8.60 -16.23 -20.78
CA LEU F 4 7.37 -15.45 -20.64
C LEU F 4 6.44 -15.87 -21.75
N VAL F 5 5.26 -16.39 -21.38
CA VAL F 5 4.34 -16.88 -22.39
C VAL F 5 3.00 -16.17 -22.33
N GLU F 6 2.72 -15.37 -23.36
CA GLU F 6 1.46 -14.63 -23.49
C GLU F 6 0.36 -15.45 -24.16
N SER F 7 -0.90 -15.13 -23.87
CA SER F 7 -2.03 -15.66 -24.63
C SER F 7 -3.32 -14.92 -24.31
N GLY F 8 -4.40 -15.32 -24.99
CA GLY F 8 -5.68 -14.66 -24.88
C GLY F 8 -6.03 -13.79 -26.10
N GLY F 9 -5.04 -13.54 -26.95
CA GLY F 9 -5.26 -12.75 -28.15
C GLY F 9 -6.35 -13.35 -29.05
N GLY F 10 -6.99 -12.50 -29.84
CA GLY F 10 -8.06 -12.93 -30.73
C GLY F 10 -8.80 -11.71 -31.23
N VAL F 11 -9.89 -11.92 -31.96
CA VAL F 11 -10.69 -10.82 -32.50
C VAL F 11 -11.72 -10.38 -31.47
N VAL F 12 -11.99 -9.09 -31.40
CA VAL F 12 -12.95 -8.53 -30.44
C VAL F 12 -13.59 -7.28 -31.02
N GLN F 13 -14.88 -7.11 -30.78
CA GLN F 13 -15.58 -5.95 -31.28
C GLN F 13 -15.20 -4.71 -30.50
N PRO F 14 -15.21 -3.54 -31.17
CA PRO F 14 -15.11 -2.25 -30.51
C PRO F 14 -16.11 -2.15 -29.37
N GLY F 15 -15.73 -1.50 -28.27
CA GLY F 15 -16.53 -1.46 -27.05
C GLY F 15 -16.51 -2.78 -26.32
N GLY F 16 -15.85 -3.78 -26.89
CA GLY F 16 -15.82 -5.12 -26.30
C GLY F 16 -14.75 -5.29 -25.23
N SER F 17 -14.64 -6.52 -24.73
CA SER F 17 -13.73 -6.86 -23.65
C SER F 17 -12.90 -8.10 -23.95
N LEU F 18 -11.65 -8.10 -23.49
CA LEU F 18 -10.78 -9.24 -23.68
C LEU F 18 -9.73 -9.31 -22.58
N ARG F 19 -9.39 -10.51 -22.16
CA ARG F 19 -8.43 -10.64 -21.10
C ARG F 19 -7.21 -11.47 -21.47
N LEU F 20 -6.03 -10.86 -21.39
CA LEU F 20 -4.80 -11.49 -21.79
C LEU F 20 -4.11 -12.14 -20.61
N SER F 21 -3.33 -13.19 -20.90
CA SER F 21 -2.52 -13.82 -19.87
C SER F 21 -1.05 -13.87 -20.24
N CYS F 22 -0.19 -13.72 -19.25
CA CYS F 22 1.25 -13.98 -19.38
C CYS F 22 1.67 -14.93 -18.27
N VAL F 23 2.21 -16.08 -18.64
CA VAL F 23 2.69 -17.02 -17.63
C VAL F 23 4.22 -17.12 -17.64
N ALA F 24 4.80 -16.92 -16.46
CA ALA F 24 6.23 -16.79 -16.30
C ALA F 24 6.88 -17.92 -15.51
N SER F 25 8.17 -18.13 -15.77
CA SER F 25 9.03 -19.05 -15.04
C SER F 25 10.48 -18.66 -15.31
N GLY F 26 11.41 -19.13 -14.49
CA GLY F 26 12.83 -18.88 -14.74
C GLY F 26 13.43 -17.81 -13.86
N PHE F 27 12.58 -17.18 -13.06
CA PHE F 27 13.02 -16.18 -12.10
C PHE F 27 12.03 -16.25 -10.97
N SER F 28 12.31 -15.58 -9.87
CA SER F 28 11.42 -15.63 -8.71
C SER F 28 10.29 -14.60 -8.82
N PHE F 29 9.20 -15.04 -9.45
CA PHE F 29 8.11 -14.16 -9.92
C PHE F 29 7.56 -13.13 -8.93
N SER F 30 7.29 -13.56 -7.71
CA SER F 30 6.79 -12.71 -6.62
C SER F 30 7.65 -11.47 -6.32
N ASP F 31 8.93 -11.51 -6.69
CA ASP F 31 9.82 -10.41 -6.32
C ASP F 31 9.86 -9.26 -7.33
N PHE F 32 9.33 -9.46 -8.53
CA PHE F 32 9.45 -8.43 -9.58
C PHE F 32 8.14 -7.84 -10.06
N GLY F 33 8.17 -6.56 -10.43
CA GLY F 33 7.06 -5.97 -11.14
C GLY F 33 7.05 -6.53 -12.56
N MET F 34 5.91 -6.41 -13.24
CA MET F 34 5.74 -6.92 -14.59
C MET F 34 5.03 -5.87 -15.45
N ASN F 35 5.31 -5.89 -16.75
CA ASN F 35 4.78 -4.87 -17.65
C ASN F 35 4.06 -5.46 -18.83
N TRP F 36 3.10 -4.72 -19.38
CA TRP F 36 2.59 -4.99 -20.71
C TRP F 36 3.04 -3.89 -21.66
N VAL F 37 3.46 -4.29 -22.85
CA VAL F 37 3.91 -3.36 -23.88
C VAL F 37 3.31 -3.81 -25.20
N ARG F 38 2.75 -2.88 -25.96
CA ARG F 38 2.09 -3.26 -27.20
C ARG F 38 2.73 -2.64 -28.45
N GLN F 39 2.38 -3.18 -29.61
CA GLN F 39 2.95 -2.77 -30.89
C GLN F 39 1.97 -3.09 -32.01
N ALA F 40 1.30 -2.06 -32.52
CA ALA F 40 0.49 -2.22 -33.72
C ALA F 40 1.42 -2.69 -34.84
N PRO F 41 0.99 -3.67 -35.63
CA PRO F 41 1.93 -4.39 -36.51
C PRO F 41 2.58 -3.47 -37.54
N GLY F 42 3.91 -3.49 -37.59
CA GLY F 42 4.65 -2.64 -38.50
C GLY F 42 5.00 -1.30 -37.88
N LYS F 43 4.40 -1.01 -36.73
CA LYS F 43 4.62 0.26 -36.03
C LYS F 43 5.58 0.10 -34.85
N GLY F 44 5.66 1.12 -34.00
CA GLY F 44 6.62 1.13 -32.90
C GLY F 44 6.08 0.56 -31.59
N LEU F 45 6.97 0.41 -30.61
CA LEU F 45 6.61 -0.04 -29.27
C LEU F 45 5.89 1.04 -28.47
N GLU F 46 4.85 0.62 -27.75
CA GLU F 46 4.15 1.51 -26.84
C GLU F 46 3.93 0.83 -25.51
N TRP F 47 4.50 1.40 -24.46
CA TRP F 47 4.28 0.93 -23.09
C TRP F 47 2.83 1.15 -22.64
N VAL F 48 2.26 0.14 -21.97
CA VAL F 48 0.84 0.13 -21.60
C VAL F 48 0.61 0.21 -20.09
N ALA F 49 1.25 -0.68 -19.33
CA ALA F 49 0.95 -0.78 -17.91
C ALA F 49 2.04 -1.46 -17.10
N PHE F 50 2.01 -1.20 -15.79
CA PHE F 50 2.95 -1.83 -14.86
C PHE F 50 2.23 -2.26 -13.57
N VAL F 51 2.55 -3.47 -13.10
CA VAL F 51 2.09 -3.93 -11.80
C VAL F 51 3.31 -4.23 -10.94
N PRO F 52 3.34 -3.70 -9.71
CA PRO F 52 4.52 -3.90 -8.85
C PRO F 52 4.51 -5.26 -8.17
N PHE F 53 5.63 -5.61 -7.53
CA PHE F 53 5.81 -6.91 -6.86
C PHE F 53 4.86 -7.11 -5.68
N ASP F 54 4.53 -6.03 -4.98
CA ASP F 54 3.63 -6.10 -3.83
C ASP F 54 2.52 -5.11 -4.04
N ARG F 55 1.30 -5.61 -3.87
CA ARG F 55 0.08 -4.83 -4.01
C ARG F 55 0.28 -3.40 -3.53
N ARG F 56 -0.03 -2.48 -4.41
CA ARG F 56 0.10 -1.07 -4.11
C ARG F 56 -0.59 -0.35 -5.24
N ILE F 57 0.23 0.29 -6.07
CA ILE F 57 -0.24 1.18 -7.10
C ILE F 57 0.18 0.65 -8.47
N ASN F 58 -0.77 0.60 -9.39
CA ASN F 58 -0.49 0.18 -10.75
C ASN F 58 -0.39 1.40 -11.64
N TYR F 59 0.47 1.35 -12.66
CA TYR F 59 0.66 2.51 -13.54
C TYR F 59 0.30 2.23 -14.99
N TYR F 60 -0.34 3.20 -15.63
CA TYR F 60 -0.82 3.03 -16.98
C TYR F 60 -0.44 4.19 -17.89
N ALA F 61 -0.26 3.90 -19.17
CA ALA F 61 -0.13 4.94 -20.19
C ALA F 61 -1.46 5.66 -20.37
N GLU F 62 -1.43 6.97 -20.56
CA GLU F 62 -2.65 7.78 -20.66
C GLU F 62 -3.64 7.23 -21.68
N SER F 63 -3.13 6.52 -22.68
CA SER F 63 -3.97 6.06 -23.78
C SER F 63 -4.87 4.88 -23.44
N VAL F 64 -4.59 4.23 -22.31
CA VAL F 64 -5.38 3.08 -21.86
C VAL F 64 -5.92 3.23 -20.43
N ARG F 65 -5.48 4.28 -19.73
CA ARG F 65 -5.91 4.51 -18.36
C ARG F 65 -7.43 4.52 -18.24
N GLY F 66 -7.95 3.81 -17.25
CA GLY F 66 -9.38 3.71 -17.04
C GLY F 66 -10.01 2.54 -17.77
N ARG F 67 -9.47 2.19 -18.93
CA ARG F 67 -10.05 1.12 -19.73
C ARG F 67 -9.36 -0.21 -19.50
N PHE F 68 -8.03 -0.17 -19.32
CA PHE F 68 -7.28 -1.40 -19.08
C PHE F 68 -6.96 -1.53 -17.60
N THR F 69 -6.91 -2.78 -17.14
CA THR F 69 -6.52 -3.06 -15.79
C THR F 69 -5.45 -4.15 -15.78
N ILE F 70 -4.28 -3.81 -15.25
CA ILE F 70 -3.26 -4.82 -15.05
C ILE F 70 -3.39 -5.46 -13.67
N SER F 71 -3.12 -6.76 -13.57
CA SER F 71 -3.09 -7.43 -12.27
C SER F 71 -2.25 -8.71 -12.30
N ARG F 72 -2.05 -9.31 -11.14
CA ARG F 72 -1.30 -10.56 -11.11
C ARG F 72 -1.88 -11.63 -10.19
N ASP F 73 -1.56 -12.87 -10.51
CA ASP F 73 -1.83 -14.02 -9.65
C ASP F 73 -0.50 -14.71 -9.33
N ASP F 74 0.13 -14.34 -8.22
CA ASP F 74 1.42 -14.94 -7.84
C ASP F 74 1.39 -16.46 -7.70
N SER F 75 0.25 -16.99 -7.28
CA SER F 75 0.16 -18.44 -7.06
C SER F 75 0.32 -19.20 -8.37
N LYS F 76 0.03 -18.55 -9.49
CA LYS F 76 0.15 -19.21 -10.78
C LYS F 76 1.26 -18.62 -11.63
N ASN F 77 2.05 -17.72 -11.04
CA ASN F 77 3.05 -16.95 -11.79
C ASN F 77 2.44 -16.32 -13.05
N THR F 78 1.34 -15.59 -12.88
CA THR F 78 0.60 -15.06 -14.00
C THR F 78 0.27 -13.57 -13.88
N VAL F 79 0.53 -12.81 -14.94
CA VAL F 79 0.13 -11.40 -15.04
C VAL F 79 -1.06 -11.35 -15.97
N PHE F 80 -2.02 -10.49 -15.67
CA PHE F 80 -3.20 -10.34 -16.51
C PHE F 80 -3.29 -8.94 -17.03
N LEU F 81 -3.93 -8.79 -18.18
CA LEU F 81 -4.28 -7.48 -18.68
C LEU F 81 -5.74 -7.60 -19.09
N GLN F 82 -6.59 -6.92 -18.34
CA GLN F 82 -8.00 -6.94 -18.62
C GLN F 82 -8.26 -5.75 -19.48
N MET F 83 -8.72 -5.99 -20.70
CA MET F 83 -8.98 -4.92 -21.65
C MET F 83 -10.47 -4.73 -21.86
N ASP F 84 -10.98 -3.59 -21.43
CA ASP F 84 -12.39 -3.27 -21.62
C ASP F 84 -12.49 -2.05 -22.51
N SER F 85 -13.68 -1.82 -23.07
CA SER F 85 -13.93 -0.62 -23.85
C SER F 85 -12.92 -0.47 -24.99
N LEU F 86 -12.70 -1.58 -25.69
CA LEU F 86 -11.71 -1.64 -26.75
C LEU F 86 -12.04 -0.70 -27.90
N ARG F 87 -10.99 -0.16 -28.51
CA ARG F 87 -11.10 0.77 -29.60
C ARG F 87 -10.31 0.20 -30.76
N PRO F 88 -10.65 0.58 -31.99
CA PRO F 88 -9.86 0.04 -33.11
C PRO F 88 -8.37 0.35 -32.94
N GLU F 89 -7.99 1.51 -32.40
CA GLU F 89 -6.56 1.79 -32.26
C GLU F 89 -5.87 0.97 -31.16
N ASP F 90 -6.55 -0.03 -30.62
CA ASP F 90 -5.94 -0.92 -29.63
C ASP F 90 -5.36 -2.17 -30.27
N THR F 91 -5.67 -2.42 -31.53
CA THR F 91 -5.16 -3.64 -32.12
C THR F 91 -3.63 -3.59 -32.18
N ALA F 92 -3.00 -4.65 -31.71
CA ALA F 92 -1.55 -4.70 -31.60
C ALA F 92 -1.13 -6.08 -31.18
N ILE F 93 0.17 -6.33 -31.25
CA ILE F 93 0.78 -7.45 -30.59
C ILE F 93 0.98 -6.97 -29.16
N TYR F 94 0.58 -7.76 -28.18
CA TYR F 94 0.80 -7.40 -26.78
C TYR F 94 1.88 -8.25 -26.14
N TYR F 95 2.97 -7.61 -25.72
CA TYR F 95 4.07 -8.29 -25.03
C TYR F 95 4.00 -8.09 -23.53
N CYS F 96 4.25 -9.17 -22.81
CA CYS F 96 4.49 -9.13 -21.39
C CYS F 96 6.01 -8.99 -21.20
N ALA F 97 6.43 -8.16 -20.25
CA ALA F 97 7.86 -7.94 -20.05
C ALA F 97 8.22 -7.77 -18.58
N LYS F 98 9.20 -8.56 -18.14
CA LYS F 98 9.66 -8.59 -16.76
C LYS F 98 10.39 -7.31 -16.44
N HIS F 99 10.26 -6.82 -15.22
CA HIS F 99 11.08 -5.70 -14.79
C HIS F 99 12.45 -6.18 -14.27
N ARG F 100 13.52 -5.46 -14.59
CA ARG F 100 14.88 -5.87 -14.18
C ARG F 100 15.07 -5.79 -12.66
N SER F 101 14.64 -4.69 -12.05
CA SER F 101 14.95 -4.46 -10.63
C SER F 101 13.96 -5.10 -9.66
N GLN F 102 14.52 -5.88 -8.73
CA GLN F 102 13.80 -6.56 -7.68
C GLN F 102 13.17 -5.58 -6.70
N TRP F 103 11.93 -5.86 -6.33
CA TRP F 103 11.24 -5.15 -5.25
C TRP F 103 10.97 -3.68 -5.53
N ASN F 104 10.86 -3.32 -6.80
CA ASN F 104 10.61 -1.93 -7.14
C ASN F 104 9.12 -1.63 -7.20
N PHE F 105 8.74 -0.44 -6.76
CA PHE F 105 7.34 -0.01 -6.79
C PHE F 105 7.04 0.78 -8.06
N TRP F 106 8.03 0.98 -8.89
CA TRP F 106 7.84 1.76 -10.10
C TRP F 106 8.62 1.12 -11.24
N PRO F 107 8.19 1.35 -12.49
CA PRO F 107 8.92 0.85 -13.66
C PRO F 107 10.13 1.74 -13.95
N ARG F 108 11.10 1.71 -13.05
CA ARG F 108 12.22 2.64 -13.07
C ARG F 108 13.56 1.98 -13.42
N GLU F 109 14.40 1.80 -12.41
CA GLU F 109 15.71 1.15 -12.53
C GLU F 109 15.68 -0.10 -13.42
N GLY F 110 16.53 -0.12 -14.46
CA GLY F 110 16.86 -1.37 -15.14
C GLY F 110 16.08 -1.74 -16.38
N GLY F 111 15.00 -1.03 -16.67
CA GLY F 111 14.21 -1.29 -17.87
C GLY F 111 13.53 -2.65 -17.86
N LEU F 112 13.33 -3.20 -19.06
CA LEU F 112 12.63 -4.45 -19.20
C LEU F 112 13.60 -5.53 -19.66
N ASP F 113 14.02 -6.40 -18.75
CA ASP F 113 15.12 -7.31 -19.03
C ASP F 113 14.73 -8.54 -19.84
N HIS F 114 13.45 -8.89 -19.84
CA HIS F 114 12.99 -10.04 -20.59
C HIS F 114 11.58 -9.84 -21.14
N TRP F 115 11.38 -10.21 -22.41
CA TRP F 115 10.07 -10.09 -23.08
C TRP F 115 9.57 -11.43 -23.64
N GLY F 116 8.25 -11.62 -23.68
CA GLY F 116 7.68 -12.76 -24.37
C GLY F 116 7.58 -12.51 -25.88
N GLN F 117 7.15 -13.53 -26.63
CA GLN F 117 6.93 -13.43 -28.07
C GLN F 117 5.67 -12.65 -28.39
N GLY F 118 4.76 -12.56 -27.44
CA GLY F 118 3.57 -11.74 -27.59
C GLY F 118 2.36 -12.43 -28.17
N THR F 119 1.22 -11.74 -28.10
CA THR F 119 -0.05 -12.28 -28.57
C THR F 119 -0.82 -11.18 -29.32
N LEU F 120 -1.46 -11.55 -30.43
CA LEU F 120 -2.16 -10.55 -31.26
C LEU F 120 -3.62 -10.31 -30.85
N VAL F 121 -3.98 -9.05 -30.66
CA VAL F 121 -5.35 -8.66 -30.41
C VAL F 121 -5.86 -7.83 -31.59
N THR F 122 -6.92 -8.30 -32.25
CA THR F 122 -7.50 -7.55 -33.36
C THR F 122 -8.88 -7.03 -32.98
N VAL F 123 -9.02 -5.72 -32.97
CA VAL F 123 -10.29 -5.08 -32.64
C VAL F 123 -11.09 -4.65 -33.88
N SER F 124 -12.07 -5.47 -34.25
CA SER F 124 -12.89 -5.22 -35.41
C SER F 124 -14.34 -5.62 -35.12
N SER F 125 -15.30 -4.83 -35.61
CA SER F 125 -16.70 -5.20 -35.45
C SER F 125 -17.16 -6.16 -36.54
N ALA F 126 -16.25 -6.52 -37.44
CA ALA F 126 -16.60 -7.28 -38.63
C ALA F 126 -16.51 -8.77 -38.40
N SER F 127 -17.15 -9.53 -39.29
CA SER F 127 -16.97 -10.99 -39.33
C SER F 127 -16.76 -11.44 -40.77
N THR F 128 -16.59 -12.75 -40.95
CA THR F 128 -16.18 -13.35 -42.23
C THR F 128 -16.81 -12.72 -43.46
N LYS F 129 -15.96 -12.26 -44.37
CA LYS F 129 -16.39 -11.45 -45.49
C LYS F 129 -15.42 -11.59 -46.65
N GLY F 130 -15.89 -12.08 -47.79
CA GLY F 130 -15.03 -12.24 -48.96
C GLY F 130 -14.58 -10.93 -49.60
N PRO F 131 -13.40 -10.93 -50.22
CA PRO F 131 -12.85 -9.71 -50.82
C PRO F 131 -13.51 -9.34 -52.15
N SER F 132 -13.41 -8.06 -52.49
CA SER F 132 -13.68 -7.59 -53.85
C SER F 132 -12.33 -7.36 -54.52
N VAL F 133 -12.20 -7.77 -55.78
CA VAL F 133 -10.92 -7.67 -56.50
C VAL F 133 -11.05 -6.73 -57.66
N PHE F 134 -10.25 -5.68 -57.69
CA PHE F 134 -10.31 -4.69 -58.75
C PHE F 134 -8.98 -4.66 -59.50
N PRO F 135 -9.02 -4.44 -60.81
CA PRO F 135 -7.76 -4.39 -61.55
C PRO F 135 -7.04 -3.08 -61.33
N LEU F 136 -5.72 -3.14 -61.21
CA LEU F 136 -4.88 -1.95 -61.36
C LEU F 136 -4.23 -2.05 -62.74
N ALA F 137 -4.85 -1.39 -63.73
CA ALA F 137 -4.41 -1.47 -65.12
C ALA F 137 -3.09 -0.76 -65.41
N PRO F 138 -2.21 -1.40 -66.20
CA PRO F 138 -0.99 -0.71 -66.62
C PRO F 138 -1.29 0.38 -67.65
N SER F 139 -0.33 1.27 -67.88
CA SER F 139 -0.40 2.17 -69.03
C SER F 139 0.95 2.28 -69.74
N GLY F 146 11.67 0.50 -70.49
CA GLY F 146 10.41 -0.05 -70.95
C GLY F 146 9.95 -1.18 -70.05
N THR F 147 9.44 -0.81 -68.88
CA THR F 147 8.89 -1.78 -67.95
C THR F 147 7.52 -1.30 -67.48
N ALA F 148 6.67 -2.20 -66.99
CA ALA F 148 5.36 -1.76 -66.53
C ALA F 148 4.83 -2.48 -65.30
N ALA F 149 4.19 -1.72 -64.43
CA ALA F 149 3.55 -2.25 -63.24
C ALA F 149 2.04 -2.45 -63.44
N LEU F 150 1.59 -3.70 -63.30
CA LEU F 150 0.16 -4.00 -63.32
C LEU F 150 -0.17 -4.83 -62.08
N GLY F 151 -1.42 -4.79 -61.65
CA GLY F 151 -1.78 -5.50 -60.43
C GLY F 151 -3.26 -5.67 -60.07
N CYS F 152 -3.47 -6.11 -58.84
CA CYS F 152 -4.79 -6.37 -58.27
C CYS F 152 -4.97 -5.72 -56.90
N LEU F 153 -6.07 -5.00 -56.73
CA LEU F 153 -6.48 -4.45 -55.46
C LEU F 153 -7.49 -5.42 -54.85
N VAL F 154 -7.23 -5.85 -53.62
CA VAL F 154 -8.05 -6.88 -52.99
C VAL F 154 -8.68 -6.25 -51.77
N LYS F 155 -9.92 -5.80 -51.89
CA LYS F 155 -10.52 -4.90 -50.90
C LYS F 155 -11.55 -5.49 -49.94
N ASP F 156 -11.52 -4.95 -48.72
CA ASP F 156 -12.59 -5.12 -47.74
C ASP F 156 -12.93 -6.56 -47.43
N TYR F 157 -11.93 -7.31 -46.98
CA TYR F 157 -12.13 -8.68 -46.55
C TYR F 157 -11.75 -8.82 -45.07
N PHE F 158 -12.20 -9.92 -44.48
CA PHE F 158 -11.93 -10.23 -43.10
C PHE F 158 -12.40 -11.65 -42.89
N PRO F 159 -11.65 -12.46 -42.13
CA PRO F 159 -10.38 -12.10 -41.49
C PRO F 159 -9.23 -12.51 -42.40
N GLU F 160 -8.01 -12.23 -41.98
CA GLU F 160 -6.82 -12.68 -42.66
C GLU F 160 -6.77 -14.21 -42.69
N PRO F 161 -6.05 -14.80 -43.66
CA PRO F 161 -5.27 -14.13 -44.72
C PRO F 161 -5.88 -14.33 -46.11
N VAL F 162 -5.43 -13.57 -47.11
CA VAL F 162 -5.61 -14.01 -48.50
C VAL F 162 -4.28 -14.35 -49.17
N THR F 163 -4.28 -15.29 -50.10
CA THR F 163 -3.12 -15.55 -50.94
C THR F 163 -3.38 -15.07 -52.36
N VAL F 164 -2.39 -14.45 -52.99
CA VAL F 164 -2.54 -14.07 -54.39
C VAL F 164 -1.52 -14.77 -55.27
N SER F 165 -2.01 -15.40 -56.33
CA SER F 165 -1.16 -16.04 -57.31
C SER F 165 -1.30 -15.28 -58.64
N TRP F 166 -0.33 -15.43 -59.54
CA TRP F 166 -0.47 -14.91 -60.90
C TRP F 166 -0.41 -16.02 -61.96
N ASN F 167 -1.35 -15.98 -62.89
CA ASN F 167 -1.48 -17.02 -63.90
C ASN F 167 -1.34 -18.41 -63.28
N SER F 168 -2.07 -18.66 -62.20
CA SER F 168 -2.03 -19.96 -61.52
C SER F 168 -0.61 -20.38 -61.09
N GLY F 169 0.23 -19.42 -60.73
CA GLY F 169 1.57 -19.71 -60.29
C GLY F 169 2.61 -19.73 -61.40
N ALA F 170 2.19 -19.67 -62.66
CA ALA F 170 3.13 -19.69 -63.78
C ALA F 170 3.98 -18.41 -63.83
N LEU F 171 3.37 -17.30 -63.44
CA LEU F 171 4.08 -16.03 -63.33
C LEU F 171 4.61 -15.83 -61.90
N THR F 172 5.92 -15.67 -61.80
CA THR F 172 6.55 -15.60 -60.48
C THR F 172 7.62 -14.49 -60.41
N SER F 173 8.24 -14.18 -61.54
CA SER F 173 9.22 -13.11 -61.58
C SER F 173 8.55 -11.76 -61.42
N GLY F 174 9.19 -10.86 -60.69
CA GLY F 174 8.69 -9.50 -60.56
C GLY F 174 7.36 -9.38 -59.84
N VAL F 175 6.94 -10.47 -59.19
CA VAL F 175 5.70 -10.49 -58.43
C VAL F 175 5.92 -10.05 -56.99
N HIS F 176 5.08 -9.14 -56.50
CA HIS F 176 5.14 -8.76 -55.11
C HIS F 176 3.75 -8.65 -54.50
N THR F 177 3.52 -9.32 -53.39
CA THR F 177 2.25 -9.18 -52.68
C THR F 177 2.45 -8.49 -51.35
N PHE F 178 1.86 -7.32 -51.20
CA PHE F 178 2.04 -6.55 -50.00
C PHE F 178 1.30 -7.11 -48.79
N PRO F 179 1.78 -6.78 -47.58
CA PRO F 179 0.99 -7.16 -46.41
C PRO F 179 -0.30 -6.34 -46.40
N ALA F 180 -1.37 -6.88 -45.84
CA ALA F 180 -2.61 -6.14 -45.66
C ALA F 180 -2.49 -4.94 -44.72
N VAL F 181 -3.30 -3.93 -44.98
CA VAL F 181 -3.62 -2.91 -43.99
C VAL F 181 -4.99 -3.23 -43.37
N LEU F 182 -5.21 -2.78 -42.14
CA LEU F 182 -6.52 -2.86 -41.49
C LEU F 182 -7.14 -1.46 -41.53
N GLN F 183 -8.36 -1.34 -42.06
CA GLN F 183 -8.92 -0.01 -42.26
C GLN F 183 -9.81 0.48 -41.12
N SER F 184 -10.15 1.77 -41.17
CA SER F 184 -11.06 2.38 -40.19
C SER F 184 -12.39 1.63 -40.12
N SER F 185 -12.77 0.99 -41.22
CA SER F 185 -13.96 0.15 -41.26
C SER F 185 -13.79 -1.21 -40.56
N GLY F 186 -12.58 -1.57 -40.18
CA GLY F 186 -12.33 -2.88 -39.62
C GLY F 186 -12.17 -4.01 -40.64
N LEU F 187 -11.91 -3.65 -41.89
CA LEU F 187 -11.70 -4.66 -42.92
C LEU F 187 -10.31 -4.53 -43.55
N TYR F 188 -9.76 -5.64 -44.01
CA TYR F 188 -8.43 -5.63 -44.61
C TYR F 188 -8.47 -5.23 -46.07
N SER F 189 -7.30 -4.87 -46.60
CA SER F 189 -7.11 -4.69 -48.03
C SER F 189 -5.68 -5.04 -48.34
N LEU F 190 -5.44 -5.69 -49.47
CA LEU F 190 -4.06 -5.83 -49.94
C LEU F 190 -3.90 -5.59 -51.44
N SER F 191 -2.66 -5.51 -51.88
CA SER F 191 -2.37 -5.39 -53.30
C SER F 191 -1.38 -6.45 -53.70
N SER F 192 -1.54 -6.99 -54.90
CA SER F 192 -0.51 -7.82 -55.47
C SER F 192 -0.11 -7.15 -56.74
N VAL F 193 1.19 -7.19 -57.01
CA VAL F 193 1.74 -6.32 -58.01
C VAL F 193 2.74 -7.10 -58.86
N VAL F 194 2.80 -6.79 -60.14
CA VAL F 194 3.77 -7.47 -61.00
C VAL F 194 4.36 -6.51 -62.05
N THR F 195 5.71 -6.52 -62.12
CA THR F 195 6.45 -5.68 -63.03
C THR F 195 6.80 -6.53 -64.23
N VAL F 196 6.44 -6.02 -65.40
CA VAL F 196 6.53 -6.77 -66.64
C VAL F 196 7.06 -5.88 -67.75
N PRO F 197 7.58 -6.50 -68.83
CA PRO F 197 8.02 -5.76 -70.00
C PRO F 197 6.85 -5.08 -70.70
N SER F 198 6.99 -3.79 -70.97
CA SER F 198 5.99 -3.04 -71.70
C SER F 198 5.62 -3.75 -72.99
N SER F 199 6.60 -4.39 -73.62
CA SER F 199 6.36 -5.05 -74.91
C SER F 199 5.49 -6.32 -74.84
N SER F 200 5.05 -6.70 -73.65
CA SER F 200 4.24 -7.92 -73.53
C SER F 200 2.74 -7.65 -73.31
N LEU F 201 2.39 -6.39 -73.08
CA LEU F 201 1.04 -6.02 -72.67
C LEU F 201 -0.03 -6.37 -73.70
N GLY F 202 0.36 -6.42 -74.95
CA GLY F 202 -0.58 -6.72 -76.01
C GLY F 202 -0.86 -8.20 -76.10
N THR F 203 0.18 -9.01 -75.95
CA THR F 203 0.04 -10.43 -76.24
C THR F 203 -0.01 -11.35 -75.00
N GLN F 204 0.61 -10.95 -73.90
CA GLN F 204 0.59 -11.79 -72.70
C GLN F 204 -0.68 -11.54 -71.89
N THR F 205 -1.33 -12.61 -71.44
CA THR F 205 -2.49 -12.45 -70.56
C THR F 205 -2.07 -12.54 -69.09
N TYR F 206 -2.53 -11.58 -68.30
CA TYR F 206 -2.25 -11.53 -66.87
C TYR F 206 -3.50 -11.70 -66.01
N ILE F 207 -3.59 -12.84 -65.34
CA ILE F 207 -4.69 -13.12 -64.42
C ILE F 207 -4.20 -13.26 -62.99
N CYS F 208 -4.76 -12.48 -62.07
CA CYS F 208 -4.47 -12.72 -60.66
C CYS F 208 -5.46 -13.71 -60.04
N ASN F 209 -4.92 -14.57 -59.18
CA ASN F 209 -5.70 -15.60 -58.54
C ASN F 209 -5.76 -15.34 -57.03
N VAL F 210 -6.87 -14.77 -56.60
CA VAL F 210 -7.05 -14.39 -55.21
C VAL F 210 -7.81 -15.45 -54.42
N ASN F 211 -7.18 -15.94 -53.35
CA ASN F 211 -7.78 -16.97 -52.50
C ASN F 211 -8.04 -16.44 -51.10
N HIS F 212 -9.29 -16.49 -50.67
CA HIS F 212 -9.63 -16.12 -49.31
C HIS F 212 -10.28 -17.30 -48.62
N LYS F 213 -9.44 -18.19 -48.09
CA LYS F 213 -9.91 -19.40 -47.43
C LYS F 213 -10.98 -19.22 -46.31
N PRO F 214 -10.87 -18.21 -45.46
CA PRO F 214 -11.90 -18.08 -44.43
C PRO F 214 -13.36 -17.88 -44.91
N SER F 215 -13.58 -17.40 -46.14
CA SER F 215 -14.94 -17.20 -46.64
C SER F 215 -15.21 -18.12 -47.82
N ASN F 216 -14.29 -19.05 -48.03
CA ASN F 216 -14.38 -19.99 -49.14
C ASN F 216 -14.63 -19.27 -50.48
N THR F 217 -13.81 -18.25 -50.77
CA THR F 217 -13.93 -17.50 -52.01
C THR F 217 -12.65 -17.56 -52.80
N LYS F 218 -12.77 -17.85 -54.09
CA LYS F 218 -11.65 -17.64 -55.01
C LYS F 218 -12.13 -16.69 -56.07
N VAL F 219 -11.32 -15.67 -56.34
CA VAL F 219 -11.59 -14.74 -57.42
C VAL F 219 -10.42 -14.69 -58.43
N ASP F 220 -10.77 -14.81 -59.71
CA ASP F 220 -9.83 -14.65 -60.81
C ASP F 220 -10.11 -13.34 -61.50
N LYS F 221 -9.11 -12.47 -61.61
CA LYS F 221 -9.32 -11.26 -62.36
C LYS F 221 -8.26 -11.10 -63.45
N LYS F 222 -8.70 -10.98 -64.70
CA LYS F 222 -7.75 -10.67 -65.77
C LYS F 222 -7.54 -9.17 -65.77
N VAL F 223 -6.29 -8.73 -65.77
CA VAL F 223 -6.07 -7.29 -65.83
C VAL F 223 -5.42 -6.85 -67.14
N GLU F 224 -6.07 -5.87 -67.78
CA GLU F 224 -5.69 -5.43 -69.11
C GLU F 224 -5.35 -3.95 -69.17
N PRO F 225 -4.58 -3.55 -70.20
CA PRO F 225 -4.23 -2.14 -70.39
C PRO F 225 -5.43 -1.24 -70.61
N LYS F 226 -5.28 0.05 -70.31
CA LYS F 226 -6.34 1.04 -70.51
C LYS F 226 -7.57 0.72 -69.68
N GLN G 1 -32.06 -3.49 -28.48
CA GLN G 1 -32.49 -2.53 -27.48
C GLN G 1 -33.74 -1.76 -27.93
N SER G 2 -34.88 -2.43 -27.90
CA SER G 2 -36.16 -1.75 -28.08
C SER G 2 -36.59 -1.19 -26.74
N ALA G 3 -37.27 -0.05 -26.77
CA ALA G 3 -37.72 0.63 -25.56
C ALA G 3 -38.47 -0.34 -24.64
N LEU G 4 -38.45 -0.07 -23.35
CA LEU G 4 -39.24 -0.88 -22.42
C LEU G 4 -40.71 -0.66 -22.76
N THR G 5 -41.53 -1.68 -22.59
CA THR G 5 -42.92 -1.62 -23.02
C THR G 5 -43.83 -1.06 -21.93
N GLN G 6 -44.56 0.01 -22.28
CA GLN G 6 -45.51 0.65 -21.37
C GLN G 6 -46.82 0.90 -22.10
N PRO G 7 -47.93 0.96 -21.36
CA PRO G 7 -49.19 1.38 -21.98
C PRO G 7 -49.09 2.79 -22.54
N ALA G 8 -49.71 3.03 -23.68
CA ALA G 8 -49.67 4.36 -24.29
C ALA G 8 -50.38 5.35 -23.38
N SER G 9 -51.51 4.94 -22.84
CA SER G 9 -52.41 5.85 -22.15
C SER G 9 -53.07 5.15 -20.98
N VAL G 10 -53.25 5.88 -19.89
CA VAL G 10 -53.89 5.39 -18.67
C VAL G 10 -54.63 6.59 -18.06
N SER G 11 -55.83 6.39 -17.54
CA SER G 11 -56.57 7.51 -16.97
C SER G 11 -57.42 7.14 -15.76
N GLY G 12 -57.73 8.13 -14.93
CA GLY G 12 -58.58 7.93 -13.77
C GLY G 12 -59.18 9.24 -13.28
N SER G 13 -60.15 9.15 -12.38
CA SER G 13 -60.75 10.36 -11.81
C SER G 13 -59.92 10.82 -10.65
N PRO G 14 -60.03 12.11 -10.29
CA PRO G 14 -59.46 12.59 -9.02
C PRO G 14 -59.89 11.69 -7.87
N GLY G 15 -58.96 11.32 -7.01
CA GLY G 15 -59.26 10.45 -5.87
C GLY G 15 -58.99 8.98 -6.13
N GLN G 16 -59.01 8.59 -7.41
CA GLN G 16 -58.76 7.19 -7.79
C GLN G 16 -57.29 6.77 -7.68
N SER G 17 -57.03 5.53 -8.06
CA SER G 17 -55.68 4.98 -8.15
C SER G 17 -55.45 4.41 -9.54
N ILE G 18 -54.27 4.66 -10.08
CA ILE G 18 -53.90 4.02 -11.33
C ILE G 18 -52.54 3.36 -11.16
N THR G 19 -52.25 2.41 -12.04
CA THR G 19 -50.95 1.75 -12.09
C THR G 19 -50.45 1.72 -13.53
N ILE G 20 -49.17 2.05 -13.71
CA ILE G 20 -48.53 1.96 -15.01
C ILE G 20 -47.53 0.81 -15.00
N SER G 21 -47.54 0.01 -16.05
CA SER G 21 -46.60 -1.10 -16.17
C SER G 21 -45.40 -0.75 -17.04
N CYS G 22 -44.26 -1.32 -16.69
CA CYS G 22 -43.06 -1.21 -17.51
C CYS G 22 -42.48 -2.61 -17.67
N THR G 23 -42.45 -3.10 -18.90
CA THR G 23 -42.05 -4.48 -19.12
C THR G 23 -40.76 -4.61 -19.94
N GLY G 24 -39.76 -5.23 -19.34
CA GLY G 24 -38.49 -5.48 -20.01
C GLY G 24 -38.25 -6.96 -20.20
N THR G 25 -37.00 -7.37 -20.06
CA THR G 25 -36.65 -8.78 -20.17
C THR G 25 -35.64 -9.06 -19.09
N THR G 26 -35.03 -10.23 -19.16
CA THR G 26 -34.01 -10.58 -18.19
C THR G 26 -32.71 -9.81 -18.46
N SER G 27 -32.67 -9.06 -19.56
CA SER G 27 -31.51 -8.22 -19.85
C SER G 27 -31.47 -6.97 -18.98
N ASP G 28 -32.61 -6.62 -18.41
CA ASP G 28 -32.70 -5.39 -17.64
C ASP G 28 -33.57 -5.56 -16.39
N VAL G 29 -34.86 -5.27 -16.52
CA VAL G 29 -35.79 -5.31 -15.40
C VAL G 29 -35.74 -6.67 -14.70
N GLY G 30 -35.56 -7.72 -15.48
CA GLY G 30 -35.54 -9.08 -14.98
C GLY G 30 -34.51 -9.38 -13.91
N THR G 31 -33.29 -8.86 -14.05
CA THR G 31 -32.27 -9.17 -13.06
C THR G 31 -31.70 -7.97 -12.30
N TYR G 32 -32.14 -6.76 -12.66
CA TYR G 32 -31.61 -5.58 -11.97
C TYR G 32 -32.68 -4.78 -11.25
N ASN G 33 -32.40 -4.45 -9.99
CA ASN G 33 -33.35 -3.63 -9.23
C ASN G 33 -33.10 -2.13 -9.33
N PHE G 34 -32.65 -1.69 -10.50
CA PHE G 34 -32.31 -0.29 -10.73
C PHE G 34 -33.24 0.26 -11.78
N VAL G 35 -34.50 0.28 -11.42
CA VAL G 35 -35.53 0.78 -12.27
C VAL G 35 -35.89 2.13 -11.68
N SER G 36 -35.94 3.15 -12.51
CA SER G 36 -36.35 4.45 -12.00
C SER G 36 -37.56 4.97 -12.77
N TRP G 37 -38.26 5.93 -12.19
CA TRP G 37 -39.41 6.54 -12.86
C TRP G 37 -39.26 8.05 -12.93
N TYR G 38 -39.83 8.64 -13.96
CA TYR G 38 -39.72 10.06 -14.17
C TYR G 38 -41.05 10.61 -14.63
N GLN G 39 -41.34 11.84 -14.19
CA GLN G 39 -42.57 12.53 -14.54
C GLN G 39 -42.18 13.71 -15.43
N GLN G 40 -42.91 13.91 -16.53
CA GLN G 40 -42.63 15.07 -17.35
C GLN G 40 -43.93 15.78 -17.77
N HIS G 41 -44.11 16.98 -17.25
CA HIS G 41 -45.18 17.85 -17.72
C HIS G 41 -44.82 18.43 -19.09
N PRO G 42 -45.84 18.72 -19.93
CA PRO G 42 -45.57 19.16 -21.29
C PRO G 42 -44.65 20.37 -21.36
N GLY G 43 -43.68 20.31 -22.27
CA GLY G 43 -42.67 21.35 -22.40
C GLY G 43 -41.76 21.58 -21.19
N LYS G 44 -41.67 20.60 -20.30
CA LYS G 44 -40.78 20.74 -19.16
C LYS G 44 -39.81 19.58 -19.08
N ALA G 45 -38.76 19.74 -18.29
CA ALA G 45 -37.79 18.69 -18.08
C ALA G 45 -38.39 17.59 -17.21
N PRO G 46 -37.96 16.33 -17.42
CA PRO G 46 -38.37 15.22 -16.57
C PRO G 46 -37.91 15.41 -15.15
N LYS G 47 -38.72 14.93 -14.21
CA LYS G 47 -38.41 15.00 -12.79
C LYS G 47 -38.43 13.58 -12.20
N ALA G 48 -37.40 13.26 -11.42
CA ALA G 48 -37.32 11.95 -10.78
C ALA G 48 -38.39 11.80 -9.70
N ILE G 49 -39.14 10.70 -9.75
CA ILE G 49 -40.10 10.39 -8.70
C ILE G 49 -39.80 9.09 -7.96
N ILE G 50 -39.24 8.10 -8.64
CA ILE G 50 -38.97 6.79 -8.04
C ILE G 50 -37.66 6.24 -8.53
N PHE G 51 -36.80 5.76 -7.63
CA PHE G 51 -35.59 5.05 -8.04
C PHE G 51 -35.39 3.70 -7.35
N ASP G 52 -34.58 2.86 -7.96
CA ASP G 52 -34.31 1.50 -7.47
C ASP G 52 -35.59 0.78 -7.09
N VAL G 53 -36.56 0.78 -8.02
CA VAL G 53 -37.87 0.13 -7.88
C VAL G 53 -38.82 0.77 -6.86
N THR G 54 -38.35 1.04 -5.65
CA THR G 54 -39.26 1.42 -4.59
C THR G 54 -38.97 2.76 -3.92
N ASN G 55 -37.78 3.31 -4.11
CA ASN G 55 -37.42 4.52 -3.36
C ASN G 55 -37.88 5.85 -3.91
N ARG G 56 -38.34 6.69 -2.99
CA ARG G 56 -38.84 8.01 -3.30
C ARG G 56 -37.84 9.03 -2.79
N PRO G 57 -37.32 9.89 -3.68
CA PRO G 57 -36.53 11.04 -3.21
C PRO G 57 -37.36 11.93 -2.30
N SER G 58 -36.68 12.78 -1.52
CA SER G 58 -37.37 13.78 -0.71
C SER G 58 -38.24 14.68 -1.58
N GLY G 59 -39.35 15.15 -1.03
CA GLY G 59 -40.20 16.08 -1.74
C GLY G 59 -41.24 15.41 -2.64
N ILE G 60 -41.03 14.14 -2.94
CA ILE G 60 -42.02 13.43 -3.76
C ILE G 60 -43.14 12.87 -2.88
N SER G 61 -44.37 13.21 -3.22
CA SER G 61 -45.53 12.72 -2.50
C SER G 61 -45.49 11.20 -2.38
N ASN G 62 -45.94 10.67 -1.25
CA ASN G 62 -45.95 9.21 -1.11
C ASN G 62 -47.25 8.58 -1.60
N ARG G 63 -48.02 9.34 -2.36
CA ARG G 63 -49.07 8.76 -3.16
C ARG G 63 -48.39 7.94 -4.27
N PHE G 64 -47.15 8.31 -4.57
CA PHE G 64 -46.40 7.61 -5.60
C PHE G 64 -45.66 6.45 -4.96
N SER G 65 -45.69 5.28 -5.61
CA SER G 65 -44.96 4.14 -5.12
C SER G 65 -44.67 3.17 -6.25
N GLY G 66 -43.66 2.32 -6.07
CA GLY G 66 -43.24 1.44 -7.14
C GLY G 66 -42.97 0.02 -6.67
N SER G 67 -43.10 -0.92 -7.58
CA SER G 67 -42.87 -2.32 -7.28
C SER G 67 -42.37 -3.06 -8.53
N LYS G 68 -41.97 -4.31 -8.36
CA LYS G 68 -41.52 -5.12 -9.50
C LYS G 68 -41.91 -6.58 -9.31
N PHE G 69 -42.06 -7.28 -10.43
CA PHE G 69 -42.35 -8.70 -10.41
C PHE G 69 -41.92 -9.29 -11.74
N GLY G 70 -40.87 -10.10 -11.73
CA GLY G 70 -40.36 -10.66 -12.96
C GLY G 70 -39.88 -9.55 -13.87
N ASN G 71 -40.40 -9.53 -15.10
CA ASN G 71 -39.97 -8.57 -16.11
C ASN G 71 -40.82 -7.33 -16.19
N THR G 72 -41.65 -7.11 -15.18
CA THR G 72 -42.51 -5.93 -15.18
C THR G 72 -42.37 -5.09 -13.93
N ALA G 73 -42.13 -3.78 -14.14
CA ALA G 73 -42.07 -2.82 -13.05
C ALA G 73 -43.37 -2.03 -13.06
N SER G 74 -43.74 -1.49 -11.91
CA SER G 74 -45.02 -0.81 -11.81
C SER G 74 -44.92 0.44 -11.00
N LEU G 75 -45.63 1.46 -11.45
CA LEU G 75 -45.77 2.69 -10.70
C LEU G 75 -47.24 2.78 -10.33
N THR G 76 -47.52 3.16 -9.08
CA THR G 76 -48.89 3.31 -8.62
C THR G 76 -49.06 4.70 -8.07
N ILE G 77 -50.13 5.38 -8.50
CA ILE G 77 -50.47 6.70 -7.99
C ILE G 77 -51.85 6.61 -7.33
N SER G 78 -51.91 6.83 -6.03
CA SER G 78 -53.18 6.78 -5.33
C SER G 78 -53.59 8.20 -5.00
N GLY G 79 -54.88 8.42 -4.74
CA GLY G 79 -55.38 9.74 -4.40
C GLY G 79 -55.14 10.73 -5.52
N LEU G 80 -55.34 10.26 -6.76
CA LEU G 80 -55.06 11.02 -7.97
C LEU G 80 -55.49 12.48 -7.90
N GLN G 81 -54.58 13.39 -8.24
CA GLN G 81 -54.86 14.82 -8.22
C GLN G 81 -54.60 15.47 -9.57
N ALA G 82 -55.28 16.58 -9.85
CA ALA G 82 -55.16 17.25 -11.15
C ALA G 82 -53.73 17.41 -11.62
N GLU G 83 -52.84 17.78 -10.70
CA GLU G 83 -51.44 18.02 -11.07
C GLU G 83 -50.59 16.75 -11.31
N ASP G 84 -51.21 15.58 -11.18
CA ASP G 84 -50.54 14.34 -11.49
C ASP G 84 -50.58 14.08 -12.99
N GLU G 85 -51.46 14.78 -13.69
CA GLU G 85 -51.57 14.59 -15.14
C GLU G 85 -50.25 14.95 -15.80
N ALA G 86 -49.64 13.98 -16.49
CA ALA G 86 -48.34 14.15 -17.13
C ALA G 86 -47.97 12.90 -17.92
N ASP G 87 -46.81 12.93 -18.58
CA ASP G 87 -46.19 11.72 -19.09
C ASP G 87 -45.29 11.06 -18.02
N TYR G 88 -45.17 9.74 -18.08
CA TYR G 88 -44.36 8.99 -17.11
C TYR G 88 -43.50 8.00 -17.86
N TYR G 89 -42.22 7.98 -17.51
CA TYR G 89 -41.25 7.13 -18.17
C TYR G 89 -40.58 6.27 -17.12
N CYS G 90 -40.44 4.98 -17.42
CA CYS G 90 -39.60 4.14 -16.59
C CYS G 90 -38.25 3.99 -17.29
N ALA G 91 -37.24 3.57 -16.55
CA ALA G 91 -35.92 3.32 -17.14
C ALA G 91 -35.24 2.21 -16.36
N ALA G 92 -34.56 1.31 -17.06
CA ALA G 92 -33.95 0.18 -16.41
C ALA G 92 -32.48 0.04 -16.76
N TYR G 93 -31.65 -0.20 -15.76
CA TYR G 93 -30.26 -0.57 -15.99
C TYR G 93 -30.18 -1.90 -16.73
N THR G 94 -29.31 -2.00 -17.72
CA THR G 94 -29.17 -3.24 -18.51
C THR G 94 -27.86 -3.99 -18.24
N VAL G 95 -27.77 -5.19 -18.81
CA VAL G 95 -26.59 -6.04 -18.67
C VAL G 95 -25.41 -5.47 -19.44
N ALA G 96 -25.68 -4.56 -20.37
CA ALA G 96 -24.62 -3.93 -21.14
C ALA G 96 -24.15 -2.65 -20.47
N SER G 97 -24.52 -2.49 -19.20
CA SER G 97 -24.20 -1.29 -18.42
C SER G 97 -24.81 -0.01 -18.99
N THR G 98 -25.92 -0.16 -19.70
CA THR G 98 -26.60 1.01 -20.22
C THR G 98 -27.89 1.29 -19.45
N LEU G 99 -28.45 2.47 -19.67
CA LEU G 99 -29.76 2.81 -19.13
C LEU G 99 -30.76 2.70 -20.28
N LEU G 100 -31.87 1.99 -20.07
CA LEU G 100 -32.86 1.80 -21.12
C LEU G 100 -34.21 2.38 -20.74
N PHE G 101 -34.69 3.37 -21.48
CA PHE G 101 -35.97 4.02 -21.16
C PHE G 101 -37.20 3.33 -21.75
N GLY G 102 -38.31 3.38 -21.02
CA GLY G 102 -39.59 2.93 -21.55
C GLY G 102 -40.13 3.87 -22.62
N GLY G 103 -41.23 3.46 -23.25
CA GLY G 103 -41.82 4.21 -24.33
C GLY G 103 -42.73 5.31 -23.85
N GLY G 104 -42.86 5.46 -22.54
CA GLY G 104 -43.71 6.50 -21.98
C GLY G 104 -45.22 6.22 -21.98
N THR G 105 -45.89 6.74 -20.96
CA THR G 105 -47.33 6.59 -20.79
C THR G 105 -47.92 7.98 -20.55
N LYS G 106 -49.00 8.29 -21.26
CA LYS G 106 -49.75 9.51 -21.01
C LYS G 106 -50.77 9.22 -19.91
N VAL G 107 -50.61 9.85 -18.76
CA VAL G 107 -51.56 9.71 -17.65
C VAL G 107 -52.50 10.91 -17.62
N THR G 108 -53.78 10.65 -17.83
CA THR G 108 -54.80 11.69 -17.81
C THR G 108 -55.58 11.68 -16.50
N VAL G 109 -55.78 12.86 -15.91
CA VAL G 109 -56.70 13.01 -14.81
C VAL G 109 -58.03 13.51 -15.37
N LEU G 110 -59.05 12.65 -15.32
CA LEU G 110 -60.31 12.86 -16.04
C LEU G 110 -61.15 14.03 -15.50
N ARG G 111 -61.20 15.11 -16.25
CA ARG G 111 -61.95 16.27 -15.81
C ARG G 111 -63.01 16.70 -16.80
N GLN G 112 -63.22 15.88 -17.82
CA GLN G 112 -64.25 16.13 -18.81
C GLN G 112 -64.67 14.80 -19.45
N PRO G 113 -65.80 14.78 -20.17
CA PRO G 113 -66.25 13.48 -20.71
C PRO G 113 -65.31 12.90 -21.75
N LYS G 114 -65.30 11.58 -21.89
CA LYS G 114 -64.62 10.95 -23.01
C LYS G 114 -65.30 11.31 -24.30
N ALA G 115 -64.50 11.64 -25.30
CA ALA G 115 -65.00 12.05 -26.60
C ALA G 115 -64.19 11.36 -27.70
N ALA G 116 -64.89 10.78 -28.66
CA ALA G 116 -64.27 10.12 -29.79
C ALA G 116 -63.90 11.18 -30.81
N PRO G 117 -62.77 10.97 -31.50
CA PRO G 117 -62.30 11.91 -32.52
C PRO G 117 -63.26 12.03 -33.70
N SER G 118 -63.40 13.25 -34.21
CA SER G 118 -63.92 13.50 -35.55
C SER G 118 -62.75 13.45 -36.50
N VAL G 119 -62.94 12.84 -37.65
CA VAL G 119 -61.88 12.69 -38.62
C VAL G 119 -62.31 13.23 -39.97
N THR G 120 -61.47 14.09 -40.54
CA THR G 120 -61.67 14.56 -41.91
C THR G 120 -60.45 14.15 -42.71
N LEU G 121 -60.65 13.58 -43.89
CA LEU G 121 -59.53 13.22 -44.74
C LEU G 121 -59.56 14.07 -46.01
N PHE G 122 -58.54 14.91 -46.18
CA PHE G 122 -58.41 15.75 -47.39
C PHE G 122 -57.51 15.07 -48.39
N PRO G 123 -58.02 14.88 -49.62
CA PRO G 123 -57.19 14.40 -50.73
C PRO G 123 -56.22 15.51 -51.15
N PRO G 124 -55.25 15.20 -52.02
CA PRO G 124 -54.38 16.28 -52.50
C PRO G 124 -55.22 17.28 -53.26
N SER G 125 -55.07 18.57 -53.01
CA SER G 125 -55.73 19.58 -53.83
C SER G 125 -55.17 19.53 -55.25
N SER G 126 -55.82 20.21 -56.19
CA SER G 126 -55.35 20.18 -57.57
C SER G 126 -54.07 20.99 -57.77
N GLU G 127 -53.97 22.10 -57.05
CA GLU G 127 -52.77 22.92 -57.08
C GLU G 127 -51.52 22.14 -56.67
N GLU G 128 -51.57 21.40 -55.56
CA GLU G 128 -50.40 20.61 -55.18
C GLU G 128 -50.01 19.62 -56.25
N LEU G 129 -51.00 18.99 -56.87
CA LEU G 129 -50.71 18.04 -57.94
C LEU G 129 -49.99 18.72 -59.09
N GLN G 130 -50.42 19.93 -59.44
CA GLN G 130 -49.74 20.72 -60.46
C GLN G 130 -48.29 21.02 -60.11
N ALA G 131 -48.00 21.02 -58.80
CA ALA G 131 -46.63 21.20 -58.33
C ALA G 131 -45.88 19.87 -58.30
N ASN G 132 -46.53 18.82 -58.79
CA ASN G 132 -45.98 17.46 -58.80
C ASN G 132 -45.65 16.92 -57.40
N LYS G 133 -46.57 17.16 -56.47
CA LYS G 133 -46.49 16.63 -55.12
C LYS G 133 -47.88 16.16 -54.74
N ALA G 134 -47.97 15.36 -53.68
CA ALA G 134 -49.27 14.85 -53.25
C ALA G 134 -49.25 14.54 -51.75
N THR G 135 -50.13 15.19 -51.01
CA THR G 135 -50.17 15.02 -49.57
C THR G 135 -51.58 14.79 -49.08
N LEU G 136 -51.80 13.63 -48.49
CA LEU G 136 -53.07 13.37 -47.83
C LEU G 136 -52.99 13.94 -46.41
N VAL G 137 -54.01 14.66 -46.00
CA VAL G 137 -54.03 15.26 -44.67
C VAL G 137 -55.18 14.70 -43.83
N CYS G 138 -54.84 14.08 -42.71
CA CYS G 138 -55.87 13.51 -41.84
C CYS G 138 -56.04 14.38 -40.60
N LEU G 139 -57.17 15.06 -40.51
CA LEU G 139 -57.45 15.98 -39.41
C LEU G 139 -58.24 15.26 -38.32
N ILE G 140 -57.64 15.15 -37.13
CA ILE G 140 -58.27 14.48 -36.00
C ILE G 140 -58.60 15.45 -34.88
N SER G 141 -59.89 15.70 -34.64
CA SER G 141 -60.29 16.74 -33.70
C SER G 141 -61.32 16.33 -32.64
N ASP G 142 -61.38 17.14 -31.58
CA ASP G 142 -62.36 16.97 -30.50
C ASP G 142 -62.31 15.63 -29.80
N PHE G 143 -61.13 15.19 -29.40
CA PHE G 143 -61.09 13.97 -28.60
C PHE G 143 -60.56 14.20 -27.19
N TYR G 144 -60.98 13.31 -26.28
CA TYR G 144 -60.53 13.29 -24.90
C TYR G 144 -60.72 11.89 -24.35
N PRO G 145 -59.67 11.32 -23.73
CA PRO G 145 -58.36 11.93 -23.47
C PRO G 145 -57.47 12.02 -24.71
N GLY G 146 -56.31 12.67 -24.57
CA GLY G 146 -55.50 13.09 -25.71
C GLY G 146 -54.44 12.12 -26.19
N ALA G 147 -54.86 10.96 -26.66
CA ALA G 147 -53.94 9.95 -27.14
C ALA G 147 -54.66 9.17 -28.21
N VAL G 148 -54.03 9.07 -29.38
CA VAL G 148 -54.60 8.26 -30.46
C VAL G 148 -53.45 7.61 -31.20
N THR G 149 -53.74 6.62 -32.03
CA THR G 149 -52.75 6.13 -32.98
C THR G 149 -53.39 6.17 -34.35
N VAL G 150 -52.57 6.44 -35.36
CA VAL G 150 -53.07 6.56 -36.72
C VAL G 150 -52.48 5.50 -37.64
N ALA G 151 -53.33 4.91 -38.48
CA ALA G 151 -52.89 3.93 -39.47
C ALA G 151 -53.30 4.37 -40.88
N TRP G 152 -52.40 4.24 -41.86
CA TRP G 152 -52.74 4.54 -43.24
C TRP G 152 -52.90 3.29 -44.09
N LYS G 153 -53.90 3.29 -44.96
CA LYS G 153 -54.12 2.17 -45.87
C LYS G 153 -54.24 2.57 -47.35
N ALA G 154 -53.36 2.01 -48.18
CA ALA G 154 -53.52 2.10 -49.64
C ALA G 154 -54.38 0.93 -50.10
N ASP G 155 -55.55 1.25 -50.63
CA ASP G 155 -56.58 0.26 -50.93
C ASP G 155 -56.94 -0.51 -49.65
N SER G 156 -56.22 -1.58 -49.38
CA SER G 156 -56.41 -2.33 -48.13
C SER G 156 -55.09 -2.80 -47.57
N SER G 157 -54.00 -2.44 -48.23
CA SER G 157 -52.65 -2.77 -47.75
C SER G 157 -52.18 -1.69 -46.80
N PRO G 158 -51.65 -2.08 -45.63
CA PRO G 158 -51.01 -1.12 -44.73
C PRO G 158 -49.90 -0.32 -45.40
N VAL G 159 -49.82 0.97 -45.06
CA VAL G 159 -48.80 1.86 -45.60
C VAL G 159 -48.14 2.61 -44.46
N LYS G 160 -46.83 2.52 -44.34
CA LYS G 160 -46.12 3.15 -43.24
C LYS G 160 -45.12 4.16 -43.76
N ALA G 161 -44.94 4.20 -45.08
CA ALA G 161 -43.95 5.06 -45.72
C ALA G 161 -44.47 6.48 -46.03
N GLY G 162 -43.71 7.49 -45.61
CA GLY G 162 -44.07 8.88 -45.86
C GLY G 162 -45.07 9.49 -44.88
N VAL G 163 -45.35 8.77 -43.79
CA VAL G 163 -46.27 9.22 -42.76
C VAL G 163 -45.59 10.13 -41.72
N GLU G 164 -46.24 11.23 -41.35
CA GLU G 164 -45.80 12.06 -40.24
C GLU G 164 -47.01 12.46 -39.40
N THR G 165 -46.99 12.13 -38.11
CA THR G 165 -48.11 12.42 -37.23
C THR G 165 -47.67 13.37 -36.11
N THR G 166 -48.49 14.37 -35.82
CA THR G 166 -48.22 15.27 -34.72
C THR G 166 -48.75 14.61 -33.45
N THR G 167 -48.33 15.09 -32.30
CA THR G 167 -48.86 14.54 -31.06
C THR G 167 -49.94 15.48 -30.59
N PRO G 168 -51.00 14.92 -30.01
CA PRO G 168 -52.20 15.67 -29.60
C PRO G 168 -51.85 16.88 -28.76
N SER G 169 -52.41 18.02 -29.12
CA SER G 169 -52.34 19.17 -28.24
C SER G 169 -53.73 19.74 -28.12
N LYS G 170 -53.94 20.61 -27.15
CA LYS G 170 -55.27 21.09 -26.85
C LYS G 170 -55.78 22.13 -27.84
N GLN G 171 -57.07 22.02 -28.13
CA GLN G 171 -57.79 23.02 -28.89
C GLN G 171 -58.30 24.09 -27.93
N SER G 172 -58.81 25.17 -28.49
CA SER G 172 -59.31 26.25 -27.65
C SER G 172 -60.57 25.86 -26.86
N ASN G 173 -61.24 24.78 -27.25
CA ASN G 173 -62.42 24.27 -26.54
C ASN G 173 -62.10 23.21 -25.47
N ASN G 174 -60.81 23.03 -25.22
CA ASN G 174 -60.28 22.12 -24.21
C ASN G 174 -60.23 20.64 -24.54
N LYS G 175 -60.69 20.26 -25.72
CA LYS G 175 -60.47 18.89 -26.17
C LYS G 175 -59.19 18.82 -26.99
N TYR G 176 -58.90 17.66 -27.55
CA TYR G 176 -57.62 17.47 -28.25
C TYR G 176 -57.75 17.38 -29.75
N ALA G 177 -56.70 17.81 -30.44
CA ALA G 177 -56.58 17.66 -31.88
C ALA G 177 -55.23 17.05 -32.23
N ALA G 178 -55.17 16.33 -33.34
CA ALA G 178 -53.92 15.81 -33.86
C ALA G 178 -54.01 15.82 -35.39
N SER G 179 -52.88 15.66 -36.07
CA SER G 179 -52.86 15.60 -37.52
C SER G 179 -51.87 14.57 -38.04
N SER G 180 -52.16 14.00 -39.20
CA SER G 180 -51.27 13.04 -39.83
C SER G 180 -51.14 13.30 -41.34
N TYR G 181 -49.93 13.24 -41.87
CA TYR G 181 -49.67 13.49 -43.28
C TYR G 181 -49.16 12.25 -44.00
N LEU G 182 -49.80 11.93 -45.12
CA LEU G 182 -49.29 10.89 -45.98
C LEU G 182 -48.76 11.50 -47.27
N SER G 183 -47.45 11.45 -47.47
CA SER G 183 -46.83 11.96 -48.69
C SER G 183 -46.75 10.90 -49.77
N LEU G 184 -47.27 11.22 -50.95
CA LEU G 184 -47.27 10.32 -52.10
C LEU G 184 -46.83 11.08 -53.33
N THR G 185 -46.46 10.35 -54.37
CA THR G 185 -46.23 10.95 -55.68
C THR G 185 -47.57 10.99 -56.40
N PRO G 186 -47.74 11.96 -57.30
CA PRO G 186 -48.98 12.05 -58.07
C PRO G 186 -49.38 10.75 -58.80
N GLU G 187 -48.40 9.98 -59.26
CA GLU G 187 -48.68 8.71 -59.92
C GLU G 187 -49.31 7.69 -58.95
N GLN G 188 -48.63 7.44 -57.83
CA GLN G 188 -49.15 6.45 -56.88
C GLN G 188 -50.49 6.87 -56.27
N TRP G 189 -50.76 8.17 -56.23
CA TRP G 189 -52.06 8.66 -55.78
C TRP G 189 -53.17 8.27 -56.77
N LYS G 190 -52.88 8.47 -58.05
CA LYS G 190 -53.84 8.19 -59.13
C LYS G 190 -54.03 6.69 -59.37
N SER G 191 -53.03 5.90 -58.98
CA SER G 191 -53.00 4.48 -59.31
C SER G 191 -53.90 3.61 -58.43
N HIS G 192 -53.81 3.78 -57.11
CA HIS G 192 -54.68 3.05 -56.20
C HIS G 192 -56.12 3.57 -56.32
N ARG G 193 -57.09 2.75 -55.94
CA ARG G 193 -58.48 3.18 -56.06
C ARG G 193 -59.00 3.93 -54.83
N SER G 194 -58.25 3.85 -53.73
CA SER G 194 -58.58 4.60 -52.51
C SER G 194 -57.44 4.57 -51.49
N TYR G 195 -57.36 5.63 -50.68
CA TYR G 195 -56.49 5.63 -49.49
C TYR G 195 -57.34 5.85 -48.25
N SER G 196 -56.88 5.34 -47.12
CA SER G 196 -57.68 5.39 -45.90
C SER G 196 -56.92 5.82 -44.66
N CYS G 197 -57.55 6.70 -43.89
CA CYS G 197 -56.98 7.15 -42.62
C CYS G 197 -57.72 6.45 -41.49
N GLN G 198 -56.96 5.74 -40.64
CA GLN G 198 -57.53 5.01 -39.52
C GLN G 198 -57.04 5.53 -38.16
N VAL G 199 -57.97 6.00 -37.34
CA VAL G 199 -57.64 6.59 -36.06
C VAL G 199 -58.21 5.76 -34.93
N THR G 200 -57.34 5.41 -33.97
CA THR G 200 -57.77 4.60 -32.85
C THR G 200 -57.65 5.33 -31.51
N HIS G 201 -58.77 5.40 -30.79
CA HIS G 201 -58.89 6.16 -29.55
C HIS G 201 -59.66 5.35 -28.51
N GLU G 202 -59.04 5.10 -27.36
CA GLU G 202 -59.64 4.31 -26.28
C GLU G 202 -60.20 2.98 -26.79
N GLY G 203 -59.37 2.23 -27.53
CA GLY G 203 -59.76 0.95 -28.08
C GLY G 203 -60.85 0.96 -29.16
N SER G 204 -61.16 2.15 -29.66
CA SER G 204 -62.19 2.29 -30.69
C SER G 204 -61.59 2.89 -31.99
N THR G 205 -62.12 2.46 -33.13
CA THR G 205 -61.53 2.89 -34.40
C THR G 205 -62.53 3.57 -35.34
N VAL G 206 -62.15 4.75 -35.82
CA VAL G 206 -62.95 5.46 -36.80
C VAL G 206 -62.09 5.59 -38.06
N GLU G 207 -62.71 5.34 -39.21
CA GLU G 207 -61.99 5.30 -40.48
C GLU G 207 -62.54 6.27 -41.50
N LYS G 208 -61.66 6.95 -42.23
CA LYS G 208 -62.08 7.76 -43.37
C LYS G 208 -61.33 7.36 -44.63
N THR G 209 -62.00 7.48 -45.78
CA THR G 209 -61.41 7.06 -47.05
C THR G 209 -61.63 8.06 -48.20
N VAL G 210 -60.58 8.32 -48.96
CA VAL G 210 -60.66 9.19 -50.15
C VAL G 210 -60.23 8.46 -51.42
N ALA G 211 -60.86 8.83 -52.54
CA ALA G 211 -60.52 8.24 -53.83
C ALA G 211 -60.22 9.32 -54.88
N PRO G 212 -59.32 9.03 -55.82
CA PRO G 212 -59.15 9.93 -56.97
C PRO G 212 -60.43 9.94 -57.79
N THR G 213 -61.30 10.92 -57.52
CA THR G 213 -62.62 10.92 -58.13
C THR G 213 -62.99 12.30 -58.67
N GLU H 1 -29.36 24.11 -4.28
CA GLU H 1 -30.16 23.91 -5.49
C GLU H 1 -29.30 23.44 -6.65
N VAL H 2 -29.59 22.25 -7.16
CA VAL H 2 -28.91 21.76 -8.34
C VAL H 2 -29.28 22.59 -9.57
N GLN H 3 -28.27 22.94 -10.37
CA GLN H 3 -28.49 23.60 -11.65
C GLN H 3 -27.76 22.90 -12.78
N LEU H 4 -28.48 22.62 -13.85
CA LEU H 4 -27.89 22.04 -15.04
C LEU H 4 -28.27 22.93 -16.22
N VAL H 5 -27.28 23.49 -16.89
CA VAL H 5 -27.58 24.37 -18.01
C VAL H 5 -26.92 23.90 -19.30
N GLU H 6 -27.74 23.37 -20.21
CA GLU H 6 -27.24 22.90 -21.49
C GLU H 6 -27.21 24.05 -22.49
N SER H 7 -26.28 23.97 -23.43
CA SER H 7 -26.29 24.86 -24.59
C SER H 7 -25.46 24.28 -25.72
N GLY H 8 -25.48 24.96 -26.87
CA GLY H 8 -24.76 24.49 -28.03
C GLY H 8 -25.68 23.95 -29.11
N GLY H 9 -26.93 23.71 -28.77
CA GLY H 9 -27.86 23.14 -29.74
C GLY H 9 -28.16 24.13 -30.87
N GLY H 10 -28.25 23.62 -32.09
CA GLY H 10 -28.52 24.45 -33.26
C GLY H 10 -28.75 23.60 -34.49
N VAL H 11 -28.84 24.24 -35.66
CA VAL H 11 -29.00 23.54 -36.92
C VAL H 11 -27.66 23.02 -37.44
N VAL H 12 -27.65 21.82 -37.99
CA VAL H 12 -26.44 21.21 -38.50
C VAL H 12 -26.79 20.21 -39.59
N GLN H 13 -25.97 20.16 -40.63
CA GLN H 13 -26.22 19.27 -41.76
C GLN H 13 -25.85 17.83 -41.43
N PRO H 14 -26.57 16.87 -42.02
CA PRO H 14 -26.26 15.44 -41.96
C PRO H 14 -24.82 15.17 -42.34
N GLY H 15 -24.15 14.30 -41.59
CA GLY H 15 -22.73 14.06 -41.75
C GLY H 15 -21.87 15.12 -41.06
N GLY H 16 -22.51 16.15 -40.52
CA GLY H 16 -21.81 17.24 -39.87
C GLY H 16 -21.56 17.00 -38.39
N SER H 17 -20.99 17.99 -37.72
CA SER H 17 -20.64 17.83 -36.33
C SER H 17 -21.05 19.02 -35.47
N LEU H 18 -21.25 18.74 -34.19
CA LEU H 18 -21.78 19.74 -33.28
C LEU H 18 -21.51 19.28 -31.86
N ARG H 19 -21.15 20.22 -31.00
CA ARG H 19 -20.75 19.84 -29.68
C ARG H 19 -21.50 20.61 -28.59
N LEU H 20 -22.28 19.87 -27.80
CA LEU H 20 -23.14 20.44 -26.78
C LEU H 20 -22.39 20.67 -25.47
N SER H 21 -22.81 21.66 -24.70
CA SER H 21 -22.28 21.83 -23.34
C SER H 21 -23.36 21.73 -22.24
N CYS H 22 -22.94 21.26 -21.07
CA CYS H 22 -23.79 21.28 -19.89
C CYS H 22 -22.96 21.79 -18.71
N VAL H 23 -23.37 22.91 -18.13
CA VAL H 23 -22.61 23.48 -17.03
C VAL H 23 -23.40 23.35 -15.74
N ALA H 24 -22.74 22.82 -14.72
CA ALA H 24 -23.44 22.39 -13.52
C ALA H 24 -22.96 23.07 -12.25
N SER H 25 -23.85 23.18 -11.28
CA SER H 25 -23.51 23.74 -9.98
C SER H 25 -24.54 23.26 -8.97
N GLY H 26 -24.21 23.36 -7.68
CA GLY H 26 -25.12 22.98 -6.62
C GLY H 26 -24.85 21.59 -6.05
N PHE H 27 -23.77 20.96 -6.49
CA PHE H 27 -23.38 19.65 -5.96
C PHE H 27 -21.90 19.48 -6.23
N SER H 28 -21.26 18.49 -5.63
CA SER H 28 -19.84 18.31 -5.90
C SER H 28 -19.60 17.56 -7.18
N PHE H 29 -19.37 18.32 -8.23
CA PHE H 29 -19.40 17.84 -9.60
C PHE H 29 -18.50 16.65 -9.88
N SER H 30 -17.31 16.66 -9.31
CA SER H 30 -16.32 15.61 -9.61
C SER H 30 -16.66 14.28 -8.94
N ASP H 31 -17.61 14.30 -8.01
CA ASP H 31 -17.99 13.09 -7.29
C ASP H 31 -19.12 12.30 -7.94
N PHE H 32 -19.68 12.81 -9.04
CA PHE H 32 -20.84 12.15 -9.65
C PHE H 32 -20.65 11.87 -11.14
N GLY H 33 -21.32 10.83 -11.62
CA GLY H 33 -21.40 10.62 -13.05
C GLY H 33 -22.45 11.55 -13.67
N MET H 34 -22.38 11.72 -14.99
CA MET H 34 -23.34 12.55 -15.71
C MET H 34 -23.88 11.82 -16.94
N ASN H 35 -25.09 12.17 -17.36
CA ASN H 35 -25.71 11.52 -18.51
C ASN H 35 -26.21 12.52 -19.53
N TRP H 36 -26.25 12.11 -20.80
CA TRP H 36 -27.04 12.82 -21.79
C TRP H 36 -28.24 11.96 -22.18
N VAL H 37 -29.42 12.59 -22.20
CA VAL H 37 -30.64 11.94 -22.63
C VAL H 37 -31.29 12.84 -23.66
N ARG H 38 -31.89 12.25 -24.69
CA ARG H 38 -32.49 13.05 -25.74
C ARG H 38 -33.94 12.68 -25.97
N GLN H 39 -34.68 13.61 -26.56
CA GLN H 39 -36.11 13.46 -26.80
C GLN H 39 -36.48 14.21 -28.07
N ALA H 40 -36.73 13.46 -29.16
CA ALA H 40 -37.28 14.04 -30.37
C ALA H 40 -38.62 14.67 -29.97
N PRO H 41 -38.91 15.89 -30.46
CA PRO H 41 -40.02 16.71 -29.94
C PRO H 41 -41.36 16.01 -30.13
N GLY H 42 -42.09 15.82 -29.03
CA GLY H 42 -43.35 15.10 -29.07
C GLY H 42 -43.17 13.60 -28.97
N LYS H 43 -41.94 13.15 -28.79
CA LYS H 43 -41.70 11.71 -28.68
C LYS H 43 -41.22 11.37 -27.28
N GLY H 44 -40.70 10.15 -27.10
CA GLY H 44 -40.28 9.67 -25.80
C GLY H 44 -38.80 9.92 -25.45
N LEU H 45 -38.43 9.61 -24.22
CA LEU H 45 -37.05 9.78 -23.76
C LEU H 45 -36.14 8.67 -24.31
N GLU H 46 -34.96 9.05 -24.78
CA GLU H 46 -33.94 8.07 -25.16
C GLU H 46 -32.59 8.39 -24.55
N TRP H 47 -32.10 7.48 -23.72
CA TRP H 47 -30.81 7.61 -23.08
C TRP H 47 -29.66 7.56 -24.09
N VAL H 48 -28.69 8.46 -23.93
CA VAL H 48 -27.62 8.57 -24.92
C VAL H 48 -26.27 8.07 -24.40
N ALA H 49 -25.83 8.62 -23.27
CA ALA H 49 -24.47 8.37 -22.82
C ALA H 49 -24.27 8.67 -21.35
N PHE H 50 -23.19 8.12 -20.80
CA PHE H 50 -22.85 8.35 -19.41
C PHE H 50 -21.34 8.46 -19.27
N VAL H 51 -20.89 9.38 -18.41
CA VAL H 51 -19.48 9.49 -18.06
C VAL H 51 -19.35 9.43 -16.54
N PRO H 52 -18.47 8.55 -16.05
CA PRO H 52 -18.39 8.31 -14.60
C PRO H 52 -17.66 9.44 -13.89
N PHE H 53 -17.73 9.42 -12.56
CA PHE H 53 -17.17 10.51 -11.75
C PHE H 53 -15.66 10.63 -11.93
N ASP H 54 -15.02 9.50 -12.15
CA ASP H 54 -13.57 9.46 -12.30
C ASP H 54 -13.26 8.66 -13.54
N ARG H 55 -12.15 8.98 -14.19
CA ARG H 55 -11.80 8.36 -15.45
C ARG H 55 -11.89 6.83 -15.39
N ARG H 56 -12.63 6.26 -16.32
CA ARG H 56 -12.71 4.82 -16.43
C ARG H 56 -13.27 4.45 -17.79
N ILE H 57 -14.55 4.14 -17.85
CA ILE H 57 -15.20 3.76 -19.10
C ILE H 57 -16.47 4.59 -19.26
N ASN H 58 -16.71 5.09 -20.46
CA ASN H 58 -17.97 5.78 -20.78
C ASN H 58 -18.92 4.80 -21.46
N TYR H 59 -20.23 4.94 -21.21
CA TYR H 59 -21.22 4.04 -21.81
C TYR H 59 -22.18 4.74 -22.76
N TYR H 60 -22.53 4.06 -23.85
CA TYR H 60 -23.36 4.66 -24.91
C TYR H 60 -24.56 3.80 -25.32
N ALA H 61 -25.65 4.47 -25.70
CA ALA H 61 -26.75 3.77 -26.35
C ALA H 61 -26.19 3.25 -27.67
N GLU H 62 -26.66 2.09 -28.10
CA GLU H 62 -26.11 1.48 -29.31
C GLU H 62 -26.32 2.37 -30.53
N SER H 63 -27.37 3.18 -30.48
CA SER H 63 -27.76 4.04 -31.60
C SER H 63 -26.83 5.23 -31.87
N VAL H 64 -25.90 5.50 -30.94
CA VAL H 64 -24.98 6.62 -31.11
C VAL H 64 -23.54 6.15 -30.99
N ARG H 65 -23.37 4.88 -30.58
CA ARG H 65 -22.03 4.30 -30.43
C ARG H 65 -21.23 4.49 -31.70
N GLY H 66 -20.05 5.09 -31.57
CA GLY H 66 -19.17 5.31 -32.71
C GLY H 66 -19.22 6.72 -33.27
N ARG H 67 -20.29 7.43 -32.97
CA ARG H 67 -20.50 8.74 -33.55
C ARG H 67 -20.45 9.79 -32.47
N PHE H 68 -20.90 9.41 -31.27
CA PHE H 68 -20.99 10.35 -30.15
C PHE H 68 -19.89 10.07 -29.14
N THR H 69 -19.38 11.15 -28.55
CA THR H 69 -18.36 11.06 -27.53
C THR H 69 -18.69 12.00 -26.37
N ILE H 70 -18.95 11.40 -25.21
CA ILE H 70 -19.15 12.15 -23.97
C ILE H 70 -17.82 12.34 -23.21
N SER H 71 -17.70 13.50 -22.58
CA SER H 71 -16.52 13.78 -21.79
C SER H 71 -16.85 14.91 -20.81
N ARG H 72 -15.89 15.24 -19.96
CA ARG H 72 -16.10 16.26 -18.94
C ARG H 72 -14.86 17.08 -18.62
N ASP H 73 -15.08 18.32 -18.21
CA ASP H 73 -14.03 19.18 -17.71
C ASP H 73 -14.38 19.50 -16.28
N ASP H 74 -13.78 18.78 -15.34
CA ASP H 74 -14.07 18.98 -13.93
C ASP H 74 -13.71 20.39 -13.46
N SER H 75 -12.74 21.02 -14.13
CA SER H 75 -12.29 22.33 -13.71
C SER H 75 -13.33 23.40 -13.97
N LYS H 76 -14.20 23.18 -14.96
CA LYS H 76 -15.22 24.16 -15.30
C LYS H 76 -16.63 23.66 -15.00
N ASN H 77 -16.74 22.59 -14.22
CA ASN H 77 -18.04 21.94 -13.99
C ASN H 77 -18.84 21.77 -15.29
N THR H 78 -18.23 21.17 -16.30
CA THR H 78 -18.88 21.04 -17.58
C THR H 78 -18.84 19.61 -18.08
N VAL H 79 -19.96 19.13 -18.61
CA VAL H 79 -20.02 17.88 -19.34
C VAL H 79 -20.16 18.20 -20.83
N PHE H 80 -19.54 17.40 -21.69
CA PHE H 80 -19.65 17.61 -23.13
C PHE H 80 -20.31 16.47 -23.86
N LEU H 81 -20.99 16.78 -24.96
CA LEU H 81 -21.44 15.74 -25.87
C LEU H 81 -20.98 16.15 -27.26
N GLN H 82 -20.05 15.38 -27.80
CA GLN H 82 -19.49 15.67 -29.11
C GLN H 82 -20.18 14.75 -30.07
N MET H 83 -20.92 15.35 -31.01
CA MET H 83 -21.71 14.58 -31.96
C MET H 83 -21.08 14.69 -33.34
N ASP H 84 -20.62 13.57 -33.87
CA ASP H 84 -20.15 13.51 -35.25
C ASP H 84 -21.08 12.64 -36.10
N SER H 85 -20.96 12.75 -37.42
CA SER H 85 -21.72 11.90 -38.33
C SER H 85 -23.21 11.99 -38.05
N LEU H 86 -23.69 13.21 -37.83
CA LEU H 86 -25.07 13.44 -37.46
C LEU H 86 -26.01 12.91 -38.54
N ARG H 87 -27.08 12.27 -38.09
CA ARG H 87 -28.11 11.72 -38.96
C ARG H 87 -29.39 12.51 -38.68
N PRO H 88 -30.30 12.60 -39.67
CA PRO H 88 -31.56 13.30 -39.41
C PRO H 88 -32.38 12.73 -38.25
N GLU H 89 -32.30 11.42 -37.99
CA GLU H 89 -32.99 10.88 -36.81
C GLU H 89 -32.33 11.26 -35.48
N ASP H 90 -31.30 12.12 -35.54
CA ASP H 90 -30.65 12.62 -34.33
C ASP H 90 -31.27 13.92 -33.83
N THR H 91 -32.24 14.50 -34.55
CA THR H 91 -32.82 15.73 -34.01
C THR H 91 -33.63 15.44 -32.75
N ALA H 92 -33.41 16.26 -31.73
CA ALA H 92 -33.99 16.04 -30.41
C ALA H 92 -33.62 17.16 -29.46
N ILE H 93 -34.39 17.29 -28.39
CA ILE H 93 -33.95 18.09 -27.24
C ILE H 93 -32.93 17.21 -26.52
N TYR H 94 -31.75 17.75 -26.25
CA TYR H 94 -30.76 17.01 -25.49
C TYR H 94 -30.69 17.55 -24.05
N TYR H 95 -31.01 16.69 -23.09
CA TYR H 95 -30.94 17.04 -21.67
C TYR H 95 -29.68 16.46 -21.09
N CYS H 96 -29.10 17.22 -20.16
CA CYS H 96 -28.02 16.74 -19.32
C CYS H 96 -28.64 16.36 -17.99
N ALA H 97 -28.18 15.27 -17.39
CA ALA H 97 -28.78 14.77 -16.17
C ALA H 97 -27.76 14.20 -15.20
N LYS H 98 -27.81 14.68 -13.96
CA LYS H 98 -26.87 14.28 -12.93
C LYS H 98 -27.20 12.88 -12.51
N HIS H 99 -26.18 12.08 -12.27
CA HIS H 99 -26.45 10.78 -11.67
C HIS H 99 -26.63 10.87 -10.14
N ARG H 100 -27.55 10.10 -9.58
CA ARG H 100 -27.86 10.18 -8.14
C ARG H 100 -26.72 9.66 -7.25
N SER H 101 -26.30 8.43 -7.50
CA SER H 101 -25.32 7.77 -6.63
C SER H 101 -23.92 8.33 -6.78
N GLN H 102 -23.40 8.81 -5.66
CA GLN H 102 -22.04 9.30 -5.53
C GLN H 102 -21.01 8.21 -5.84
N TRP H 103 -19.97 8.61 -6.56
CA TRP H 103 -18.80 7.77 -6.81
C TRP H 103 -19.11 6.47 -7.54
N ASN H 104 -20.11 6.50 -8.44
CA ASN H 104 -20.46 5.32 -9.21
C ASN H 104 -19.85 5.30 -10.63
N PHE H 105 -19.37 4.13 -11.04
CA PHE H 105 -18.70 3.93 -12.33
C PHE H 105 -19.65 3.43 -13.41
N TRP H 106 -20.91 3.20 -13.04
CA TRP H 106 -21.92 2.78 -13.98
C TRP H 106 -23.19 3.57 -13.72
N PRO H 107 -23.99 3.80 -14.77
CA PRO H 107 -25.26 4.50 -14.57
C PRO H 107 -26.29 3.57 -13.91
N ARG H 108 -26.04 3.22 -12.64
CA ARG H 108 -26.76 2.17 -11.96
C ARG H 108 -27.66 2.66 -10.81
N GLU H 109 -27.23 2.39 -9.58
CA GLU H 109 -27.91 2.89 -8.38
C GLU H 109 -28.44 4.32 -8.51
N GLY H 110 -29.74 4.51 -8.29
CA GLY H 110 -30.29 5.84 -8.05
C GLY H 110 -30.92 6.59 -9.21
N GLY H 111 -30.72 6.12 -10.44
CA GLY H 111 -31.26 6.81 -11.61
C GLY H 111 -30.72 8.22 -11.84
N LEU H 112 -31.53 9.07 -12.46
CA LEU H 112 -31.10 10.42 -12.78
C LEU H 112 -31.88 11.39 -11.93
N ASP H 113 -31.25 11.93 -10.89
CA ASP H 113 -31.96 12.76 -9.91
C ASP H 113 -32.22 14.21 -10.30
N HIS H 114 -31.47 14.75 -11.26
CA HIS H 114 -31.68 16.14 -11.68
C HIS H 114 -31.41 16.30 -13.18
N TRP H 115 -32.27 17.07 -13.85
CA TRP H 115 -32.16 17.25 -15.30
C TRP H 115 -32.19 18.73 -15.68
N GLY H 116 -31.42 19.12 -16.69
CA GLY H 116 -31.55 20.46 -17.25
C GLY H 116 -32.81 20.65 -18.08
N GLN H 117 -33.04 21.88 -18.52
CA GLN H 117 -34.20 22.19 -19.35
C GLN H 117 -33.98 21.78 -20.80
N GLY H 118 -32.73 21.49 -21.16
CA GLY H 118 -32.45 20.92 -22.48
C GLY H 118 -32.04 21.89 -23.59
N THR H 119 -31.48 21.34 -24.66
CA THR H 119 -31.06 22.17 -25.79
C THR H 119 -31.44 21.49 -27.10
N LEU H 120 -32.00 22.25 -28.02
CA LEU H 120 -32.53 21.65 -29.25
C LEU H 120 -31.50 21.53 -30.36
N VAL H 121 -31.39 20.34 -30.94
CA VAL H 121 -30.51 20.12 -32.10
C VAL H 121 -31.33 19.66 -33.30
N THR H 122 -31.28 20.42 -34.39
CA THR H 122 -32.04 20.08 -35.60
C THR H 122 -31.07 19.66 -36.67
N VAL H 123 -31.24 18.44 -37.18
CA VAL H 123 -30.33 17.95 -38.21
C VAL H 123 -30.96 18.00 -39.61
N SER H 124 -30.62 19.06 -40.35
CA SER H 124 -31.17 19.24 -41.68
C SER H 124 -30.13 19.87 -42.60
N SER H 125 -30.17 19.50 -43.88
CA SER H 125 -29.24 20.07 -44.85
C SER H 125 -29.84 21.24 -45.62
N ALA H 126 -30.94 21.79 -45.11
CA ALA H 126 -31.67 22.82 -45.82
C ALA H 126 -31.29 24.20 -45.34
N SER H 127 -31.58 25.21 -46.15
CA SER H 127 -31.39 26.62 -45.76
C SER H 127 -32.73 27.32 -45.78
N THR H 128 -32.74 28.61 -45.44
CA THR H 128 -33.96 29.41 -45.48
C THR H 128 -34.77 29.18 -46.78
N LYS H 129 -36.04 28.86 -46.61
CA LYS H 129 -36.93 28.49 -47.70
C LYS H 129 -38.37 28.80 -47.33
N GLY H 130 -39.07 29.57 -48.16
CA GLY H 130 -40.44 29.95 -47.87
C GLY H 130 -41.43 28.83 -48.11
N PRO H 131 -42.57 28.85 -47.41
CA PRO H 131 -43.52 27.74 -47.57
C PRO H 131 -44.32 27.86 -48.85
N SER H 132 -44.83 26.74 -49.33
CA SER H 132 -45.86 26.76 -50.36
C SER H 132 -47.19 26.48 -49.66
N VAL H 133 -48.21 27.27 -49.98
CA VAL H 133 -49.49 27.15 -49.30
C VAL H 133 -50.56 26.61 -50.22
N PHE H 134 -51.10 25.45 -49.88
CA PHE H 134 -52.14 24.81 -50.66
C PHE H 134 -53.47 24.80 -49.91
N PRO H 135 -54.58 24.86 -50.63
CA PRO H 135 -55.86 24.85 -49.92
C PRO H 135 -56.31 23.43 -49.56
N LEU H 136 -56.93 23.29 -48.39
CA LEU H 136 -57.62 22.06 -48.02
C LEU H 136 -59.13 22.36 -48.08
N ALA H 137 -59.73 22.12 -49.24
CA ALA H 137 -61.13 22.49 -49.47
C ALA H 137 -62.14 21.63 -48.72
N PRO H 138 -63.16 22.27 -48.12
CA PRO H 138 -64.26 21.58 -47.43
C PRO H 138 -65.10 20.76 -48.41
N SER H 139 -65.84 19.78 -47.87
CA SER H 139 -66.58 18.85 -48.72
C SER H 139 -68.09 19.02 -48.68
N SER H 140 -68.78 18.00 -49.19
CA SER H 140 -70.23 17.97 -49.27
C SER H 140 -70.87 17.51 -47.95
N GLY H 146 -74.02 19.94 -40.78
CA GLY H 146 -73.84 20.70 -39.55
C GLY H 146 -72.67 21.65 -39.68
N THR H 147 -71.46 21.13 -39.51
CA THR H 147 -70.26 21.95 -39.63
C THR H 147 -69.30 21.33 -40.64
N ALA H 148 -68.32 22.11 -41.08
CA ALA H 148 -67.31 21.56 -41.99
C ALA H 148 -65.93 22.04 -41.61
N ALA H 149 -64.93 21.23 -41.93
CA ALA H 149 -63.53 21.60 -41.74
C ALA H 149 -62.91 22.02 -43.06
N LEU H 150 -62.22 23.16 -43.04
CA LEU H 150 -61.47 23.63 -44.18
C LEU H 150 -60.15 24.14 -43.64
N GLY H 151 -59.13 24.26 -44.50
CA GLY H 151 -57.83 24.67 -44.01
C GLY H 151 -56.75 25.02 -44.99
N CYS H 152 -55.54 25.16 -44.46
CA CYS H 152 -54.35 25.48 -45.24
C CYS H 152 -53.21 24.53 -44.95
N LEU H 153 -52.64 23.97 -46.02
CA LEU H 153 -51.46 23.13 -45.92
C LEU H 153 -50.27 24.04 -46.22
N VAL H 154 -49.32 24.07 -45.30
CA VAL H 154 -48.18 24.98 -45.39
C VAL H 154 -46.94 24.10 -45.53
N LYS H 155 -46.44 23.97 -46.76
CA LYS H 155 -45.46 22.92 -47.06
C LYS H 155 -44.03 23.38 -47.30
N ASP H 156 -43.10 22.53 -46.88
CA ASP H 156 -41.67 22.64 -47.24
C ASP H 156 -41.06 23.99 -46.97
N TYR H 157 -41.14 24.45 -45.73
CA TYR H 157 -40.41 25.64 -45.31
C TYR H 157 -39.28 25.26 -44.33
N PHE H 158 -38.37 26.20 -44.11
CA PHE H 158 -37.27 26.03 -43.17
C PHE H 158 -36.63 27.38 -42.99
N PRO H 159 -36.30 27.75 -41.76
CA PRO H 159 -36.53 26.97 -40.55
C PRO H 159 -37.88 27.38 -39.95
N GLU H 160 -38.18 26.90 -38.75
CA GLU H 160 -39.32 27.39 -37.99
C GLU H 160 -39.10 28.85 -37.62
N PRO H 161 -40.19 29.58 -37.32
CA PRO H 161 -41.57 29.11 -37.38
C PRO H 161 -42.37 29.80 -38.48
N VAL H 162 -43.55 29.28 -38.82
CA VAL H 162 -44.55 30.12 -39.48
C VAL H 162 -45.67 30.45 -38.50
N THR H 163 -46.41 31.51 -38.77
CA THR H 163 -47.63 31.75 -38.03
C THR H 163 -48.82 31.85 -38.99
N VAL H 164 -49.96 31.33 -38.55
CA VAL H 164 -51.16 31.35 -39.36
C VAL H 164 -52.33 32.10 -38.72
N SER H 165 -52.91 33.01 -39.50
CA SER H 165 -54.08 33.76 -39.10
C SER H 165 -55.23 33.49 -40.08
N TRP H 166 -56.46 33.76 -39.65
CA TRP H 166 -57.61 33.61 -40.54
C TRP H 166 -58.34 34.93 -40.69
N ASN H 167 -58.58 35.32 -41.94
CA ASN H 167 -59.25 36.58 -42.24
C ASN H 167 -58.64 37.75 -41.46
N SER H 168 -57.32 37.90 -41.56
CA SER H 168 -56.58 38.97 -40.88
C SER H 168 -56.85 39.07 -39.38
N GLY H 169 -57.11 37.95 -38.74
CA GLY H 169 -57.40 37.92 -37.31
C GLY H 169 -58.89 37.93 -36.95
N ALA H 170 -59.74 38.32 -37.90
CA ALA H 170 -61.17 38.43 -37.64
C ALA H 170 -61.79 37.08 -37.23
N LEU H 171 -61.28 36.00 -37.81
CA LEU H 171 -61.79 34.66 -37.53
C LEU H 171 -60.99 34.01 -36.41
N THR H 172 -61.65 33.49 -35.40
CA THR H 172 -60.96 32.95 -34.24
C THR H 172 -61.57 31.64 -33.74
N SER H 173 -62.89 31.60 -33.65
CA SER H 173 -63.59 30.42 -33.18
C SER H 173 -63.25 29.22 -34.05
N GLY H 174 -62.96 28.11 -33.39
CA GLY H 174 -62.80 26.84 -34.09
C GLY H 174 -61.56 26.76 -34.97
N VAL H 175 -60.64 27.70 -34.76
CA VAL H 175 -59.37 27.69 -35.46
C VAL H 175 -58.34 26.88 -34.70
N HIS H 176 -57.58 26.05 -35.41
CA HIS H 176 -56.51 25.31 -34.77
C HIS H 176 -55.28 25.21 -35.67
N THR H 177 -54.13 25.69 -35.21
CA THR H 177 -52.91 25.56 -35.98
C THR H 177 -52.05 24.45 -35.41
N PHE H 178 -51.83 23.40 -36.19
CA PHE H 178 -51.07 22.28 -35.67
C PHE H 178 -49.59 22.58 -35.52
N PRO H 179 -48.92 21.83 -34.65
CA PRO H 179 -47.47 21.99 -34.60
C PRO H 179 -46.83 21.41 -35.87
N ALA H 180 -45.71 21.98 -36.28
CA ALA H 180 -44.95 21.50 -37.43
C ALA H 180 -44.43 20.09 -37.29
N VAL H 181 -44.42 19.35 -38.40
CA VAL H 181 -43.65 18.13 -38.52
C VAL H 181 -42.37 18.43 -39.33
N LEU H 182 -41.29 17.73 -39.01
CA LEU H 182 -40.05 17.82 -39.78
C LEU H 182 -39.96 16.61 -40.66
N GLN H 183 -39.89 16.79 -41.97
CA GLN H 183 -39.93 15.65 -42.87
C GLN H 183 -38.57 15.10 -43.23
N SER H 184 -38.57 13.90 -43.83
CA SER H 184 -37.35 13.23 -44.25
C SER H 184 -36.54 14.08 -45.22
N SER H 185 -37.18 15.10 -45.79
CA SER H 185 -36.51 16.08 -46.65
C SER H 185 -35.67 17.15 -45.90
N GLY H 186 -35.83 17.24 -44.59
CA GLY H 186 -35.20 18.29 -43.83
C GLY H 186 -35.99 19.59 -43.81
N LEU H 187 -37.24 19.54 -44.25
CA LEU H 187 -38.09 20.73 -44.25
C LEU H 187 -39.36 20.52 -43.43
N TYR H 188 -39.98 21.63 -43.00
CA TYR H 188 -41.18 21.58 -42.18
C TYR H 188 -42.48 21.70 -42.99
N SER H 189 -43.55 21.11 -42.46
CA SER H 189 -44.90 21.33 -42.97
C SER H 189 -45.84 21.45 -41.79
N LEU H 190 -46.82 22.34 -41.88
CA LEU H 190 -47.90 22.35 -40.90
C LEU H 190 -49.26 22.56 -41.55
N SER H 191 -50.31 22.38 -40.75
CA SER H 191 -51.68 22.66 -41.15
C SER H 191 -52.34 23.63 -40.18
N SER H 192 -53.23 24.44 -40.72
CA SER H 192 -54.10 25.25 -39.91
C SER H 192 -55.52 24.94 -40.34
N VAL H 193 -56.38 24.55 -39.41
CA VAL H 193 -57.76 24.22 -39.74
C VAL H 193 -58.77 25.16 -39.09
N VAL H 194 -59.93 25.28 -39.71
CA VAL H 194 -61.03 25.98 -39.07
C VAL H 194 -62.33 25.23 -39.30
N THR H 195 -63.11 25.08 -38.23
CA THR H 195 -64.37 24.35 -38.27
C THR H 195 -65.46 25.38 -38.34
N VAL H 196 -66.36 25.23 -39.31
CA VAL H 196 -67.31 26.29 -39.62
C VAL H 196 -68.68 25.72 -39.98
N PRO H 197 -69.73 26.54 -39.82
CA PRO H 197 -71.08 26.14 -40.22
C PRO H 197 -71.16 25.83 -41.71
N SER H 198 -71.63 24.65 -42.06
CA SER H 198 -71.83 24.26 -43.46
C SER H 198 -72.59 25.30 -44.24
N SER H 199 -73.51 25.99 -43.56
CA SER H 199 -74.42 26.92 -44.22
C SER H 199 -73.72 28.22 -44.62
N SER H 200 -72.47 28.37 -44.20
CA SER H 200 -71.71 29.59 -44.49
C SER H 200 -70.83 29.43 -45.73
N LEU H 201 -70.71 28.21 -46.23
CA LEU H 201 -69.71 27.90 -47.25
C LEU H 201 -69.87 28.67 -48.56
N GLY H 202 -71.10 29.08 -48.86
CA GLY H 202 -71.36 29.77 -50.10
C GLY H 202 -71.02 31.24 -50.01
N THR H 203 -71.30 31.82 -48.86
CA THR H 203 -71.30 33.27 -48.72
C THR H 203 -70.14 33.85 -47.89
N GLN H 204 -69.55 33.06 -47.00
CA GLN H 204 -68.44 33.56 -46.22
C GLN H 204 -67.10 33.32 -46.92
N THR H 205 -66.25 34.34 -46.89
CA THR H 205 -64.92 34.26 -47.43
C THR H 205 -63.95 33.80 -46.34
N TYR H 206 -63.18 32.75 -46.63
CA TYR H 206 -62.19 32.22 -45.70
C TYR H 206 -60.80 32.33 -46.30
N ILE H 207 -59.99 33.20 -45.69
CA ILE H 207 -58.65 33.44 -46.18
C ILE H 207 -57.67 33.11 -45.09
N CYS H 208 -56.75 32.20 -45.35
CA CYS H 208 -55.66 31.99 -44.40
C CYS H 208 -54.46 32.90 -44.70
N ASN H 209 -53.94 33.49 -43.63
CA ASN H 209 -52.77 34.35 -43.71
C ASN H 209 -51.54 33.63 -43.18
N VAL H 210 -50.60 33.33 -44.06
CA VAL H 210 -49.41 32.62 -43.66
C VAL H 210 -48.18 33.52 -43.59
N ASN H 211 -47.62 33.64 -42.39
CA ASN H 211 -46.43 34.43 -42.17
C ASN H 211 -45.22 33.54 -41.91
N HIS H 212 -44.20 33.67 -42.74
CA HIS H 212 -42.94 33.00 -42.49
C HIS H 212 -41.81 34.03 -42.41
N LYS H 213 -41.67 34.64 -41.23
CA LYS H 213 -40.61 35.65 -41.01
C LYS H 213 -39.17 35.29 -41.45
N PRO H 214 -38.70 34.07 -41.17
CA PRO H 214 -37.32 33.76 -41.60
C PRO H 214 -37.01 33.94 -43.09
N SER H 215 -38.01 33.98 -43.97
CA SER H 215 -37.77 34.14 -45.39
C SER H 215 -38.46 35.39 -45.93
N ASN H 216 -38.93 36.24 -45.02
CA ASN H 216 -39.65 37.47 -45.39
C ASN H 216 -40.80 37.20 -46.37
N THR H 217 -41.59 36.17 -46.08
CA THR H 217 -42.68 35.72 -46.93
C THR H 217 -44.03 35.78 -46.22
N LYS H 218 -45.01 36.40 -46.86
CA LYS H 218 -46.40 36.29 -46.41
C LYS H 218 -47.22 35.75 -47.57
N VAL H 219 -48.08 34.78 -47.26
CA VAL H 219 -48.95 34.23 -48.27
C VAL H 219 -50.40 34.24 -47.80
N ASP H 220 -51.29 34.69 -48.69
CA ASP H 220 -52.73 34.73 -48.44
C ASP H 220 -53.41 33.75 -49.37
N LYS H 221 -54.16 32.81 -48.83
CA LYS H 221 -54.79 31.78 -49.63
C LYS H 221 -56.28 31.77 -49.34
N LYS H 222 -57.09 32.12 -50.34
CA LYS H 222 -58.53 31.98 -50.21
C LYS H 222 -58.89 30.52 -50.40
N VAL H 223 -59.56 29.91 -49.43
CA VAL H 223 -59.94 28.50 -49.60
C VAL H 223 -61.44 28.36 -49.78
N GLU H 224 -61.82 27.64 -50.83
CA GLU H 224 -63.21 27.59 -51.28
C GLU H 224 -63.70 26.16 -51.42
N PRO H 225 -65.02 25.94 -51.35
CA PRO H 225 -65.58 24.60 -51.53
C PRO H 225 -65.27 24.06 -52.92
N LYS H 226 -65.31 22.74 -53.08
CA LYS H 226 -64.93 22.05 -54.32
C LYS H 226 -63.42 21.88 -54.42
#